data_8SQK
#
_entry.id   8SQK
#
_cell.length_a   1.00
_cell.length_b   1.00
_cell.length_c   1.00
_cell.angle_alpha   90.00
_cell.angle_beta   90.00
_cell.angle_gamma   90.00
#
_symmetry.space_group_name_H-M   'P 1'
#
loop_
_entity.id
_entity.type
_entity.pdbx_description
1 polymer 'RNA-directed RNA polymerase nsp12'
2 polymer 'Non-structural protein 8'
3 polymer 'Non-structural protein 7'
4 polymer 'Non-structural protein 9'
5 polymer 'Primer RNA'
6 polymer 'Template RNA'
7 polymer "SARS-CoV-2 5' UTR"
8 non-polymer "5'-O-[(R)-hydroxy(thiophosphonooxy)phosphoryl]guanosine"
9 non-polymer 'ZINC ION'
10 non-polymer 'MAGNESIUM ION'
11 water water
#
loop_
_entity_poly.entity_id
_entity_poly.type
_entity_poly.pdbx_seq_one_letter_code
_entity_poly.pdbx_strand_id
1 'polypeptide(L)'
;SADAQSFLNRVCGVSAARLTPCGTGTSTDVVYRAFDIYNDKVAGFAKFLKTNCCRFQEKDEDDNLIDSYFVVKRHTFSNY
QHEETIYNLLKDCPAVAKHDFFKFRIDGDMVPHISRQRLTKYTMADLVYALRHFDEGNCDTLKEILVTYNCCDDDYFNKK
DWYDFVENPDILRVYANLGERVRQALLKTVQFCDAMRNAGIVGVLTLDNQDLNGNWYDFGDFIQTTPGSGVPVVDSYYSL
LMPILTLTRALTAESHVDTDLTKPYIKWDLLKYDFTEERLKLFDRYFKYWDQTYHPNCVNCLDDRCILHCANFNVLFSTV
FPPTSFGPLVRKIFVDGVPFVVSTGYHFRELGVVHNQDVNLHSSRLSFKELLVYAADPAMHAASGNLLLDKRTTCFSVAA
LTNNVAFQTVKPGNFNKDFYDFAVSKGFFKEGSSVELKHFFFAQDGNAAISDYDYYRYNLPTMCDIRQLLFVVEVVDKYF
DCYDGGCINANQVIVNNLDKSAGFPFNKWGKARLYYDSMSYEDQDALFAYTKRNVIPTITQMNLKYAISAKNRARTVAGV
SICSTMTNRQFHQKLLKSIAATRGATVVIGTSKFYGGWHNMLKTVYSDVENPHLMGWDYPKCDRAMPNMLRIMASLVLAR
KHTTCCSLSHRFYRLANECAQVLSEMVMCGGSLYVKPGGTSSGDATTAYANSVFNICQAVTANVNALLSTDGNKIADKYV
RNLQHRLYECLYRNRDVDTDFVNEFYAYLRKHFSMMILSDDAVVCFNSTYASQGLVASIKNFKSVLYYQNNVFMSEAKCW
TETDLTKGPHEFCSQHTMLVKQGDDYVYLPYPDPSRILGAGCFVDDIVKTDGTLMIERFVSLAIDAYPLTKHPNQEYADV
FHLYLQYIRKLHDELTGHMLDMYSVMLTNDNTSRYWEPEFYEAMYTPHT
;
A
2 'polypeptide(L)'
;AIASEFSSLPSYAAFATAQEAYEQAVANGDSEVVLKKLKKSLNVAKSEFDRDAAMQRKLEKMADQAMTQMYKQARSEDKR
AKVTSAMQTMLFTMLRKLDNDALNNIINNARDGCVPLNIIPLTTAAKLMVVIPDYNTYKNTCDGTTFTYASALWEIQQVV
DADSKIVQLSEISMDNSPNLAWPLIVTALRANSAVKLQ
;
B,D
3 'polypeptide(L)'
;SKMSDVKCTSVVLLSVLQQLRVESSSKLWAQCVQLHNDILLAKDTTEAFEKMVSLLSVLLSMQGAVDINKLCEEMLDNRA
TLQ
;
C
4 'polypeptide(L)'
;NNELSPVALRQMSCAAGTTQTACTDDNALAYYNTTKGGRFVLALLSDLQDLKWARFPKSDGTGTIYTELEPPCRFVTDTP
KGPKVKYLYFIKGLNNLNRGMVLGSLAATVRLQ
;
G
5 'polyribonucleotide' AGCAUGCUACGUCAUUCUCCACGCGAAGCAUG P
6 'polyribonucleotide' UGUCAUGCUUCGCGUGGAGAAUGACGUAGCAUGCU T
7 'polyribonucleotide' AUUAAAGGUUUAUACCUUCC O
#
# COMPACT_ATOMS: atom_id res chain seq x y z
N SER A 1 -19.91 62.29 -9.26
CA SER A 1 -21.09 61.52 -9.74
C SER A 1 -21.68 62.14 -11.00
N ALA A 2 -20.87 62.92 -11.71
CA ALA A 2 -21.30 63.53 -12.97
C ALA A 2 -20.95 62.64 -14.16
N ASP A 3 -19.67 62.32 -14.33
CA ASP A 3 -19.26 61.38 -15.37
C ASP A 3 -19.52 59.94 -14.98
N ALA A 4 -19.50 59.63 -13.68
CA ALA A 4 -19.66 58.25 -13.23
C ALA A 4 -21.01 57.69 -13.65
N GLN A 5 -22.09 58.46 -13.44
CA GLN A 5 -23.41 57.99 -13.84
C GLN A 5 -23.52 57.88 -15.36
N SER A 6 -22.89 58.78 -16.10
CA SER A 6 -22.87 58.67 -17.55
C SER A 6 -22.24 57.35 -17.97
N PHE A 7 -21.10 56.99 -17.38
CA PHE A 7 -20.44 55.75 -17.72
C PHE A 7 -21.31 54.56 -17.33
N LEU A 8 -21.96 54.62 -16.16
CA LEU A 8 -22.82 53.53 -15.74
C LEU A 8 -23.94 53.31 -16.75
N ASN A 9 -24.59 54.40 -17.17
CA ASN A 9 -25.66 54.30 -18.15
C ASN A 9 -25.13 53.74 -19.47
N ARG A 10 -23.93 54.16 -19.86
CA ARG A 10 -23.33 53.63 -21.08
C ARG A 10 -23.18 52.11 -20.98
N VAL A 11 -22.63 51.64 -19.87
CA VAL A 11 -22.37 50.21 -19.69
C VAL A 11 -23.70 49.46 -19.71
N CYS A 12 -24.75 50.05 -19.11
CA CYS A 12 -26.04 49.37 -19.12
C CYS A 12 -26.53 49.12 -20.53
N GLY A 13 -26.14 49.97 -21.49
CA GLY A 13 -26.49 49.72 -22.88
C GLY A 13 -27.98 49.72 -23.11
N VAL A 14 -28.43 48.79 -23.94
CA VAL A 14 -29.84 48.62 -24.26
C VAL A 14 -30.36 47.28 -23.77
N SER A 15 -29.61 46.61 -22.88
CA SER A 15 -29.98 45.28 -22.40
C SER A 15 -30.98 45.31 -21.25
N ALA A 16 -31.39 46.50 -20.80
CA ALA A 16 -32.36 46.62 -19.72
C ALA A 16 -31.85 45.95 -18.44
N ALA A 17 -30.60 46.24 -18.10
CA ALA A 17 -29.96 45.68 -16.92
C ALA A 17 -29.81 46.77 -15.87
N ARG A 18 -30.22 46.46 -14.64
CA ARG A 18 -30.07 47.38 -13.52
C ARG A 18 -28.72 47.14 -12.86
N LEU A 19 -27.84 48.13 -12.91
CA LEU A 19 -26.45 47.98 -12.51
C LEU A 19 -26.16 48.81 -11.28
N THR A 20 -25.46 48.22 -10.32
CA THR A 20 -24.97 48.94 -9.16
C THR A 20 -23.47 49.21 -9.32
N PRO A 21 -22.95 50.34 -8.84
CA PRO A 21 -21.51 50.61 -9.00
C PRO A 21 -20.69 49.80 -8.01
N CYS A 22 -20.05 48.75 -8.50
CA CYS A 22 -19.13 47.95 -7.69
C CYS A 22 -17.74 48.57 -7.70
N GLY A 23 -17.18 48.77 -8.89
CA GLY A 23 -15.96 49.53 -9.05
C GLY A 23 -16.09 50.52 -10.19
N THR A 24 -15.98 51.81 -9.89
CA THR A 24 -16.22 52.82 -10.90
C THR A 24 -15.26 52.64 -12.08
N GLY A 25 -15.76 52.97 -13.28
CA GLY A 25 -14.89 52.91 -14.44
C GLY A 25 -13.73 53.88 -14.34
N THR A 26 -14.01 55.12 -13.95
CA THR A 26 -12.94 56.09 -13.76
C THR A 26 -11.97 55.65 -12.68
N SER A 27 -12.50 55.14 -11.56
CA SER A 27 -11.67 54.59 -10.48
C SER A 27 -11.85 53.07 -10.52
N THR A 28 -10.94 52.39 -11.21
CA THR A 28 -11.12 51.00 -11.57
C THR A 28 -10.99 50.08 -10.36
N ASP A 29 -11.02 48.78 -10.62
CA ASP A 29 -10.98 47.76 -9.59
C ASP A 29 -9.82 46.79 -9.86
N VAL A 30 -9.27 46.23 -8.78
CA VAL A 30 -8.20 45.25 -8.87
C VAL A 30 -8.61 44.01 -8.09
N VAL A 31 -8.07 42.86 -8.49
CA VAL A 31 -8.42 41.57 -7.91
C VAL A 31 -7.19 40.67 -7.94
N TYR A 32 -7.32 39.50 -7.29
CA TYR A 32 -6.26 38.51 -7.18
C TYR A 32 -6.79 37.20 -7.74
N ARG A 33 -6.31 36.81 -8.92
CA ARG A 33 -6.93 35.73 -9.68
C ARG A 33 -5.87 34.83 -10.28
N ALA A 34 -6.25 33.58 -10.54
CA ALA A 34 -5.36 32.57 -11.08
C ALA A 34 -5.37 32.61 -12.60
N PHE A 35 -4.19 32.69 -13.21
CA PHE A 35 -4.05 32.85 -14.65
C PHE A 35 -3.09 31.80 -15.20
N ASP A 36 -3.36 31.39 -16.44
CA ASP A 36 -2.48 30.55 -17.23
C ASP A 36 -1.76 31.44 -18.25
N ILE A 37 -0.44 31.51 -18.17
CA ILE A 37 0.33 32.51 -18.90
C ILE A 37 1.47 31.83 -19.64
N TYR A 38 1.67 32.21 -20.90
CA TYR A 38 2.85 31.82 -21.66
C TYR A 38 3.14 32.92 -22.68
N ASN A 39 4.07 33.80 -22.34
CA ASN A 39 4.68 34.70 -23.32
C ASN A 39 6.17 34.44 -23.35
N ASP A 40 6.93 35.27 -24.05
CA ASP A 40 8.37 35.08 -24.18
C ASP A 40 9.15 35.62 -22.98
N LYS A 41 8.46 35.93 -21.88
CA LYS A 41 9.11 36.38 -20.65
C LYS A 41 8.81 35.47 -19.46
N VAL A 42 7.54 35.14 -19.24
CA VAL A 42 7.12 34.34 -18.11
C VAL A 42 6.30 33.16 -18.63
N ALA A 43 6.11 32.16 -17.77
CA ALA A 43 5.26 31.02 -18.13
C ALA A 43 4.88 30.30 -16.86
N GLY A 44 3.58 30.09 -16.67
CA GLY A 44 3.12 29.31 -15.53
C GLY A 44 1.64 29.45 -15.31
N PHE A 45 1.14 28.64 -14.38
CA PHE A 45 -0.25 28.63 -13.95
C PHE A 45 -0.25 29.11 -12.50
N ALA A 46 -0.39 30.43 -12.31
CA ALA A 46 -0.11 31.04 -11.02
C ALA A 46 -1.11 32.15 -10.74
N LYS A 47 -1.17 32.56 -9.48
CA LYS A 47 -2.14 33.55 -9.02
C LYS A 47 -1.50 34.94 -9.02
N PHE A 48 -1.97 35.80 -9.91
CA PHE A 48 -1.45 37.15 -10.08
C PHE A 48 -2.48 38.17 -9.62
N LEU A 49 -2.14 39.43 -9.81
CA LEU A 49 -2.98 40.57 -9.46
C LEU A 49 -3.30 41.32 -10.75
N LYS A 50 -4.56 41.59 -10.98
CA LYS A 50 -5.02 42.25 -12.11
C LYS A 50 -5.34 43.64 -11.71
N THR A 51 -5.55 44.60 -12.62
CA THR A 51 -5.96 45.95 -12.28
C THR A 51 -7.13 46.14 -13.24
N ASN A 52 -6.95 46.11 -14.54
CA ASN A 52 -7.43 46.89 -15.69
C ASN A 52 -8.95 46.97 -15.56
N CYS A 53 -9.59 45.88 -15.14
CA CYS A 53 -11.03 45.77 -15.22
C CYS A 53 -11.74 46.74 -14.28
N CYS A 54 -12.94 47.14 -14.68
CA CYS A 54 -13.90 47.83 -13.81
C CYS A 54 -15.19 47.04 -13.85
N ARG A 55 -15.68 46.62 -12.69
CA ARG A 55 -16.80 45.70 -12.59
C ARG A 55 -18.04 46.42 -12.06
N PHE A 56 -19.19 46.06 -12.62
CA PHE A 56 -20.48 46.44 -12.09
C PHE A 56 -21.29 45.17 -11.87
N GLN A 57 -22.13 45.15 -10.83
CA GLN A 57 -22.92 43.97 -10.52
C GLN A 57 -24.39 44.24 -10.80
N GLU A 58 -25.04 43.29 -11.46
CA GLU A 58 -26.44 43.41 -11.81
C GLU A 58 -27.31 43.04 -10.62
N LYS A 59 -28.30 43.86 -10.33
CA LYS A 59 -29.29 43.59 -9.29
C LYS A 59 -30.61 43.24 -9.95
N ASP A 60 -31.18 42.10 -9.58
CA ASP A 60 -32.47 41.71 -10.11
C ASP A 60 -33.57 42.52 -9.45
N GLU A 61 -34.79 42.39 -9.98
CA GLU A 61 -35.92 43.11 -9.41
C GLU A 61 -36.07 42.76 -7.94
N ASP A 62 -36.64 43.70 -7.18
CA ASP A 62 -36.76 43.64 -5.73
C ASP A 62 -35.45 44.07 -5.07
N ASP A 63 -34.48 44.56 -5.84
CA ASP A 63 -33.25 45.14 -5.31
C ASP A 63 -32.42 44.09 -4.56
N ASN A 64 -32.11 43.01 -5.27
CA ASN A 64 -31.27 41.94 -4.73
C ASN A 64 -30.18 41.60 -5.73
N LEU A 65 -28.94 41.58 -5.26
CA LEU A 65 -27.80 41.31 -6.12
C LEU A 65 -27.81 39.86 -6.58
N ILE A 66 -27.45 39.65 -7.84
CA ILE A 66 -27.32 38.29 -8.38
C ILE A 66 -25.91 38.11 -8.93
N ASP A 67 -25.62 36.92 -9.45
CA ASP A 67 -24.29 36.58 -9.93
C ASP A 67 -24.10 36.97 -11.39
N SER A 68 -24.24 38.26 -11.66
CA SER A 68 -24.05 38.80 -13.00
C SER A 68 -23.20 40.06 -12.91
N TYR A 69 -22.10 40.07 -13.65
CA TYR A 69 -21.17 41.20 -13.63
C TYR A 69 -20.93 41.69 -15.04
N PHE A 70 -20.95 43.01 -15.21
CA PHE A 70 -20.48 43.67 -16.42
C PHE A 70 -19.03 44.08 -16.19
N VAL A 71 -18.12 43.61 -17.04
CA VAL A 71 -16.70 43.82 -16.84
C VAL A 71 -16.15 44.70 -17.95
N VAL A 72 -16.04 46.00 -17.71
CA VAL A 72 -15.55 46.93 -18.70
C VAL A 72 -14.05 47.04 -18.58
N LYS A 73 -13.39 47.35 -19.70
CA LYS A 73 -11.95 47.48 -19.76
C LYS A 73 -11.59 48.70 -20.60
N ARG A 74 -10.33 49.11 -20.52
CA ARG A 74 -9.79 50.19 -21.33
C ARG A 74 -8.68 49.62 -22.20
N HIS A 75 -8.85 49.68 -23.51
CA HIS A 75 -7.95 49.05 -24.46
C HIS A 75 -7.33 50.10 -25.38
N THR A 76 -6.12 49.82 -25.84
CA THR A 76 -5.51 50.62 -26.88
C THR A 76 -6.27 50.43 -28.19
N PHE A 77 -6.14 51.43 -29.06
CA PHE A 77 -6.94 51.47 -30.29
C PHE A 77 -6.73 50.25 -31.17
N SER A 78 -5.55 49.62 -31.14
CA SER A 78 -5.24 48.50 -32.04
C SER A 78 -5.91 47.20 -31.61
N ASN A 79 -5.72 46.81 -30.34
CA ASN A 79 -6.38 45.62 -29.84
C ASN A 79 -7.89 45.77 -29.90
N TYR A 80 -8.40 46.99 -29.79
CA TYR A 80 -9.82 47.23 -29.98
C TYR A 80 -10.29 46.77 -31.34
N GLN A 81 -9.61 47.22 -32.39
CA GLN A 81 -9.96 46.81 -33.75
C GLN A 81 -9.85 45.30 -33.91
N HIS A 82 -8.75 44.73 -33.43
CA HIS A 82 -8.53 43.29 -33.59
C HIS A 82 -9.63 42.49 -32.92
N GLU A 83 -9.95 42.82 -31.67
CA GLU A 83 -10.97 42.08 -30.94
C GLU A 83 -12.34 42.25 -31.56
N GLU A 84 -12.67 43.46 -32.02
CA GLU A 84 -13.98 43.64 -32.64
C GLU A 84 -14.10 42.80 -33.90
N THR A 85 -13.05 42.79 -34.74
CA THR A 85 -13.09 41.98 -35.94
C THR A 85 -13.20 40.49 -35.63
N ILE A 86 -12.47 40.01 -34.62
CA ILE A 86 -12.55 38.59 -34.30
C ILE A 86 -13.90 38.24 -33.69
N TYR A 87 -14.51 39.15 -32.94
CA TYR A 87 -15.81 38.85 -32.35
C TYR A 87 -16.92 38.88 -33.39
N ASN A 88 -16.83 39.76 -34.38
CA ASN A 88 -17.87 39.80 -35.41
C ASN A 88 -17.97 38.51 -36.21
N LEU A 89 -17.08 37.54 -36.00
CA LEU A 89 -17.16 36.24 -36.63
C LEU A 89 -17.73 35.16 -35.73
N LEU A 90 -17.44 35.21 -34.43
CA LEU A 90 -17.89 34.20 -33.48
C LEU A 90 -19.14 34.59 -32.72
N LYS A 91 -19.74 35.74 -33.04
CA LYS A 91 -20.85 36.23 -32.23
C LYS A 91 -22.02 35.25 -32.22
N ASP A 92 -22.18 34.48 -33.30
CA ASP A 92 -23.36 33.62 -33.43
C ASP A 92 -23.29 32.37 -32.54
N CYS A 93 -22.12 32.03 -32.04
CA CYS A 93 -22.00 30.84 -31.21
C CYS A 93 -22.77 31.03 -29.91
N PRO A 94 -23.51 30.02 -29.43
CA PRO A 94 -24.17 30.15 -28.13
C PRO A 94 -23.23 30.09 -26.94
N ALA A 95 -21.93 29.84 -27.15
CA ALA A 95 -20.97 29.74 -26.06
C ALA A 95 -19.99 30.90 -26.06
N VAL A 96 -20.44 32.08 -26.49
CA VAL A 96 -19.61 33.29 -26.51
C VAL A 96 -20.37 34.40 -25.82
N ALA A 97 -19.76 34.97 -24.78
CA ALA A 97 -20.42 36.02 -24.00
C ALA A 97 -20.59 37.28 -24.85
N LYS A 98 -21.72 37.96 -24.64
CA LYS A 98 -22.00 39.19 -25.38
C LYS A 98 -20.92 40.23 -25.10
N HIS A 99 -20.50 40.93 -26.15
CA HIS A 99 -19.55 42.03 -26.03
C HIS A 99 -20.21 43.31 -26.50
N ASP A 100 -19.66 44.44 -26.03
CA ASP A 100 -20.13 45.76 -26.43
C ASP A 100 -18.92 46.68 -26.51
N PHE A 101 -18.72 47.28 -27.69
CA PHE A 101 -17.55 48.11 -27.96
C PHE A 101 -18.00 49.56 -28.04
N PHE A 102 -17.39 50.43 -27.24
CA PHE A 102 -17.78 51.83 -27.29
C PHE A 102 -16.64 52.71 -26.83
N LYS A 103 -16.59 53.92 -27.39
CA LYS A 103 -15.58 54.92 -27.04
C LYS A 103 -16.18 55.94 -26.09
N PHE A 104 -15.40 56.35 -25.09
CA PHE A 104 -15.87 57.27 -24.06
C PHE A 104 -14.85 58.38 -23.84
N ARG A 105 -15.35 59.50 -23.33
CA ARG A 105 -14.53 60.70 -23.12
C ARG A 105 -13.98 60.71 -21.70
N ILE A 106 -12.65 60.73 -21.59
CA ILE A 106 -11.98 60.82 -20.30
C ILE A 106 -10.81 61.78 -20.44
N ASP A 107 -10.79 62.81 -19.60
CA ASP A 107 -9.72 63.82 -19.62
C ASP A 107 -9.51 64.39 -21.01
N GLY A 108 -10.61 64.60 -21.72
CA GLY A 108 -10.52 65.18 -23.05
C GLY A 108 -10.00 64.23 -24.11
N ASP A 109 -10.08 62.92 -23.88
CA ASP A 109 -9.56 61.93 -24.81
C ASP A 109 -10.61 60.86 -25.07
N MET A 110 -10.63 60.34 -26.30
CA MET A 110 -11.52 59.26 -26.68
C MET A 110 -10.79 57.94 -26.41
N VAL A 111 -11.24 57.22 -25.40
CA VAL A 111 -10.65 55.94 -25.00
C VAL A 111 -11.63 54.83 -25.33
N PRO A 112 -11.20 53.75 -25.99
CA PRO A 112 -12.12 52.64 -26.26
C PRO A 112 -12.36 51.79 -25.03
N HIS A 113 -13.47 51.07 -25.06
CA HIS A 113 -13.84 50.16 -23.98
C HIS A 113 -14.54 48.94 -24.57
N ILE A 114 -14.20 47.77 -24.05
CA ILE A 114 -14.86 46.52 -24.37
C ILE A 114 -15.56 46.04 -23.10
N SER A 115 -16.86 45.83 -23.18
CA SER A 115 -17.66 45.40 -22.05
C SER A 115 -18.23 44.02 -22.32
N ARG A 116 -17.94 43.07 -21.44
CA ARG A 116 -18.57 41.76 -21.47
C ARG A 116 -19.70 41.74 -20.45
N GLN A 117 -20.77 41.01 -20.78
CA GLN A 117 -22.02 41.12 -20.07
C GLN A 117 -22.38 39.81 -19.40
N ARG A 118 -22.82 39.89 -18.14
CA ARG A 118 -23.37 38.75 -17.41
C ARG A 118 -22.35 37.62 -17.29
N LEU A 119 -21.27 37.90 -16.57
CA LEU A 119 -20.24 36.94 -16.24
C LEU A 119 -20.30 36.61 -14.76
N THR A 120 -20.22 35.31 -14.43
CA THR A 120 -20.12 34.92 -13.03
C THR A 120 -18.87 35.53 -12.40
N LYS A 121 -18.86 35.58 -11.07
CA LYS A 121 -17.78 36.27 -10.37
C LYS A 121 -16.43 35.61 -10.62
N TYR A 122 -16.39 34.28 -10.61
CA TYR A 122 -15.16 33.52 -10.79
C TYR A 122 -15.16 32.84 -12.14
N THR A 123 -14.00 32.29 -12.50
CA THR A 123 -13.81 31.55 -13.74
C THR A 123 -13.41 30.12 -13.41
N MET A 124 -13.24 29.31 -14.44
CA MET A 124 -12.87 27.92 -14.21
C MET A 124 -11.42 27.75 -13.78
N ALA A 125 -10.55 28.68 -14.17
CA ALA A 125 -9.19 28.67 -13.66
C ALA A 125 -9.14 28.86 -12.16
N ASP A 126 -10.02 29.71 -11.61
CA ASP A 126 -10.09 29.85 -10.15
C ASP A 126 -10.52 28.55 -9.49
N LEU A 127 -11.51 27.87 -10.03
CA LEU A 127 -11.94 26.60 -9.47
C LEU A 127 -10.81 25.56 -9.50
N VAL A 128 -10.13 25.44 -10.65
CA VAL A 128 -9.05 24.47 -10.76
C VAL A 128 -7.92 24.81 -9.81
N TYR A 129 -7.53 26.08 -9.72
CA TYR A 129 -6.46 26.47 -8.81
C TYR A 129 -6.85 26.20 -7.37
N ALA A 130 -8.10 26.49 -7.01
CA ALA A 130 -8.56 26.28 -5.64
C ALA A 130 -8.49 24.81 -5.26
N LEU A 131 -8.91 23.92 -6.15
CA LEU A 131 -8.91 22.50 -5.83
C LEU A 131 -7.57 21.81 -6.07
N ARG A 132 -6.61 22.47 -6.73
CA ARG A 132 -5.31 21.86 -6.97
C ARG A 132 -4.19 22.42 -6.10
N HIS A 133 -4.40 23.58 -5.48
CA HIS A 133 -3.45 24.14 -4.51
C HIS A 133 -4.26 24.42 -3.25
N PHE A 134 -4.40 23.40 -2.40
CA PHE A 134 -5.31 23.48 -1.26
C PHE A 134 -4.52 23.78 0.01
N ASP A 135 -5.00 24.76 0.77
CA ASP A 135 -4.44 25.12 2.07
C ASP A 135 -5.62 25.39 2.98
N GLU A 136 -5.81 24.57 4.02
CA GLU A 136 -7.03 24.65 4.80
C GLU A 136 -7.16 25.97 5.54
N GLY A 137 -6.06 26.70 5.74
CA GLY A 137 -6.13 28.01 6.36
C GLY A 137 -6.52 29.13 5.42
N ASN A 138 -6.47 28.90 4.11
CA ASN A 138 -6.83 29.90 3.10
C ASN A 138 -7.74 29.23 2.08
N CYS A 139 -9.06 29.25 2.35
CA CYS A 139 -10.02 28.63 1.45
C CYS A 139 -11.17 29.57 1.12
N ASP A 140 -10.91 30.88 1.05
CA ASP A 140 -12.01 31.82 0.84
C ASP A 140 -12.65 31.64 -0.52
N THR A 141 -11.84 31.51 -1.57
CA THR A 141 -12.39 31.37 -2.92
C THR A 141 -13.17 30.07 -3.06
N LEU A 142 -12.61 28.96 -2.57
CA LEU A 142 -13.31 27.69 -2.66
C LEU A 142 -14.61 27.72 -1.87
N LYS A 143 -14.58 28.31 -0.67
CA LYS A 143 -15.80 28.41 0.13
C LYS A 143 -16.87 29.22 -0.59
N GLU A 144 -16.49 30.35 -1.17
CA GLU A 144 -17.49 31.18 -1.86
C GLU A 144 -18.03 30.48 -3.10
N ILE A 145 -17.17 29.75 -3.82
CA ILE A 145 -17.65 29.02 -4.99
C ILE A 145 -18.63 27.94 -4.56
N LEU A 146 -18.34 27.22 -3.48
CA LEU A 146 -19.24 26.17 -3.02
C LEU A 146 -20.57 26.76 -2.55
N VAL A 147 -20.54 27.85 -1.79
CA VAL A 147 -21.77 28.41 -1.25
C VAL A 147 -22.61 29.05 -2.34
N THR A 148 -21.97 29.72 -3.31
CA THR A 148 -22.73 30.47 -4.30
C THR A 148 -23.61 29.58 -5.15
N TYR A 149 -23.18 28.35 -5.42
CA TYR A 149 -23.91 27.43 -6.29
C TYR A 149 -24.69 26.38 -5.52
N ASN A 150 -24.99 26.64 -4.24
CA ASN A 150 -25.86 25.79 -3.44
C ASN A 150 -25.31 24.38 -3.28
N CYS A 151 -23.99 24.24 -3.37
CA CYS A 151 -23.38 22.95 -3.06
C CYS A 151 -23.51 22.63 -1.58
N CYS A 152 -23.43 23.64 -0.73
CA CYS A 152 -23.66 23.50 0.71
C CYS A 152 -24.14 24.84 1.24
N ASP A 153 -24.25 24.94 2.56
CA ASP A 153 -24.60 26.19 3.23
C ASP A 153 -23.36 26.77 3.89
N ASP A 154 -23.49 27.99 4.41
CA ASP A 154 -22.38 28.62 5.10
C ASP A 154 -22.20 28.09 6.52
N ASP A 155 -23.15 27.32 7.03
CA ASP A 155 -22.99 26.67 8.32
C ASP A 155 -22.22 25.36 8.23
N TYR A 156 -21.97 24.85 7.02
CA TYR A 156 -21.26 23.60 6.87
C TYR A 156 -19.80 23.71 7.23
N PHE A 157 -19.23 24.91 7.22
CA PHE A 157 -17.81 25.12 7.46
C PHE A 157 -17.49 25.36 8.93
N ASN A 158 -18.49 25.39 9.80
CA ASN A 158 -18.27 25.44 11.24
C ASN A 158 -18.02 24.05 11.83
N LYS A 159 -17.73 23.07 10.99
CA LYS A 159 -17.47 21.70 11.40
C LYS A 159 -15.99 21.53 11.70
N LYS A 160 -15.65 20.43 12.37
CA LYS A 160 -14.27 20.18 12.75
C LYS A 160 -13.38 20.07 11.52
N ASP A 161 -13.61 19.05 10.69
CA ASP A 161 -12.83 18.81 9.47
C ASP A 161 -13.82 18.69 8.32
N TRP A 162 -14.21 19.83 7.75
CA TRP A 162 -15.13 19.83 6.62
C TRP A 162 -14.45 19.47 5.31
N TYR A 163 -13.12 19.39 5.29
CA TYR A 163 -12.36 19.15 4.08
C TYR A 163 -11.66 17.80 4.07
N ASP A 164 -11.68 17.07 5.18
CA ASP A 164 -10.91 15.84 5.31
C ASP A 164 -11.67 14.69 4.66
N PHE A 165 -11.04 14.03 3.69
CA PHE A 165 -11.69 12.91 3.00
C PHE A 165 -11.90 11.72 3.91
N VAL A 166 -11.13 11.58 4.98
CA VAL A 166 -11.20 10.41 5.84
C VAL A 166 -12.13 10.65 7.03
N GLU A 167 -11.99 11.80 7.69
CA GLU A 167 -12.83 12.09 8.85
C GLU A 167 -14.24 12.48 8.44
N ASN A 168 -14.39 13.14 7.29
CA ASN A 168 -15.68 13.66 6.82
C ASN A 168 -15.91 13.21 5.39
N PRO A 169 -16.30 11.95 5.19
CA PRO A 169 -16.55 11.49 3.82
C PRO A 169 -17.63 12.27 3.08
N ASP A 170 -18.58 12.86 3.82
CA ASP A 170 -19.68 13.56 3.19
C ASP A 170 -19.20 14.69 2.28
N ILE A 171 -17.98 15.18 2.48
CA ILE A 171 -17.46 16.25 1.64
C ILE A 171 -17.51 15.84 0.18
N LEU A 172 -17.28 14.55 -0.11
CA LEU A 172 -17.37 14.09 -1.48
C LEU A 172 -18.71 14.50 -2.10
N ARG A 173 -19.80 14.20 -1.40
CA ARG A 173 -21.12 14.59 -1.89
C ARG A 173 -21.14 16.07 -2.24
N VAL A 174 -20.61 16.91 -1.36
CA VAL A 174 -20.61 18.35 -1.62
C VAL A 174 -19.93 18.64 -2.95
N TYR A 175 -18.73 18.11 -3.14
CA TYR A 175 -18.03 18.35 -4.40
C TYR A 175 -18.81 17.83 -5.58
N ALA A 176 -19.52 16.71 -5.42
CA ALA A 176 -20.29 16.15 -6.51
C ALA A 176 -21.44 17.04 -6.95
N ASN A 177 -21.79 18.06 -6.17
CA ASN A 177 -22.81 19.01 -6.60
C ASN A 177 -22.26 20.03 -7.59
N LEU A 178 -20.96 20.02 -7.86
CA LEU A 178 -20.38 20.82 -8.93
C LEU A 178 -20.25 20.05 -10.24
N GLY A 179 -20.75 18.81 -10.30
CA GLY A 179 -20.56 18.00 -11.48
C GLY A 179 -21.26 18.58 -12.71
N GLU A 180 -22.58 18.73 -12.64
CA GLU A 180 -23.33 19.16 -13.81
C GLU A 180 -22.73 20.43 -14.41
N ARG A 181 -22.49 21.44 -13.60
CA ARG A 181 -21.90 22.67 -14.11
C ARG A 181 -20.64 22.37 -14.92
N VAL A 182 -19.71 21.62 -14.34
CA VAL A 182 -18.49 21.29 -15.06
C VAL A 182 -18.83 20.60 -16.37
N ARG A 183 -19.72 19.60 -16.33
CA ARG A 183 -20.06 18.90 -17.56
C ARG A 183 -20.57 19.88 -18.61
N GLN A 184 -21.43 20.81 -18.21
CA GLN A 184 -21.95 21.76 -19.18
C GLN A 184 -20.81 22.56 -19.81
N ALA A 185 -19.84 22.97 -19.00
CA ALA A 185 -18.67 23.62 -19.57
C ALA A 185 -18.02 22.74 -20.63
N LEU A 186 -17.77 21.47 -20.32
CA LEU A 186 -17.13 20.59 -21.29
C LEU A 186 -17.91 20.51 -22.58
N LEU A 187 -19.22 20.74 -22.53
CA LEU A 187 -19.98 20.76 -23.77
C LEU A 187 -19.80 22.07 -24.51
N LYS A 188 -19.93 23.20 -23.81
CA LYS A 188 -19.84 24.48 -24.49
C LYS A 188 -18.49 24.67 -25.16
N THR A 189 -17.41 24.31 -24.48
CA THR A 189 -16.09 24.42 -25.11
C THR A 189 -16.09 23.72 -26.47
N VAL A 190 -16.65 22.52 -26.56
CA VAL A 190 -16.65 21.84 -27.84
C VAL A 190 -17.34 22.69 -28.89
N GLN A 191 -18.53 23.22 -28.57
CA GLN A 191 -19.18 24.13 -29.50
C GLN A 191 -18.22 25.22 -29.94
N PHE A 192 -17.59 25.89 -28.96
CA PHE A 192 -16.66 26.95 -29.31
C PHE A 192 -15.63 26.44 -30.31
N CYS A 193 -14.99 25.31 -30.01
CA CYS A 193 -14.00 24.78 -30.94
C CYS A 193 -14.59 24.65 -32.33
N ASP A 194 -15.75 24.02 -32.45
CA ASP A 194 -16.38 23.90 -33.76
C ASP A 194 -16.50 25.25 -34.42
N ALA A 195 -17.07 26.23 -33.72
CA ALA A 195 -17.21 27.56 -34.30
C ALA A 195 -15.87 28.04 -34.83
N MET A 196 -14.82 27.94 -34.02
CA MET A 196 -13.52 28.39 -34.47
C MET A 196 -13.15 27.75 -35.79
N ARG A 197 -13.22 26.41 -35.86
CA ARG A 197 -12.80 25.74 -37.09
C ARG A 197 -13.64 26.21 -38.28
N ASN A 198 -14.92 26.47 -38.06
CA ASN A 198 -15.76 26.87 -39.17
C ASN A 198 -15.50 28.31 -39.59
N ALA A 199 -15.03 29.15 -38.67
CA ALA A 199 -14.81 30.56 -38.98
C ALA A 199 -13.37 30.87 -39.38
N GLY A 200 -12.44 29.94 -39.18
CA GLY A 200 -11.06 30.14 -39.56
C GLY A 200 -10.29 30.97 -38.56
N ILE A 201 -10.41 30.63 -37.28
CA ILE A 201 -9.65 31.28 -36.21
C ILE A 201 -8.71 30.25 -35.61
N VAL A 202 -7.48 30.68 -35.32
CA VAL A 202 -6.46 29.85 -34.71
C VAL A 202 -6.05 30.49 -33.39
N GLY A 203 -6.13 29.74 -32.30
CA GLY A 203 -5.79 30.29 -31.00
C GLY A 203 -5.72 29.21 -29.95
N VAL A 204 -5.14 29.59 -28.81
CA VAL A 204 -4.95 28.69 -27.67
C VAL A 204 -6.06 28.96 -26.65
N LEU A 205 -6.78 27.91 -26.27
CA LEU A 205 -7.83 28.01 -25.27
C LEU A 205 -7.21 27.84 -23.89
N THR A 206 -7.44 28.80 -23.01
CA THR A 206 -6.98 28.74 -21.62
C THR A 206 -8.17 28.68 -20.68
N LEU A 207 -7.91 28.22 -19.46
CA LEU A 207 -8.99 28.06 -18.49
C LEU A 207 -9.57 29.40 -18.07
N ASP A 208 -8.72 30.41 -17.91
CA ASP A 208 -9.17 31.68 -17.34
C ASP A 208 -9.91 32.57 -18.34
N ASN A 209 -10.25 32.06 -19.51
CA ASN A 209 -11.09 32.78 -20.46
C ASN A 209 -12.48 32.18 -20.56
N GLN A 210 -12.88 31.38 -19.57
CA GLN A 210 -14.22 30.81 -19.50
C GLN A 210 -14.73 30.96 -18.08
N ASP A 211 -15.95 31.44 -17.94
CA ASP A 211 -16.55 31.59 -16.62
C ASP A 211 -17.25 30.29 -16.22
N LEU A 212 -17.86 30.29 -15.05
CA LEU A 212 -18.41 29.07 -14.48
C LEU A 212 -19.78 28.71 -15.05
N ASN A 213 -20.31 29.48 -15.99
CA ASN A 213 -21.44 29.05 -16.79
C ASN A 213 -20.98 28.38 -18.08
N GLY A 214 -19.85 28.83 -18.64
CA GLY A 214 -19.28 28.20 -19.82
C GLY A 214 -19.21 29.11 -21.02
N ASN A 215 -19.07 30.40 -20.81
CA ASN A 215 -18.98 31.38 -21.89
C ASN A 215 -17.55 31.85 -22.06
N TRP A 216 -17.12 32.03 -23.31
CA TRP A 216 -15.76 32.40 -23.65
C TRP A 216 -15.70 33.85 -24.08
N TYR A 217 -14.71 34.60 -23.55
CA TYR A 217 -14.75 36.06 -23.67
C TYR A 217 -13.40 36.72 -23.87
N ASP A 218 -12.41 36.04 -24.46
CA ASP A 218 -11.13 36.70 -24.73
C ASP A 218 -10.60 36.24 -26.09
N PHE A 219 -10.37 37.20 -26.99
CA PHE A 219 -9.90 36.94 -28.34
C PHE A 219 -8.72 37.83 -28.69
N GLY A 220 -7.86 38.11 -27.71
CA GLY A 220 -6.76 39.04 -27.94
C GLY A 220 -5.54 38.40 -28.56
N ASP A 221 -5.40 37.09 -28.43
CA ASP A 221 -4.24 36.37 -28.95
C ASP A 221 -4.60 35.40 -30.07
N PHE A 222 -5.76 35.61 -30.71
CA PHE A 222 -6.18 34.79 -31.83
C PHE A 222 -5.76 35.43 -33.14
N ILE A 223 -5.69 34.60 -34.19
CA ILE A 223 -5.38 35.07 -35.53
C ILE A 223 -6.47 34.57 -36.47
N GLN A 224 -6.32 34.89 -37.76
CA GLN A 224 -7.34 34.63 -38.76
C GLN A 224 -6.72 33.94 -39.96
N THR A 225 -7.43 32.97 -40.53
CA THR A 225 -6.97 32.25 -41.71
C THR A 225 -8.14 31.99 -42.64
N THR A 226 -7.96 31.09 -43.61
CA THR A 226 -9.03 30.79 -44.53
C THR A 226 -10.22 30.19 -43.79
N PRO A 227 -11.46 30.56 -44.13
CA PRO A 227 -12.61 29.93 -43.46
C PRO A 227 -12.64 28.43 -43.72
N GLY A 228 -13.07 27.68 -42.71
CA GLY A 228 -13.19 26.25 -42.80
C GLY A 228 -11.98 25.49 -42.31
N SER A 229 -10.83 26.16 -42.15
CA SER A 229 -9.61 25.53 -41.66
C SER A 229 -9.10 26.36 -40.48
N GLY A 230 -9.65 26.10 -39.29
CA GLY A 230 -9.13 26.65 -38.06
C GLY A 230 -8.36 25.58 -37.30
N VAL A 231 -7.80 25.99 -36.16
CA VAL A 231 -7.04 25.07 -35.33
C VAL A 231 -7.12 25.53 -33.87
N PRO A 232 -8.05 25.02 -33.08
CA PRO A 232 -8.00 25.26 -31.62
C PRO A 232 -6.96 24.37 -30.96
N VAL A 233 -6.14 24.96 -30.11
CA VAL A 233 -5.07 24.24 -29.41
C VAL A 233 -5.52 24.04 -27.97
N VAL A 234 -5.82 22.80 -27.62
CA VAL A 234 -6.37 22.46 -26.31
C VAL A 234 -5.47 21.38 -25.72
N ASP A 235 -4.46 21.78 -24.97
CA ASP A 235 -3.60 20.84 -24.25
C ASP A 235 -3.44 21.20 -22.79
N SER A 236 -3.31 22.49 -22.47
CA SER A 236 -3.25 22.93 -21.08
C SER A 236 -4.63 23.20 -20.50
N TYR A 237 -5.68 23.18 -21.32
CA TYR A 237 -7.04 23.27 -20.80
C TYR A 237 -7.50 21.93 -20.24
N TYR A 238 -7.57 20.92 -21.11
CA TYR A 238 -8.03 19.60 -20.67
C TYR A 238 -7.10 19.01 -19.63
N SER A 239 -5.78 19.14 -19.83
CA SER A 239 -4.84 18.55 -18.89
C SER A 239 -4.98 19.16 -17.51
N LEU A 240 -4.97 20.49 -17.42
CA LEU A 240 -5.13 21.14 -16.13
C LEU A 240 -6.48 20.82 -15.50
N LEU A 241 -7.51 20.59 -16.32
CA LEU A 241 -8.84 20.32 -15.81
C LEU A 241 -9.06 18.86 -15.43
N MET A 242 -8.20 17.94 -15.86
CA MET A 242 -8.48 16.52 -15.69
C MET A 242 -8.72 16.10 -14.25
N PRO A 243 -7.88 16.43 -13.28
CA PRO A 243 -8.13 15.95 -11.91
C PRO A 243 -9.45 16.42 -11.32
N ILE A 244 -10.05 17.47 -11.89
CA ILE A 244 -11.32 17.97 -11.38
C ILE A 244 -12.51 17.22 -11.96
N LEU A 245 -12.34 16.56 -13.11
CA LEU A 245 -13.45 15.82 -13.71
C LEU A 245 -13.84 14.62 -12.86
N THR A 246 -12.88 14.01 -12.18
CA THR A 246 -13.16 12.82 -11.39
C THR A 246 -13.51 13.15 -9.95
N LEU A 247 -13.07 14.30 -9.43
CA LEU A 247 -13.36 14.68 -8.05
C LEU A 247 -14.81 15.13 -7.92
N THR A 248 -15.32 15.87 -8.89
CA THR A 248 -16.69 16.33 -8.88
C THR A 248 -17.64 15.39 -9.62
N ARG A 249 -17.14 14.28 -10.14
CA ARG A 249 -17.98 13.28 -10.83
C ARG A 249 -18.84 13.95 -11.90
N ALA A 250 -18.15 14.51 -12.91
CA ALA A 250 -18.81 15.31 -13.93
C ALA A 250 -19.64 14.49 -14.90
N LEU A 251 -19.38 13.19 -15.01
CA LEU A 251 -20.04 12.33 -16.00
C LEU A 251 -21.03 11.37 -15.36
N THR A 252 -21.74 11.82 -14.33
CA THR A 252 -22.77 10.99 -13.69
C THR A 252 -24.12 11.12 -14.36
N ALA A 253 -24.29 12.07 -15.28
CA ALA A 253 -25.51 12.15 -16.07
C ALA A 253 -25.48 11.23 -17.28
N GLU A 254 -24.36 10.54 -17.52
CA GLU A 254 -24.26 9.58 -18.60
C GLU A 254 -24.84 8.22 -18.22
N SER A 255 -25.24 8.02 -16.97
CA SER A 255 -25.85 6.78 -16.54
C SER A 255 -27.36 6.77 -16.65
N HIS A 256 -27.98 7.94 -16.81
CA HIS A 256 -29.42 8.05 -16.94
C HIS A 256 -29.83 7.99 -18.42
N VAL A 257 -31.12 7.81 -18.65
CA VAL A 257 -31.64 7.72 -20.01
C VAL A 257 -31.76 9.12 -20.60
N ASP A 258 -31.38 9.26 -21.86
CA ASP A 258 -31.36 10.55 -22.54
C ASP A 258 -30.42 11.54 -21.87
N THR A 259 -29.51 11.04 -21.03
CA THR A 259 -28.52 11.88 -20.35
C THR A 259 -29.20 13.02 -19.60
N ASP A 260 -30.20 12.66 -18.81
CA ASP A 260 -30.95 13.61 -17.99
C ASP A 260 -31.00 13.10 -16.56
N LEU A 261 -30.59 13.94 -15.61
CA LEU A 261 -30.48 13.49 -14.22
C LEU A 261 -31.83 13.12 -13.62
N THR A 262 -32.93 13.61 -14.17
CA THR A 262 -34.24 13.29 -13.61
C THR A 262 -34.70 11.89 -13.99
N LYS A 263 -34.40 11.46 -15.22
CA LYS A 263 -34.88 10.17 -15.70
C LYS A 263 -34.12 9.03 -15.02
N PRO A 264 -34.69 7.83 -15.02
CA PRO A 264 -34.07 6.72 -14.29
C PRO A 264 -32.78 6.24 -14.97
N TYR A 265 -32.13 5.29 -14.30
CA TYR A 265 -30.87 4.76 -14.79
C TYR A 265 -31.09 3.88 -16.03
N ILE A 266 -30.02 3.65 -16.77
CA ILE A 266 -30.05 2.75 -17.92
C ILE A 266 -29.88 1.33 -17.42
N LYS A 267 -30.71 0.42 -17.93
CA LYS A 267 -30.65 -1.00 -17.60
C LYS A 267 -29.89 -1.72 -18.70
N TRP A 268 -28.63 -2.07 -18.43
CA TRP A 268 -27.79 -2.73 -19.40
C TRP A 268 -28.05 -4.23 -19.42
N ASP A 269 -27.80 -4.85 -20.57
CA ASP A 269 -27.83 -6.30 -20.63
C ASP A 269 -26.82 -6.87 -19.66
N LEU A 270 -27.24 -7.87 -18.89
CA LEU A 270 -26.37 -8.40 -17.84
C LEU A 270 -25.20 -9.19 -18.41
N LEU A 271 -25.28 -9.63 -19.67
CA LEU A 271 -24.24 -10.43 -20.30
C LEU A 271 -23.30 -9.60 -21.16
N LYS A 272 -23.39 -8.27 -21.10
CA LYS A 272 -22.58 -7.39 -21.93
C LYS A 272 -21.30 -7.03 -21.18
N TYR A 273 -20.16 -7.35 -21.78
CA TYR A 273 -18.86 -7.03 -21.20
C TYR A 273 -18.01 -6.13 -22.07
N ASP A 274 -18.42 -5.86 -23.31
CA ASP A 274 -17.61 -5.12 -24.27
C ASP A 274 -18.29 -3.78 -24.54
N PHE A 275 -17.60 -2.69 -24.20
CA PHE A 275 -18.13 -1.33 -24.31
C PHE A 275 -17.21 -0.44 -25.14
N THR A 276 -16.60 -0.99 -26.19
CA THR A 276 -15.68 -0.19 -26.99
C THR A 276 -16.41 0.97 -27.69
N GLU A 277 -17.59 0.68 -28.24
CA GLU A 277 -18.33 1.71 -28.97
C GLU A 277 -18.77 2.84 -28.04
N GLU A 278 -19.21 2.50 -26.83
CA GLU A 278 -19.61 3.53 -25.87
C GLU A 278 -18.44 4.41 -25.49
N ARG A 279 -17.26 3.82 -25.29
CA ARG A 279 -16.09 4.61 -24.96
C ARG A 279 -15.73 5.55 -26.10
N LEU A 280 -15.78 5.07 -27.35
CA LEU A 280 -15.52 5.95 -28.47
C LEU A 280 -16.53 7.09 -28.54
N LYS A 281 -17.80 6.80 -28.28
CA LYS A 281 -18.82 7.85 -28.29
C LYS A 281 -18.53 8.90 -27.23
N LEU A 282 -18.20 8.46 -26.01
CA LEU A 282 -17.90 9.42 -24.94
C LEU A 282 -16.72 10.29 -25.31
N PHE A 283 -15.66 9.68 -25.82
CA PHE A 283 -14.48 10.46 -26.20
C PHE A 283 -14.82 11.47 -27.29
N ASP A 284 -15.58 11.05 -28.30
CA ASP A 284 -15.91 11.97 -29.39
C ASP A 284 -16.91 13.03 -28.96
N ARG A 285 -17.60 12.83 -27.84
CA ARG A 285 -18.53 13.85 -27.37
C ARG A 285 -17.86 14.90 -26.48
N TYR A 286 -16.99 14.49 -25.57
CA TYR A 286 -16.44 15.44 -24.60
C TYR A 286 -15.03 15.91 -24.94
N PHE A 287 -14.24 15.11 -25.66
CA PHE A 287 -12.85 15.43 -25.97
C PHE A 287 -12.63 15.37 -27.47
N LYS A 288 -13.49 16.03 -28.23
CA LYS A 288 -13.46 15.89 -29.69
C LYS A 288 -12.14 16.37 -30.28
N TYR A 289 -11.63 17.51 -29.81
CA TYR A 289 -10.46 18.14 -30.39
C TYR A 289 -9.18 17.83 -29.61
N TRP A 290 -9.08 16.62 -29.06
CA TRP A 290 -7.86 16.14 -28.43
C TRP A 290 -7.07 15.35 -29.47
N ASP A 291 -5.86 15.82 -29.78
CA ASP A 291 -5.14 15.33 -30.95
C ASP A 291 -4.79 13.85 -30.83
N GLN A 292 -4.15 13.46 -29.73
CA GLN A 292 -3.50 12.16 -29.68
C GLN A 292 -4.51 11.03 -29.82
N THR A 293 -4.11 9.98 -30.53
CA THR A 293 -5.00 8.86 -30.78
C THR A 293 -5.32 8.12 -29.48
N TYR A 294 -6.56 7.63 -29.39
CA TYR A 294 -7.06 6.97 -28.19
C TYR A 294 -7.46 5.54 -28.53
N HIS A 295 -6.89 4.59 -27.80
CA HIS A 295 -7.21 3.18 -27.97
C HIS A 295 -8.06 2.71 -26.81
N PRO A 296 -9.34 2.38 -27.01
CA PRO A 296 -10.15 1.90 -25.88
C PRO A 296 -9.55 0.68 -25.18
N ASN A 297 -9.00 -0.25 -25.95
CA ASN A 297 -8.33 -1.43 -25.40
C ASN A 297 -6.83 -1.21 -25.50
N CYS A 298 -6.13 -1.26 -24.37
CA CYS A 298 -4.71 -1.00 -24.33
C CYS A 298 -3.89 -2.14 -24.89
N VAL A 299 -4.51 -3.17 -25.45
CA VAL A 299 -3.75 -4.22 -26.11
C VAL A 299 -3.07 -3.69 -27.36
N ASN A 300 -3.67 -2.69 -28.01
CA ASN A 300 -3.18 -2.14 -29.25
C ASN A 300 -2.24 -0.96 -29.07
N CYS A 301 -2.02 -0.52 -27.83
CA CYS A 301 -1.14 0.62 -27.60
C CYS A 301 0.26 0.32 -28.12
N LEU A 302 1.06 1.38 -28.25
CA LEU A 302 2.34 1.32 -28.94
C LEU A 302 3.53 1.28 -28.00
N ASP A 303 3.57 2.13 -26.98
CA ASP A 303 4.69 2.21 -26.05
C ASP A 303 4.14 2.02 -24.64
N ASP A 304 4.99 2.26 -23.65
CA ASP A 304 4.52 2.40 -22.27
C ASP A 304 4.11 3.84 -21.98
N ARG A 305 4.49 4.79 -22.82
CA ARG A 305 4.01 6.16 -22.72
C ARG A 305 2.63 6.34 -23.35
N CYS A 306 2.14 5.35 -24.09
CA CYS A 306 0.79 5.36 -24.62
C CYS A 306 -0.19 4.62 -23.73
N ILE A 307 0.26 3.61 -23.00
CA ILE A 307 -0.62 2.90 -22.09
C ILE A 307 -1.13 3.83 -21.01
N LEU A 308 -0.26 4.69 -20.46
CA LEU A 308 -0.72 5.66 -19.47
C LEU A 308 -1.73 6.61 -20.08
N HIS A 309 -1.43 7.14 -21.27
CA HIS A 309 -2.32 8.09 -21.91
C HIS A 309 -3.72 7.50 -22.07
N CYS A 310 -3.81 6.27 -22.58
CA CYS A 310 -5.12 5.69 -22.84
C CYS A 310 -5.79 5.17 -21.57
N ALA A 311 -5.02 4.65 -20.62
CA ALA A 311 -5.59 4.18 -19.37
C ALA A 311 -6.17 5.31 -18.56
N ASN A 312 -5.68 6.54 -18.74
CA ASN A 312 -6.31 7.67 -18.08
C ASN A 312 -7.76 7.84 -18.53
N PHE A 313 -7.98 7.86 -19.84
CA PHE A 313 -9.34 7.97 -20.35
C PHE A 313 -10.18 6.75 -19.98
N ASN A 314 -9.59 5.56 -19.97
CA ASN A 314 -10.35 4.38 -19.54
C ASN A 314 -10.76 4.49 -18.08
N VAL A 315 -9.88 4.98 -17.22
CA VAL A 315 -10.25 5.22 -15.82
C VAL A 315 -11.42 6.19 -15.74
N LEU A 316 -11.39 7.25 -16.56
CA LEU A 316 -12.49 8.20 -16.54
C LEU A 316 -13.81 7.57 -17.00
N PHE A 317 -13.76 6.81 -18.09
CA PHE A 317 -14.99 6.31 -18.70
C PHE A 317 -15.55 5.07 -18.04
N SER A 318 -14.76 4.35 -17.24
CA SER A 318 -15.26 3.13 -16.62
C SER A 318 -16.22 3.38 -15.48
N THR A 319 -16.32 4.62 -14.98
CA THR A 319 -17.27 4.92 -13.91
C THR A 319 -18.70 4.97 -14.41
N VAL A 320 -18.91 4.95 -15.73
CA VAL A 320 -20.26 5.05 -16.30
C VAL A 320 -20.93 3.70 -16.51
N PHE A 321 -20.18 2.60 -16.40
CA PHE A 321 -20.64 1.28 -16.80
C PHE A 321 -20.89 0.40 -15.57
N PRO A 322 -21.76 -0.61 -15.70
CA PRO A 322 -22.17 -1.39 -14.53
C PRO A 322 -20.98 -2.10 -13.89
N PRO A 323 -20.96 -2.21 -12.55
CA PRO A 323 -19.80 -2.86 -11.90
C PRO A 323 -19.74 -4.37 -12.06
N THR A 324 -20.78 -5.01 -12.57
CA THR A 324 -20.81 -6.46 -12.69
C THR A 324 -20.17 -6.96 -13.99
N SER A 325 -19.69 -6.07 -14.84
CA SER A 325 -19.12 -6.45 -16.12
C SER A 325 -17.60 -6.46 -16.12
N PHE A 326 -16.96 -6.17 -14.99
CA PHE A 326 -15.51 -6.18 -14.88
C PHE A 326 -15.07 -7.41 -14.10
N GLY A 327 -14.05 -8.10 -14.58
CA GLY A 327 -13.54 -9.28 -13.95
C GLY A 327 -13.22 -10.36 -14.94
N PRO A 328 -12.91 -11.56 -14.48
CA PRO A 328 -12.61 -12.66 -15.40
C PRO A 328 -13.76 -12.92 -16.34
N LEU A 329 -13.44 -13.24 -17.60
CA LEU A 329 -14.42 -13.63 -18.59
C LEU A 329 -14.42 -15.15 -18.69
N VAL A 330 -15.58 -15.75 -18.47
CA VAL A 330 -15.69 -17.20 -18.31
C VAL A 330 -16.12 -17.82 -19.62
N ARG A 331 -15.65 -19.04 -19.87
CA ARG A 331 -16.00 -19.81 -21.05
C ARG A 331 -16.07 -21.27 -20.66
N LYS A 332 -16.85 -22.04 -21.41
CA LYS A 332 -17.07 -23.44 -21.13
C LYS A 332 -16.23 -24.30 -22.08
N ILE A 333 -15.40 -25.17 -21.51
CA ILE A 333 -14.55 -26.06 -22.27
C ILE A 333 -14.93 -27.50 -21.95
N PHE A 334 -14.34 -28.46 -22.65
CA PHE A 334 -14.60 -29.88 -22.42
C PHE A 334 -13.28 -30.59 -22.18
N VAL A 335 -13.18 -31.32 -21.09
CA VAL A 335 -12.04 -32.19 -20.82
C VAL A 335 -12.57 -33.58 -20.51
N ASP A 336 -12.05 -34.59 -21.22
CA ASP A 336 -12.57 -35.95 -21.11
C ASP A 336 -14.06 -35.99 -21.39
N GLY A 337 -14.55 -35.07 -22.21
CA GLY A 337 -15.96 -35.00 -22.51
C GLY A 337 -16.83 -34.51 -21.38
N VAL A 338 -16.26 -33.84 -20.38
CA VAL A 338 -17.00 -33.29 -19.26
C VAL A 338 -16.83 -31.77 -19.29
N PRO A 339 -17.88 -30.98 -19.03
CA PRO A 339 -17.73 -29.53 -19.12
C PRO A 339 -16.97 -28.93 -17.94
N PHE A 340 -16.23 -27.85 -18.25
CA PHE A 340 -15.49 -27.06 -17.29
C PHE A 340 -15.80 -25.59 -17.54
N VAL A 341 -15.69 -24.77 -16.51
CA VAL A 341 -15.81 -23.32 -16.63
C VAL A 341 -14.46 -22.71 -16.29
N VAL A 342 -13.85 -22.01 -17.24
CA VAL A 342 -12.50 -21.51 -17.08
C VAL A 342 -12.43 -20.07 -17.59
N SER A 343 -11.51 -19.31 -17.03
CA SER A 343 -11.29 -17.93 -17.44
C SER A 343 -10.50 -17.89 -18.74
N THR A 344 -10.98 -17.11 -19.71
CA THR A 344 -10.33 -16.95 -20.99
C THR A 344 -10.31 -15.48 -21.39
N GLY A 345 -9.98 -14.60 -20.45
CA GLY A 345 -9.94 -13.18 -20.73
C GLY A 345 -9.99 -12.40 -19.43
N TYR A 346 -10.18 -11.10 -19.57
CA TYR A 346 -10.31 -10.20 -18.42
C TYR A 346 -10.72 -8.83 -18.92
N HIS A 347 -11.60 -8.17 -18.18
CA HIS A 347 -12.11 -6.85 -18.53
C HIS A 347 -11.64 -5.88 -17.45
N PHE A 348 -10.51 -5.21 -17.72
CA PHE A 348 -9.92 -4.26 -16.79
C PHE A 348 -10.61 -2.91 -16.91
N ARG A 349 -10.92 -2.30 -15.76
CA ARG A 349 -11.51 -0.97 -15.76
C ARG A 349 -10.56 0.08 -16.31
N GLU A 350 -9.27 -0.26 -16.42
CA GLU A 350 -8.25 0.68 -16.88
C GLU A 350 -7.55 0.23 -18.15
N LEU A 351 -7.67 -1.04 -18.55
CA LEU A 351 -6.98 -1.56 -19.72
C LEU A 351 -7.90 -2.18 -20.75
N GLY A 352 -9.22 -2.23 -20.52
CA GLY A 352 -10.12 -2.75 -21.52
C GLY A 352 -10.21 -4.27 -21.51
N VAL A 353 -10.61 -4.82 -22.66
CA VAL A 353 -10.86 -6.24 -22.79
C VAL A 353 -9.60 -6.93 -23.30
N VAL A 354 -9.23 -8.04 -22.65
CA VAL A 354 -8.06 -8.83 -23.05
C VAL A 354 -8.50 -10.28 -23.17
N HIS A 355 -8.12 -10.92 -24.29
CA HIS A 355 -8.48 -12.31 -24.56
C HIS A 355 -7.21 -13.15 -24.60
N ASN A 356 -7.23 -14.29 -23.92
CA ASN A 356 -6.09 -15.20 -23.93
C ASN A 356 -5.85 -15.71 -25.35
N GLN A 357 -4.56 -15.90 -25.69
CA GLN A 357 -4.18 -16.37 -27.01
C GLN A 357 -4.12 -17.89 -27.11
N ASP A 358 -3.98 -18.59 -25.98
CA ASP A 358 -3.90 -20.04 -25.94
C ASP A 358 -5.11 -20.57 -25.19
N VAL A 359 -6.22 -20.74 -25.91
CA VAL A 359 -7.44 -21.31 -25.37
C VAL A 359 -7.69 -22.62 -26.10
N ASN A 360 -7.74 -23.72 -25.34
CA ASN A 360 -7.82 -25.05 -25.91
C ASN A 360 -9.10 -25.72 -25.43
N LEU A 361 -10.06 -25.86 -26.34
CA LEU A 361 -11.26 -26.64 -26.07
C LEU A 361 -11.01 -28.11 -26.41
N HIS A 362 -11.83 -28.98 -25.84
CA HIS A 362 -11.73 -30.43 -26.06
C HIS A 362 -10.34 -30.95 -25.68
N SER A 363 -10.03 -30.83 -24.39
CA SER A 363 -8.80 -31.41 -23.87
C SER A 363 -9.00 -32.90 -23.57
N SER A 364 -7.87 -33.60 -23.41
CA SER A 364 -7.89 -35.03 -23.16
C SER A 364 -7.44 -35.37 -21.75
N ARG A 365 -6.25 -34.91 -21.34
CA ARG A 365 -5.77 -35.10 -19.99
C ARG A 365 -4.96 -33.87 -19.58
N LEU A 366 -4.96 -33.57 -18.28
CA LEU A 366 -4.31 -32.40 -17.74
C LEU A 366 -3.05 -32.80 -16.99
N SER A 367 -1.97 -32.04 -17.19
CA SER A 367 -0.71 -32.27 -16.50
C SER A 367 -0.68 -31.42 -15.22
N PHE A 368 0.46 -31.40 -14.54
CA PHE A 368 0.57 -30.65 -13.31
C PHE A 368 0.37 -29.15 -13.55
N LYS A 369 0.92 -28.62 -14.63
CA LYS A 369 0.77 -27.20 -14.93
C LYS A 369 -0.68 -26.84 -15.17
N GLU A 370 -1.39 -27.65 -15.96
CA GLU A 370 -2.80 -27.36 -16.24
C GLU A 370 -3.64 -27.45 -14.98
N LEU A 371 -3.39 -28.44 -14.13
CA LEU A 371 -4.12 -28.54 -12.87
C LEU A 371 -3.85 -27.33 -11.99
N LEU A 372 -2.58 -26.89 -11.91
CA LEU A 372 -2.27 -25.70 -11.13
C LEU A 372 -3.03 -24.49 -11.65
N VAL A 373 -3.01 -24.27 -12.97
CA VAL A 373 -3.65 -23.09 -13.53
C VAL A 373 -5.16 -23.13 -13.30
N TYR A 374 -5.79 -24.29 -13.50
CA TYR A 374 -7.23 -24.37 -13.37
C TYR A 374 -7.67 -24.30 -11.91
N ALA A 375 -6.86 -24.82 -10.98
CA ALA A 375 -7.21 -24.73 -9.57
C ALA A 375 -6.91 -23.37 -8.97
N ALA A 376 -6.03 -22.59 -9.60
CA ALA A 376 -5.69 -21.27 -9.06
C ALA A 376 -6.76 -20.22 -9.31
N ASP A 377 -7.41 -20.26 -10.47
CA ASP A 377 -8.29 -19.18 -10.86
C ASP A 377 -9.64 -19.29 -10.15
N PRO A 378 -10.36 -18.17 -9.99
CA PRO A 378 -11.62 -18.19 -9.24
C PRO A 378 -12.84 -18.58 -10.06
N ALA A 379 -12.66 -19.17 -11.24
CA ALA A 379 -13.80 -19.49 -12.09
C ALA A 379 -14.73 -20.48 -11.41
N MET A 380 -14.24 -21.70 -11.15
CA MET A 380 -15.07 -22.75 -10.60
C MET A 380 -15.22 -22.69 -9.09
N HIS A 381 -14.42 -21.87 -8.40
CA HIS A 381 -14.68 -21.63 -6.99
C HIS A 381 -15.90 -20.73 -6.79
N ALA A 382 -16.07 -19.75 -7.68
CA ALA A 382 -17.22 -18.86 -7.58
C ALA A 382 -18.44 -19.44 -8.27
N ALA A 383 -18.25 -20.14 -9.39
CA ALA A 383 -19.39 -20.73 -10.07
C ALA A 383 -20.11 -21.75 -9.20
N SER A 384 -19.35 -22.58 -8.49
CA SER A 384 -19.91 -23.61 -7.61
C SER A 384 -19.97 -23.11 -6.16
N GLY A 385 -20.69 -22.01 -5.96
CA GLY A 385 -20.80 -21.43 -4.64
C GLY A 385 -22.06 -20.62 -4.50
N ASN A 386 -22.51 -20.47 -3.26
CA ASN A 386 -23.75 -19.75 -2.98
C ASN A 386 -23.60 -18.27 -3.33
N LEU A 387 -24.75 -17.62 -3.51
CA LEU A 387 -24.76 -16.17 -3.66
C LEU A 387 -24.64 -15.52 -2.29
N LEU A 388 -24.03 -14.34 -2.26
CA LEU A 388 -23.75 -13.64 -1.01
C LEU A 388 -24.23 -12.21 -1.10
N LEU A 389 -24.86 -11.74 -0.02
CA LEU A 389 -25.25 -10.34 0.15
C LEU A 389 -24.81 -9.92 1.55
N ASP A 390 -23.58 -9.40 1.64
CA ASP A 390 -22.99 -9.02 2.92
C ASP A 390 -23.25 -7.53 3.14
N LYS A 391 -24.07 -7.21 4.13
CA LYS A 391 -24.46 -5.83 4.41
C LYS A 391 -23.51 -5.13 5.36
N ARG A 392 -22.48 -5.80 5.85
CA ARG A 392 -21.52 -5.18 6.75
C ARG A 392 -20.49 -4.34 6.02
N THR A 393 -20.38 -4.47 4.70
CA THR A 393 -19.36 -3.77 3.93
C THR A 393 -19.99 -3.26 2.64
N THR A 394 -19.36 -2.22 2.07
CA THR A 394 -19.83 -1.60 0.85
C THR A 394 -19.08 -2.09 -0.39
N CYS A 395 -18.33 -3.17 -0.27
CA CYS A 395 -17.52 -3.70 -1.36
C CYS A 395 -18.29 -4.80 -2.08
N PHE A 396 -18.19 -4.79 -3.41
CA PHE A 396 -18.87 -5.77 -4.24
C PHE A 396 -18.53 -7.18 -3.79
N SER A 397 -19.51 -7.91 -3.27
CA SER A 397 -19.30 -9.26 -2.78
C SER A 397 -19.69 -10.25 -3.86
N VAL A 398 -18.80 -11.19 -4.15
CA VAL A 398 -19.00 -12.12 -5.26
C VAL A 398 -19.78 -13.34 -4.77
N ALA A 399 -19.23 -14.09 -3.84
CA ALA A 399 -19.85 -15.38 -3.52
C ALA A 399 -19.44 -15.86 -2.14
N ALA A 400 -20.10 -16.94 -1.72
CA ALA A 400 -19.83 -17.60 -0.45
C ALA A 400 -19.49 -19.06 -0.74
N LEU A 401 -18.28 -19.48 -0.35
CA LEU A 401 -17.78 -20.79 -0.72
C LEU A 401 -18.20 -21.91 0.23
N THR A 402 -18.83 -21.59 1.35
CA THR A 402 -19.29 -22.62 2.28
C THR A 402 -20.69 -22.23 2.74
N ASN A 403 -21.20 -22.95 3.74
CA ASN A 403 -22.50 -22.67 4.33
C ASN A 403 -22.39 -21.95 5.66
N ASN A 404 -21.22 -21.39 5.98
CA ASN A 404 -21.01 -20.69 7.24
C ASN A 404 -20.16 -19.45 6.98
N VAL A 405 -20.20 -18.54 7.95
CA VAL A 405 -19.36 -17.35 7.96
C VAL A 405 -18.40 -17.47 9.14
N ALA A 406 -17.12 -17.26 8.88
CA ALA A 406 -16.09 -17.43 9.90
C ALA A 406 -15.81 -16.11 10.60
N PHE A 407 -15.66 -16.18 11.92
CA PHE A 407 -15.38 -15.02 12.75
C PHE A 407 -14.06 -15.27 13.49
N GLN A 408 -13.00 -14.61 13.03
CA GLN A 408 -11.67 -14.81 13.58
C GLN A 408 -11.36 -13.75 14.63
N THR A 409 -10.71 -14.16 15.71
CA THR A 409 -10.39 -13.29 16.83
C THR A 409 -8.89 -13.33 17.10
N VAL A 410 -8.41 -12.27 17.74
CA VAL A 410 -7.00 -12.16 18.15
C VAL A 410 -6.93 -12.33 19.66
N LYS A 411 -5.84 -12.91 20.14
CA LYS A 411 -5.71 -13.28 21.54
C LYS A 411 -4.98 -12.22 22.33
N PRO A 412 -5.12 -12.23 23.66
CA PRO A 412 -4.59 -11.11 24.46
C PRO A 412 -3.09 -10.93 24.37
N GLY A 413 -2.31 -11.98 24.64
CA GLY A 413 -0.87 -11.85 24.74
C GLY A 413 -0.37 -12.29 26.09
N ASN A 414 0.86 -12.79 26.18
CA ASN A 414 1.37 -13.40 27.40
C ASN A 414 2.21 -12.40 28.19
N PHE A 415 2.36 -12.69 29.48
CA PHE A 415 3.01 -11.79 30.43
C PHE A 415 4.22 -12.51 31.04
N ASN A 416 5.39 -11.89 30.91
CA ASN A 416 6.63 -12.44 31.47
C ASN A 416 6.84 -11.76 32.82
N LYS A 417 6.41 -12.45 33.88
CA LYS A 417 6.35 -11.81 35.20
C LYS A 417 7.72 -11.67 35.84
N ASP A 418 8.64 -12.59 35.56
CA ASP A 418 9.95 -12.54 36.20
C ASP A 418 10.73 -11.30 35.77
N PHE A 419 10.73 -11.01 34.46
CA PHE A 419 11.44 -9.83 33.98
C PHE A 419 10.81 -8.56 34.52
N TYR A 420 9.48 -8.51 34.59
CA TYR A 420 8.80 -7.35 35.14
C TYR A 420 9.18 -7.14 36.61
N ASP A 421 9.23 -8.22 37.38
CA ASP A 421 9.62 -8.11 38.78
C ASP A 421 11.06 -7.64 38.91
N PHE A 422 11.96 -8.16 38.07
CA PHE A 422 13.35 -7.72 38.11
C PHE A 422 13.45 -6.23 37.81
N ALA A 423 12.77 -5.77 36.75
CA ALA A 423 12.78 -4.36 36.41
C ALA A 423 12.24 -3.51 37.56
N VAL A 424 11.13 -3.94 38.17
CA VAL A 424 10.57 -3.18 39.28
C VAL A 424 11.55 -3.09 40.43
N SER A 425 12.23 -4.20 40.74
CA SER A 425 13.26 -4.17 41.77
C SER A 425 14.44 -3.28 41.40
N LYS A 426 14.65 -3.01 40.12
CA LYS A 426 15.70 -2.11 39.68
C LYS A 426 15.24 -0.65 39.64
N GLY A 427 14.05 -0.35 40.14
CA GLY A 427 13.57 1.01 40.19
C GLY A 427 12.91 1.50 38.92
N PHE A 428 12.22 0.62 38.20
CA PHE A 428 11.53 0.97 36.97
C PHE A 428 10.03 1.13 37.22
N PHE A 429 9.35 1.68 36.21
CA PHE A 429 7.89 1.76 36.19
C PHE A 429 7.35 2.46 37.43
N LYS A 430 8.03 3.52 37.86
CA LYS A 430 7.55 4.33 38.96
C LYS A 430 6.60 5.40 38.43
N GLU A 431 6.09 6.24 39.34
CA GLU A 431 5.19 7.32 38.99
C GLU A 431 6.00 8.57 38.66
N GLY A 432 5.88 9.05 37.43
CA GLY A 432 6.60 10.24 37.01
C GLY A 432 7.91 9.99 36.28
N SER A 433 8.18 8.74 35.87
CA SER A 433 9.37 8.44 35.10
C SER A 433 9.14 8.72 33.62
N SER A 434 10.23 8.98 32.90
CA SER A 434 10.14 9.29 31.48
C SER A 434 10.06 8.06 30.60
N VAL A 435 10.34 6.87 31.13
CA VAL A 435 10.27 5.62 30.38
C VAL A 435 9.20 4.75 31.02
N GLU A 436 8.26 4.28 30.20
CA GLU A 436 7.09 3.55 30.69
C GLU A 436 6.65 2.54 29.65
N LEU A 437 5.46 1.98 29.82
CA LEU A 437 4.92 0.97 28.89
C LEU A 437 3.85 1.59 28.02
N LYS A 438 4.01 1.48 26.70
CA LYS A 438 3.01 1.93 25.75
C LYS A 438 2.70 0.91 24.66
N HIS A 439 3.52 -0.12 24.48
CA HIS A 439 3.33 -1.13 23.46
C HIS A 439 2.82 -2.40 24.12
N PHE A 440 1.61 -2.83 23.74
CA PHE A 440 0.98 -4.02 24.28
C PHE A 440 0.47 -4.87 23.13
N PHE A 441 0.03 -6.08 23.47
CA PHE A 441 -0.74 -6.91 22.55
C PHE A 441 -2.22 -6.60 22.74
N PHE A 442 -2.86 -6.08 21.71
CA PHE A 442 -4.27 -5.73 21.76
C PHE A 442 -5.12 -6.85 21.19
N ALA A 443 -6.24 -7.14 21.84
CA ALA A 443 -7.13 -8.21 21.43
C ALA A 443 -8.22 -7.67 20.52
N GLN A 444 -8.82 -8.57 19.75
CA GLN A 444 -9.85 -8.22 18.78
C GLN A 444 -10.98 -9.23 18.83
N ASP A 445 -12.17 -8.78 18.45
CA ASP A 445 -13.36 -9.62 18.44
C ASP A 445 -13.58 -10.18 17.03
N GLY A 446 -14.74 -10.81 16.82
CA GLY A 446 -14.98 -11.51 15.57
C GLY A 446 -15.14 -10.61 14.37
N ASN A 447 -15.52 -9.35 14.58
CA ASN A 447 -15.78 -8.42 13.49
C ASN A 447 -14.54 -7.62 13.09
N ALA A 448 -13.34 -8.07 13.47
CA ALA A 448 -12.14 -7.31 13.16
C ALA A 448 -11.76 -7.43 11.68
N ALA A 449 -11.80 -8.65 11.14
CA ALA A 449 -11.27 -8.90 9.81
C ALA A 449 -12.08 -8.26 8.70
N ILE A 450 -13.37 -7.99 8.92
CA ILE A 450 -14.22 -7.43 7.89
C ILE A 450 -14.23 -5.92 8.03
N SER A 451 -14.20 -5.43 9.27
CA SER A 451 -14.09 -3.99 9.48
C SER A 451 -12.75 -3.47 8.96
N ASP A 452 -11.69 -4.27 9.06
CA ASP A 452 -10.42 -3.87 8.47
C ASP A 452 -10.49 -3.84 6.96
N TYR A 453 -11.15 -4.84 6.36
CA TYR A 453 -11.30 -4.87 4.91
C TYR A 453 -12.15 -3.72 4.39
N ASP A 454 -13.09 -3.25 5.18
CA ASP A 454 -13.97 -2.16 4.77
C ASP A 454 -13.25 -0.81 4.67
N TYR A 455 -11.93 -0.77 4.87
CA TYR A 455 -11.18 0.46 4.67
C TYR A 455 -10.78 0.69 3.22
N TYR A 456 -11.12 -0.23 2.33
CA TYR A 456 -10.93 -0.01 0.90
C TYR A 456 -11.97 0.95 0.32
N ARG A 457 -12.78 1.58 1.16
CA ARG A 457 -13.67 2.64 0.73
C ARG A 457 -12.95 3.98 0.58
N TYR A 458 -11.67 4.04 0.95
CA TYR A 458 -10.85 5.23 0.74
C TYR A 458 -10.17 5.24 -0.62
N ASN A 459 -10.27 4.15 -1.39
CA ASN A 459 -9.70 4.10 -2.74
C ASN A 459 -10.78 4.55 -3.71
N LEU A 460 -10.55 5.69 -4.37
CA LEU A 460 -11.50 6.27 -5.29
C LEU A 460 -10.91 6.35 -6.69
N PRO A 461 -11.74 6.36 -7.73
CA PRO A 461 -11.21 6.51 -9.09
C PRO A 461 -10.57 7.88 -9.30
N THR A 462 -9.26 7.92 -9.51
CA THR A 462 -8.51 9.16 -9.62
C THR A 462 -7.93 9.28 -11.02
N MET A 463 -8.50 10.20 -11.81
CA MET A 463 -7.91 10.59 -13.08
C MET A 463 -6.77 11.57 -12.84
N CYS A 464 -5.71 11.45 -13.63
CA CYS A 464 -4.49 12.20 -13.41
C CYS A 464 -4.25 13.18 -14.55
N ASP A 465 -3.61 14.31 -14.24
CA ASP A 465 -3.09 15.21 -15.25
C ASP A 465 -2.04 14.47 -16.06
N ILE A 466 -2.31 14.24 -17.35
CA ILE A 466 -1.48 13.31 -18.10
C ILE A 466 -0.23 13.98 -18.65
N ARG A 467 -0.34 15.22 -19.12
CA ARG A 467 0.83 15.90 -19.65
C ARG A 467 1.90 16.12 -18.59
N GLN A 468 1.50 16.18 -17.32
CA GLN A 468 2.46 16.31 -16.22
C GLN A 468 3.00 14.95 -15.79
N LEU A 469 2.14 13.94 -15.77
CA LEU A 469 2.57 12.60 -15.38
C LEU A 469 3.56 12.05 -16.39
N LEU A 470 3.39 12.34 -17.67
CA LEU A 470 4.30 11.84 -18.69
C LEU A 470 5.69 12.47 -18.59
N PHE A 471 5.83 13.61 -17.90
CA PHE A 471 7.13 14.19 -17.62
C PHE A 471 7.70 13.68 -16.31
N VAL A 472 6.85 13.54 -15.30
CA VAL A 472 7.31 13.00 -14.02
C VAL A 472 7.81 11.58 -14.18
N VAL A 473 7.23 10.82 -15.12
CA VAL A 473 7.68 9.45 -15.33
C VAL A 473 9.10 9.43 -15.91
N GLU A 474 9.39 10.37 -16.81
CA GLU A 474 10.74 10.42 -17.37
C GLU A 474 11.76 10.91 -16.36
N VAL A 475 11.36 11.84 -15.48
CA VAL A 475 12.29 12.28 -14.45
C VAL A 475 12.45 11.24 -13.34
N VAL A 476 11.48 10.34 -13.17
CA VAL A 476 11.58 9.27 -12.17
C VAL A 476 12.39 8.08 -12.68
N ASP A 477 12.51 7.90 -13.99
CA ASP A 477 13.26 6.79 -14.55
C ASP A 477 14.76 7.04 -14.50
N LYS A 478 15.19 8.25 -14.14
CA LYS A 478 16.61 8.52 -13.94
C LYS A 478 17.09 8.17 -12.55
N TYR A 479 16.19 8.09 -11.57
CA TYR A 479 16.55 7.59 -10.26
C TYR A 479 16.79 6.08 -10.28
N PHE A 480 16.30 5.39 -11.31
CA PHE A 480 16.57 3.97 -11.53
C PHE A 480 17.27 3.84 -12.88
N ASP A 481 18.58 4.01 -12.89
CA ASP A 481 19.37 3.78 -14.09
C ASP A 481 20.77 3.27 -13.78
N CYS A 482 21.12 3.07 -12.51
CA CYS A 482 22.38 2.47 -12.11
C CYS A 482 22.25 0.97 -11.84
N TYR A 483 21.07 0.40 -12.06
CA TYR A 483 20.81 -1.00 -11.82
C TYR A 483 20.72 -1.75 -13.14
N ASP A 484 20.60 -3.07 -13.05
CA ASP A 484 20.42 -3.92 -14.21
C ASP A 484 19.30 -4.91 -13.95
N GLY A 485 18.60 -5.30 -15.01
CA GLY A 485 17.46 -6.18 -14.88
C GLY A 485 17.24 -7.04 -16.10
N GLY A 486 16.18 -7.83 -16.08
CA GLY A 486 15.87 -8.76 -17.15
C GLY A 486 15.25 -10.01 -16.56
N CYS A 487 15.10 -11.01 -17.41
CA CYS A 487 14.48 -12.28 -17.02
C CYS A 487 15.56 -13.31 -16.69
N ILE A 488 15.26 -14.15 -15.70
CA ILE A 488 16.16 -15.24 -15.32
C ILE A 488 15.44 -16.56 -15.54
N ASN A 489 16.13 -17.67 -15.33
CA ASN A 489 15.55 -18.99 -15.47
C ASN A 489 15.13 -19.53 -14.10
N ALA A 490 14.43 -20.65 -14.12
CA ALA A 490 14.00 -21.28 -12.87
C ALA A 490 15.17 -21.77 -12.04
N ASN A 491 16.36 -21.88 -12.64
CA ASN A 491 17.54 -22.30 -11.89
C ASN A 491 18.10 -21.18 -11.03
N GLN A 492 17.98 -19.94 -11.49
CA GLN A 492 18.65 -18.80 -10.87
C GLN A 492 17.79 -18.10 -9.83
N VAL A 493 16.58 -18.60 -9.57
CA VAL A 493 15.70 -17.96 -8.60
C VAL A 493 16.07 -18.41 -7.20
N ILE A 494 16.08 -17.46 -6.27
CA ILE A 494 16.39 -17.71 -4.86
C ILE A 494 15.12 -17.53 -4.05
N VAL A 495 14.79 -18.51 -3.23
CA VAL A 495 13.63 -18.48 -2.36
C VAL A 495 14.12 -18.59 -0.93
N ASN A 496 13.89 -17.55 -0.12
CA ASN A 496 14.45 -17.50 1.22
C ASN A 496 13.81 -18.55 2.12
N ASN A 497 12.50 -18.45 2.34
CA ASN A 497 11.77 -19.36 3.20
C ASN A 497 10.83 -20.21 2.35
N LEU A 498 11.00 -21.53 2.42
CA LEU A 498 10.14 -22.46 1.71
C LEU A 498 9.12 -23.14 2.63
N ASP A 499 9.01 -22.69 3.87
CA ASP A 499 8.01 -23.21 4.80
C ASP A 499 6.86 -22.22 5.01
N LYS A 500 6.63 -21.33 4.06
CA LYS A 500 5.56 -20.35 4.13
C LYS A 500 4.35 -20.85 3.35
N SER A 501 3.20 -20.24 3.63
CA SER A 501 1.95 -20.67 3.04
C SER A 501 1.92 -20.39 1.54
N ALA A 502 1.09 -21.15 0.83
CA ALA A 502 0.99 -21.06 -0.62
C ALA A 502 -0.37 -20.49 -1.06
N GLY A 503 -0.98 -19.65 -0.23
CA GLY A 503 -2.22 -19.02 -0.64
C GLY A 503 -3.38 -19.99 -0.64
N PHE A 504 -4.39 -19.67 -1.47
CA PHE A 504 -5.61 -20.44 -1.58
C PHE A 504 -5.83 -20.84 -3.04
N PRO A 505 -6.26 -22.07 -3.32
CA PRO A 505 -6.60 -23.18 -2.41
C PRO A 505 -5.41 -24.05 -2.04
N PHE A 506 -4.21 -23.65 -2.44
CA PHE A 506 -3.03 -24.50 -2.31
C PHE A 506 -2.62 -24.75 -0.87
N ASN A 507 -3.15 -24.01 0.10
CA ASN A 507 -2.77 -24.19 1.49
C ASN A 507 -3.48 -25.37 2.13
N LYS A 508 -4.38 -26.05 1.42
CA LYS A 508 -5.06 -27.22 1.92
C LYS A 508 -4.29 -28.51 1.64
N TRP A 509 -3.15 -28.44 0.96
CA TRP A 509 -2.39 -29.62 0.60
C TRP A 509 -0.92 -29.55 0.99
N GLY A 510 -0.36 -28.38 1.27
CA GLY A 510 1.02 -28.29 1.67
C GLY A 510 1.48 -26.84 1.72
N LYS A 511 2.78 -26.69 1.95
CA LYS A 511 3.44 -25.40 2.03
C LYS A 511 4.06 -25.05 0.68
N ALA A 512 4.74 -23.91 0.63
CA ALA A 512 5.39 -23.50 -0.61
C ALA A 512 6.48 -24.47 -1.05
N ARG A 513 6.97 -25.31 -0.15
CA ARG A 513 7.97 -26.31 -0.50
C ARG A 513 7.38 -27.41 -1.35
N LEU A 514 6.10 -27.74 -1.14
CA LEU A 514 5.49 -28.85 -1.86
C LEU A 514 5.41 -28.62 -3.35
N TYR A 515 5.39 -27.36 -3.79
CA TYR A 515 5.21 -27.05 -5.20
C TYR A 515 6.51 -26.68 -5.90
N TYR A 516 7.54 -26.29 -5.16
CA TYR A 516 8.85 -26.07 -5.77
C TYR A 516 9.63 -27.36 -5.98
N ASP A 517 9.35 -28.40 -5.20
CA ASP A 517 10.02 -29.68 -5.38
C ASP A 517 9.22 -30.67 -6.20
N SER A 518 7.91 -30.46 -6.34
CA SER A 518 7.07 -31.28 -7.19
C SER A 518 7.02 -30.78 -8.62
N MET A 519 7.76 -29.72 -8.93
CA MET A 519 7.65 -29.02 -10.21
C MET A 519 9.06 -28.81 -10.75
N SER A 520 9.43 -29.59 -11.77
CA SER A 520 10.77 -29.49 -12.33
C SER A 520 10.99 -28.10 -12.91
N TYR A 521 12.24 -27.83 -13.29
CA TYR A 521 12.57 -26.55 -13.89
C TYR A 521 11.87 -26.33 -15.23
N GLU A 522 11.70 -27.40 -16.01
CA GLU A 522 10.93 -27.28 -17.25
C GLU A 522 9.49 -26.86 -16.98
N ASP A 523 8.86 -27.42 -15.94
CA ASP A 523 7.49 -27.03 -15.63
C ASP A 523 7.39 -25.56 -15.25
N GLN A 524 8.32 -25.08 -14.41
CA GLN A 524 8.28 -23.69 -13.99
C GLN A 524 8.53 -22.76 -15.16
N ASP A 525 9.52 -23.07 -16.00
CA ASP A 525 9.77 -22.27 -17.19
C ASP A 525 8.60 -22.27 -18.15
N ALA A 526 7.93 -23.40 -18.33
CA ALA A 526 6.74 -23.46 -19.17
C ALA A 526 5.60 -22.62 -18.61
N LEU A 527 5.38 -22.64 -17.29
CA LEU A 527 4.36 -21.79 -16.70
C LEU A 527 4.69 -20.32 -16.90
N PHE A 528 5.95 -19.94 -16.70
CA PHE A 528 6.34 -18.55 -16.91
C PHE A 528 6.14 -18.13 -18.36
N ALA A 529 6.48 -19.00 -19.31
CA ALA A 529 6.25 -18.70 -20.71
C ALA A 529 4.76 -18.60 -21.02
N TYR A 530 3.94 -19.42 -20.35
CA TYR A 530 2.50 -19.36 -20.55
C TYR A 530 1.94 -18.02 -20.10
N THR A 531 2.44 -17.48 -18.99
CA THR A 531 1.89 -16.22 -18.50
C THR A 531 2.18 -15.03 -19.40
N LYS A 532 3.06 -15.17 -20.39
CA LYS A 532 3.41 -14.06 -21.27
C LYS A 532 2.45 -13.89 -22.43
N ARG A 533 1.51 -14.81 -22.63
CA ARG A 533 0.50 -14.65 -23.67
C ARG A 533 -0.88 -15.08 -23.18
N ASN A 534 -1.11 -15.05 -21.86
CA ASN A 534 -2.39 -15.38 -21.27
C ASN A 534 -2.49 -14.69 -19.92
N VAL A 535 -3.71 -14.57 -19.42
CA VAL A 535 -3.99 -13.91 -18.15
C VAL A 535 -4.49 -14.98 -17.17
N ILE A 536 -3.85 -15.05 -16.00
CA ILE A 536 -4.19 -16.02 -14.97
C ILE A 536 -4.64 -15.26 -13.73
N PRO A 537 -5.95 -15.16 -13.49
CA PRO A 537 -6.42 -14.58 -12.24
C PRO A 537 -6.13 -15.51 -11.07
N THR A 538 -5.99 -14.92 -9.88
CA THR A 538 -5.73 -15.68 -8.67
C THR A 538 -6.53 -15.06 -7.52
N ILE A 539 -6.42 -15.67 -6.35
CA ILE A 539 -7.14 -15.27 -5.15
C ILE A 539 -6.13 -15.00 -4.04
N THR A 540 -6.30 -13.89 -3.33
CA THR A 540 -5.47 -13.57 -2.18
C THR A 540 -6.29 -13.69 -0.90
N GLN A 541 -5.65 -14.20 0.14
CA GLN A 541 -6.31 -14.50 1.41
C GLN A 541 -5.89 -13.48 2.45
N MET A 542 -6.86 -12.89 3.14
CA MET A 542 -6.58 -11.89 4.17
C MET A 542 -6.48 -12.57 5.52
N ASN A 543 -5.40 -12.27 6.25
CA ASN A 543 -5.17 -12.86 7.57
C ASN A 543 -4.86 -11.75 8.56
N LEU A 544 -5.11 -12.01 9.84
CA LEU A 544 -4.89 -11.06 10.91
C LEU A 544 -3.51 -11.29 11.53
N LYS A 545 -2.92 -10.21 12.04
CA LYS A 545 -1.59 -10.26 12.62
C LYS A 545 -1.64 -10.35 14.13
N TYR A 546 -0.58 -10.92 14.71
CA TYR A 546 -0.44 -11.11 16.16
C TYR A 546 0.92 -10.51 16.52
N ALA A 547 0.94 -9.22 16.83
CA ALA A 547 2.19 -8.51 17.04
C ALA A 547 1.97 -7.37 18.02
N ILE A 548 3.08 -6.84 18.54
CA ILE A 548 3.05 -5.75 19.51
C ILE A 548 2.89 -4.43 18.77
N SER A 549 2.13 -3.51 19.37
CA SER A 549 1.90 -2.22 18.76
C SER A 549 1.45 -1.24 19.83
N ALA A 550 1.43 0.04 19.47
CA ALA A 550 0.97 1.11 20.35
C ALA A 550 -0.43 1.58 20.01
N LYS A 551 -1.15 0.85 19.16
CA LYS A 551 -2.45 1.28 18.67
C LYS A 551 -3.44 0.13 18.73
N ASN A 552 -4.71 0.51 18.84
CA ASN A 552 -5.81 -0.39 19.15
C ASN A 552 -6.44 -0.93 17.86
N ARG A 553 -5.83 -0.61 16.72
CA ARG A 553 -6.32 -1.00 15.41
C ARG A 553 -5.74 -2.33 14.98
N ALA A 554 -6.59 -3.19 14.43
CA ALA A 554 -6.17 -4.48 13.89
C ALA A 554 -5.28 -4.28 12.67
N ARG A 555 -4.55 -5.33 12.32
CA ARG A 555 -3.64 -5.31 11.18
CA ARG A 555 -3.65 -5.30 11.17
C ARG A 555 -3.87 -6.56 10.36
N THR A 556 -3.97 -6.40 9.04
CA THR A 556 -4.18 -7.52 8.12
C THR A 556 -3.05 -7.61 7.13
N VAL A 557 -2.84 -8.82 6.62
CA VAL A 557 -1.83 -9.11 5.61
C VAL A 557 -2.49 -9.95 4.53
N ALA A 558 -2.06 -9.74 3.29
CA ALA A 558 -2.66 -10.39 2.13
C ALA A 558 -1.68 -11.42 1.58
N GLY A 559 -2.01 -12.69 1.72
CA GLY A 559 -1.20 -13.75 1.14
C GLY A 559 -1.65 -14.09 -0.26
N VAL A 560 -0.74 -13.95 -1.23
CA VAL A 560 -1.05 -14.20 -2.63
C VAL A 560 -0.84 -15.69 -2.93
N SER A 561 -1.35 -16.15 -4.06
CA SER A 561 -1.24 -17.55 -4.43
C SER A 561 0.22 -17.89 -4.75
N ILE A 562 0.43 -19.15 -5.12
CA ILE A 562 1.78 -19.59 -5.48
C ILE A 562 2.07 -19.33 -6.96
N CYS A 563 1.05 -19.38 -7.81
CA CYS A 563 1.26 -19.12 -9.24
C CYS A 563 1.69 -17.69 -9.48
N SER A 564 1.19 -16.75 -8.68
CA SER A 564 1.60 -15.36 -8.83
C SER A 564 3.05 -15.17 -8.46
N THR A 565 3.46 -15.66 -7.28
CA THR A 565 4.81 -15.42 -6.79
C THR A 565 5.84 -16.17 -7.63
N MET A 566 5.54 -17.42 -8.00
CA MET A 566 6.48 -18.20 -8.80
C MET A 566 6.92 -17.43 -10.03
N THR A 567 5.97 -16.85 -10.75
CA THR A 567 6.26 -16.19 -12.01
C THR A 567 6.65 -14.73 -11.84
N ASN A 568 6.31 -14.09 -10.73
CA ASN A 568 6.79 -12.73 -10.48
C ASN A 568 8.26 -12.73 -10.10
N ARG A 569 8.73 -13.77 -9.41
CA ARG A 569 10.15 -13.82 -9.08
C ARG A 569 11.01 -13.90 -10.34
N GLN A 570 10.69 -14.82 -11.25
CA GLN A 570 11.48 -14.94 -12.48
C GLN A 570 11.47 -13.69 -13.32
N PHE A 571 10.53 -12.78 -13.10
CA PHE A 571 10.43 -11.55 -13.85
C PHE A 571 11.13 -10.38 -13.19
N HIS A 572 11.07 -10.26 -11.86
CA HIS A 572 11.59 -9.08 -11.17
C HIS A 572 12.83 -9.31 -10.31
N GLN A 573 13.17 -10.55 -9.97
CA GLN A 573 14.16 -10.77 -8.92
C GLN A 573 15.53 -10.25 -9.31
N LYS A 574 15.89 -10.32 -10.60
CA LYS A 574 17.22 -9.87 -11.00
C LYS A 574 17.41 -8.38 -10.70
N LEU A 575 16.38 -7.57 -10.95
CA LEU A 575 16.48 -6.15 -10.65
C LEU A 575 16.33 -5.90 -9.15
N LEU A 576 15.44 -6.62 -8.49
CA LEU A 576 15.24 -6.39 -7.06
C LEU A 576 16.48 -6.74 -6.25
N LYS A 577 17.25 -7.73 -6.71
CA LYS A 577 18.49 -8.08 -6.05
C LYS A 577 19.60 -7.07 -6.31
N SER A 578 19.47 -6.26 -7.38
CA SER A 578 20.46 -5.25 -7.68
C SER A 578 20.15 -3.92 -7.02
N ILE A 579 18.87 -3.62 -6.77
CA ILE A 579 18.53 -2.43 -6.01
C ILE A 579 18.98 -2.54 -4.56
N ALA A 580 19.11 -3.76 -4.05
CA ALA A 580 19.47 -4.00 -2.65
C ALA A 580 20.96 -4.25 -2.47
N ALA A 581 21.76 -4.10 -3.51
CA ALA A 581 23.20 -4.28 -3.42
C ALA A 581 23.99 -3.03 -3.75
N THR A 582 23.32 -1.92 -4.07
CA THR A 582 23.97 -0.66 -4.40
C THR A 582 24.03 0.23 -3.17
N ARG A 583 25.19 0.86 -2.97
CA ARG A 583 25.41 1.75 -1.83
C ARG A 583 25.59 3.17 -2.34
N GLY A 584 24.93 4.13 -1.68
CA GLY A 584 25.06 5.52 -2.02
C GLY A 584 23.99 6.06 -2.96
N ALA A 585 22.93 5.30 -3.21
CA ALA A 585 21.87 5.75 -4.11
C ALA A 585 20.76 6.43 -3.31
N THR A 586 19.71 6.86 -4.02
CA THR A 586 18.56 7.46 -3.34
C THR A 586 17.80 6.42 -2.54
N VAL A 587 17.57 5.25 -3.10
CA VAL A 587 16.86 4.18 -2.41
C VAL A 587 17.86 3.39 -1.57
N VAL A 588 17.58 3.27 -0.27
CA VAL A 588 18.54 2.69 0.67
C VAL A 588 18.03 1.35 1.19
N ILE A 589 17.24 0.64 0.39
CA ILE A 589 16.87 -0.73 0.72
C ILE A 589 18.10 -1.61 0.61
N GLY A 590 18.27 -2.52 1.57
CA GLY A 590 19.40 -3.41 1.60
C GLY A 590 20.60 -2.91 2.38
N THR A 591 20.58 -1.66 2.84
CA THR A 591 21.66 -1.11 3.64
C THR A 591 21.38 -1.33 5.12
N SER A 592 22.44 -1.67 5.86
CA SER A 592 22.33 -1.92 7.29
C SER A 592 22.71 -0.68 8.07
N LYS A 593 22.27 -0.64 9.33
CA LYS A 593 22.62 0.43 10.26
C LYS A 593 23.78 0.07 11.17
N PHE A 594 24.33 -1.13 11.04
CA PHE A 594 25.41 -1.59 11.90
C PHE A 594 26.75 -1.37 11.21
N TYR A 595 27.80 -1.26 12.04
CA TYR A 595 29.16 -1.07 11.56
C TYR A 595 29.30 0.23 10.76
N GLY A 596 28.55 1.25 11.18
CA GLY A 596 28.70 2.57 10.59
C GLY A 596 27.87 2.82 9.35
N GLY A 597 26.78 2.09 9.16
CA GLY A 597 25.93 2.35 8.00
C GLY A 597 25.02 3.54 8.17
N TRP A 598 24.54 3.78 9.39
CA TRP A 598 23.68 4.94 9.64
C TRP A 598 24.43 6.24 9.36
N HIS A 599 25.67 6.33 9.84
CA HIS A 599 26.48 7.51 9.59
C HIS A 599 26.71 7.72 8.10
N ASN A 600 27.02 6.65 7.37
CA ASN A 600 27.24 6.77 5.94
C ASN A 600 26.00 7.23 5.22
N MET A 601 24.83 6.68 5.58
CA MET A 601 23.60 7.11 4.93
C MET A 601 23.32 8.58 5.18
N LEU A 602 23.48 9.03 6.43
CA LEU A 602 23.21 10.44 6.71
C LEU A 602 24.20 11.35 5.99
N LYS A 603 25.48 10.98 5.96
CA LYS A 603 26.46 11.81 5.26
C LYS A 603 26.17 11.86 3.76
N THR A 604 25.73 10.74 3.18
CA THR A 604 25.38 10.74 1.76
C THR A 604 24.18 11.65 1.50
N VAL A 605 23.17 11.62 2.37
CA VAL A 605 22.02 12.49 2.17
C VAL A 605 22.42 13.95 2.27
N TYR A 606 23.27 14.29 3.25
CA TYR A 606 23.65 15.69 3.42
C TYR A 606 24.32 16.23 2.16
N SER A 607 25.20 15.45 1.55
CA SER A 607 25.80 15.76 0.24
C SER A 607 26.36 17.18 0.31
N ASP A 608 26.16 18.02 -0.71
CA ASP A 608 26.62 19.42 -0.69
C ASP A 608 25.41 20.29 -1.05
N VAL A 609 24.59 20.59 -0.04
CA VAL A 609 23.42 21.44 -0.17
C VAL A 609 23.68 22.72 0.62
N GLU A 610 23.31 23.85 0.03
CA GLU A 610 23.55 25.15 0.63
C GLU A 610 22.34 25.57 1.45
N ASN A 611 22.60 26.10 2.64
CA ASN A 611 21.54 26.49 3.57
C ASN A 611 20.63 25.28 3.85
N PRO A 612 21.19 24.16 4.29
CA PRO A 612 20.41 22.93 4.36
C PRO A 612 19.45 22.89 5.54
N HIS A 613 18.27 22.33 5.29
CA HIS A 613 17.33 21.94 6.33
C HIS A 613 16.89 20.51 6.06
N LEU A 614 16.34 19.86 7.07
CA LEU A 614 15.84 18.50 6.95
C LEU A 614 14.33 18.49 7.12
N MET A 615 13.64 17.68 6.32
CA MET A 615 12.20 17.54 6.46
C MET A 615 11.80 16.08 6.26
N GLY A 616 10.66 15.73 6.83
CA GLY A 616 10.10 14.41 6.69
C GLY A 616 8.60 14.46 6.80
N TRP A 617 7.93 13.55 6.10
CA TRP A 617 6.48 13.55 5.99
C TRP A 617 5.97 12.13 6.14
N ASP A 618 4.64 11.97 6.08
CA ASP A 618 4.01 10.67 6.14
C ASP A 618 2.86 10.61 5.15
N TYR A 619 2.50 9.39 4.77
CA TYR A 619 1.40 9.17 3.84
C TYR A 619 0.20 8.61 4.58
N PRO A 620 -0.90 9.35 4.75
CA PRO A 620 -2.09 8.78 5.38
C PRO A 620 -2.66 7.65 4.53
N LYS A 621 -3.10 6.58 5.20
CA LYS A 621 -3.75 5.45 4.55
C LYS A 621 -3.02 5.07 3.27
N CYS A 622 -1.73 4.77 3.42
CA CYS A 622 -0.87 4.62 2.25
C CYS A 622 -1.35 3.50 1.34
N ASP A 623 -1.40 2.27 1.85
CA ASP A 623 -1.75 1.13 1.01
C ASP A 623 -3.19 1.24 0.51
N ARG A 624 -4.11 1.67 1.37
CA ARG A 624 -5.51 1.69 0.99
C ARG A 624 -5.81 2.74 -0.06
N ALA A 625 -5.27 3.95 0.09
CA ALA A 625 -5.69 5.10 -0.69
C ALA A 625 -4.86 5.32 -1.95
N MET A 626 -3.90 4.46 -2.25
CA MET A 626 -3.08 4.66 -3.44
C MET A 626 -3.94 4.54 -4.70
N PRO A 627 -3.87 5.49 -5.63
CA PRO A 627 -4.63 5.36 -6.87
C PRO A 627 -4.08 4.26 -7.78
N ASN A 628 -4.95 3.79 -8.67
CA ASN A 628 -4.60 2.69 -9.57
C ASN A 628 -3.74 3.13 -10.75
N MET A 629 -3.57 4.42 -10.97
CA MET A 629 -2.71 4.90 -12.03
C MET A 629 -1.24 4.92 -11.63
N LEU A 630 -0.93 5.34 -10.40
CA LEU A 630 0.44 5.35 -9.93
C LEU A 630 0.99 3.96 -9.71
N ARG A 631 0.16 2.96 -9.38
CA ARG A 631 0.65 1.60 -9.28
C ARG A 631 1.00 1.04 -10.65
N ILE A 632 0.17 1.31 -11.66
CA ILE A 632 0.51 0.91 -13.02
C ILE A 632 1.80 1.58 -13.46
N MET A 633 1.95 2.86 -13.14
CA MET A 633 3.19 3.57 -13.48
C MET A 633 4.40 2.94 -12.79
N ALA A 634 4.24 2.59 -11.52
CA ALA A 634 5.32 1.95 -10.78
C ALA A 634 5.72 0.62 -11.41
N SER A 635 4.73 -0.16 -11.86
CA SER A 635 5.04 -1.41 -12.55
C SER A 635 5.62 -1.18 -13.93
N LEU A 636 5.31 -0.05 -14.58
CA LEU A 636 5.83 0.22 -15.91
C LEU A 636 7.28 0.69 -15.89
N VAL A 637 7.69 1.45 -14.86
CA VAL A 637 9.10 1.84 -14.81
C VAL A 637 9.98 0.65 -14.45
N LEU A 638 9.50 -0.26 -13.60
CA LEU A 638 10.31 -1.42 -13.23
C LEU A 638 10.52 -2.37 -14.41
N ALA A 639 9.66 -2.35 -15.41
CA ALA A 639 9.74 -3.25 -16.54
C ALA A 639 10.47 -2.64 -17.74
N ARG A 640 11.10 -1.48 -17.55
CA ARG A 640 11.90 -0.88 -18.61
C ARG A 640 13.27 -1.53 -18.74
N LYS A 641 13.61 -2.45 -17.85
CA LYS A 641 14.86 -3.20 -17.94
C LYS A 641 14.76 -4.39 -18.88
N HIS A 642 13.59 -4.67 -19.44
CA HIS A 642 13.34 -5.82 -20.29
C HIS A 642 13.32 -5.45 -21.76
N THR A 643 14.19 -4.52 -22.16
CA THR A 643 14.20 -4.05 -23.55
C THR A 643 14.68 -5.13 -24.51
N THR A 644 15.55 -6.03 -24.04
CA THR A 644 16.17 -7.03 -24.91
C THR A 644 15.53 -8.41 -24.82
N CYS A 645 14.97 -8.78 -23.67
CA CYS A 645 14.47 -10.14 -23.48
C CYS A 645 13.00 -10.28 -23.85
N CYS A 646 12.20 -9.24 -23.66
CA CYS A 646 10.76 -9.31 -23.89
C CYS A 646 10.36 -8.33 -24.98
N SER A 647 9.37 -8.72 -25.78
CA SER A 647 8.80 -7.86 -26.80
C SER A 647 7.66 -7.04 -26.21
N LEU A 648 7.02 -6.22 -27.04
CA LEU A 648 5.95 -5.37 -26.55
C LEU A 648 4.76 -6.18 -26.04
N SER A 649 4.37 -7.22 -26.77
CA SER A 649 3.22 -8.02 -26.37
C SER A 649 3.50 -8.78 -25.06
N HIS A 650 4.72 -9.33 -24.92
CA HIS A 650 5.07 -10.01 -23.68
C HIS A 650 5.02 -9.06 -22.50
N ARG A 651 5.53 -7.84 -22.66
CA ARG A 651 5.49 -6.86 -21.58
C ARG A 651 4.06 -6.46 -21.24
N PHE A 652 3.20 -6.26 -22.25
CA PHE A 652 1.81 -5.92 -21.96
C PHE A 652 1.12 -7.05 -21.20
N TYR A 653 1.37 -8.30 -21.59
CA TYR A 653 0.70 -9.40 -20.91
C TYR A 653 1.23 -9.60 -19.49
N ARG A 654 2.51 -9.31 -19.26
CA ARG A 654 3.01 -9.30 -17.89
C ARG A 654 2.31 -8.23 -17.07
N LEU A 655 2.13 -7.03 -17.63
CA LEU A 655 1.40 -5.98 -16.94
C LEU A 655 -0.03 -6.42 -16.64
N ALA A 656 -0.69 -7.06 -17.61
CA ALA A 656 -2.06 -7.51 -17.40
C ALA A 656 -2.14 -8.53 -16.27
N ASN A 657 -1.19 -9.47 -16.24
CA ASN A 657 -1.18 -10.46 -15.16
C ASN A 657 -1.01 -9.78 -13.81
N GLU A 658 -0.05 -8.86 -13.70
CA GLU A 658 0.17 -8.19 -12.43
C GLU A 658 -1.07 -7.44 -11.98
N CYS A 659 -1.74 -6.75 -12.90
CA CYS A 659 -2.99 -6.07 -12.53
C CYS A 659 -4.05 -7.06 -12.09
N ALA A 660 -4.15 -8.19 -12.79
CA ALA A 660 -5.25 -9.12 -12.54
C ALA A 660 -5.09 -9.87 -11.23
N GLN A 661 -3.86 -10.04 -10.74
CA GLN A 661 -3.66 -10.83 -9.53
C GLN A 661 -3.01 -10.05 -8.38
N VAL A 662 -2.80 -8.74 -8.53
CA VAL A 662 -2.33 -7.92 -7.40
C VAL A 662 -3.22 -6.70 -7.23
N LEU A 663 -3.38 -5.92 -8.29
CA LEU A 663 -4.02 -4.60 -8.15
C LEU A 663 -5.49 -4.73 -7.83
N SER A 664 -6.28 -5.28 -8.76
CA SER A 664 -7.70 -5.52 -8.57
C SER A 664 -7.95 -7.01 -8.76
N GLU A 665 -8.60 -7.63 -7.80
CA GLU A 665 -8.69 -9.09 -7.76
C GLU A 665 -9.78 -9.48 -6.77
N MET A 666 -9.90 -10.77 -6.54
CA MET A 666 -10.86 -11.33 -5.59
C MET A 666 -10.14 -11.74 -4.32
N VAL A 667 -10.67 -11.33 -3.17
CA VAL A 667 -10.06 -11.56 -1.87
C VAL A 667 -10.93 -12.54 -1.09
N MET A 668 -10.28 -13.36 -0.28
CA MET A 668 -10.94 -14.38 0.53
C MET A 668 -10.90 -13.92 1.98
N CYS A 669 -12.03 -13.44 2.49
CA CYS A 669 -12.11 -12.82 3.81
C CYS A 669 -13.21 -13.54 4.60
N GLY A 670 -12.82 -14.56 5.36
CA GLY A 670 -13.78 -15.28 6.17
C GLY A 670 -14.56 -16.34 5.43
N GLY A 671 -13.97 -16.93 4.40
CA GLY A 671 -14.65 -17.94 3.62
C GLY A 671 -15.57 -17.42 2.54
N SER A 672 -15.45 -16.14 2.18
CA SER A 672 -16.29 -15.52 1.17
C SER A 672 -15.43 -14.70 0.22
N LEU A 673 -15.81 -14.71 -1.06
CA LEU A 673 -15.07 -14.02 -2.11
C LEU A 673 -15.67 -12.65 -2.33
N TYR A 674 -14.87 -11.61 -2.06
CA TYR A 674 -15.19 -10.22 -2.34
C TYR A 674 -14.30 -9.70 -3.46
N VAL A 675 -14.60 -8.50 -3.94
CA VAL A 675 -13.84 -7.85 -4.99
C VAL A 675 -13.04 -6.71 -4.38
N LYS A 676 -11.75 -6.63 -4.74
CA LYS A 676 -10.87 -5.59 -4.22
C LYS A 676 -10.87 -4.40 -5.17
N PRO A 677 -11.18 -3.19 -4.69
CA PRO A 677 -11.18 -2.04 -5.62
C PRO A 677 -9.80 -1.73 -6.17
N GLY A 678 -8.79 -1.68 -5.32
CA GLY A 678 -7.45 -1.33 -5.76
C GLY A 678 -6.56 -1.10 -4.56
N GLY A 679 -5.41 -0.49 -4.81
CA GLY A 679 -4.46 -0.20 -3.76
C GLY A 679 -3.18 -1.01 -3.89
N THR A 680 -2.66 -1.49 -2.77
CA THR A 680 -1.43 -2.27 -2.76
C THR A 680 -1.64 -3.52 -1.91
N SER A 681 -1.04 -4.62 -2.36
CA SER A 681 -1.12 -5.89 -1.65
C SER A 681 0.19 -6.14 -0.91
N SER A 682 0.08 -6.52 0.36
CA SER A 682 1.27 -6.70 1.18
C SER A 682 2.10 -7.89 0.74
N GLY A 683 1.48 -8.93 0.22
CA GLY A 683 2.17 -10.17 -0.09
C GLY A 683 2.73 -10.30 -1.49
N ASP A 684 2.65 -9.26 -2.32
CA ASP A 684 3.23 -9.36 -3.65
C ASP A 684 4.74 -9.18 -3.57
N ALA A 685 5.43 -9.65 -4.62
CA ALA A 685 6.89 -9.75 -4.59
C ALA A 685 7.59 -8.41 -4.73
N THR A 686 6.88 -7.32 -5.06
CA THR A 686 7.49 -6.03 -5.35
C THR A 686 6.79 -4.93 -4.58
N THR A 687 6.56 -5.13 -3.28
CA THR A 687 5.83 -4.15 -2.49
C THR A 687 6.72 -2.96 -2.13
N ALA A 688 7.86 -3.22 -1.49
CA ALA A 688 8.72 -2.14 -1.03
C ALA A 688 9.22 -1.30 -2.19
N TYR A 689 9.55 -1.93 -3.32
CA TYR A 689 10.14 -1.22 -4.43
C TYR A 689 9.09 -0.39 -5.18
N ALA A 690 7.88 -0.93 -5.33
CA ALA A 690 6.79 -0.15 -5.88
C ALA A 690 6.48 1.04 -4.98
N ASN A 691 6.51 0.85 -3.67
CA ASN A 691 6.30 1.96 -2.75
C ASN A 691 7.39 3.02 -2.91
N SER A 692 8.63 2.60 -3.12
CA SER A 692 9.71 3.55 -3.34
C SER A 692 9.48 4.37 -4.61
N VAL A 693 9.07 3.70 -5.69
CA VAL A 693 8.78 4.43 -6.94
C VAL A 693 7.66 5.44 -6.71
N PHE A 694 6.61 5.02 -6.01
CA PHE A 694 5.49 5.92 -5.72
C PHE A 694 5.95 7.13 -4.90
N ASN A 695 6.80 6.89 -3.91
CA ASN A 695 7.32 7.98 -3.09
C ASN A 695 8.07 9.01 -3.95
N ILE A 696 8.97 8.53 -4.80
CA ILE A 696 9.75 9.44 -5.62
C ILE A 696 8.84 10.20 -6.58
N CYS A 697 7.83 9.53 -7.13
CA CYS A 697 6.91 10.20 -8.05
C CYS A 697 6.20 11.34 -7.35
N GLN A 698 5.72 11.11 -6.13
CA GLN A 698 5.01 12.17 -5.41
C GLN A 698 5.94 13.34 -5.09
N ALA A 699 7.18 13.05 -4.70
CA ALA A 699 8.12 14.14 -4.39
C ALA A 699 8.42 14.99 -5.63
N VAL A 700 8.65 14.33 -6.78
CA VAL A 700 8.93 15.07 -8.00
C VAL A 700 7.72 15.91 -8.42
N THR A 701 6.52 15.37 -8.26
CA THR A 701 5.33 16.14 -8.59
C THR A 701 5.23 17.38 -7.70
N ALA A 702 5.52 17.23 -6.41
CA ALA A 702 5.50 18.38 -5.52
C ALA A 702 6.47 19.44 -5.99
N ASN A 703 7.68 19.04 -6.40
CA ASN A 703 8.66 20.02 -6.87
C ASN A 703 8.18 20.74 -8.13
N VAL A 704 7.61 19.98 -9.08
CA VAL A 704 7.12 20.61 -10.31
C VAL A 704 6.04 21.63 -10.00
N ASN A 705 5.08 21.26 -9.14
CA ASN A 705 4.01 22.19 -8.78
C ASN A 705 4.56 23.42 -8.07
N ALA A 706 5.55 23.23 -7.20
CA ALA A 706 6.14 24.37 -6.52
C ALA A 706 6.79 25.33 -7.50
N LEU A 707 7.51 24.79 -8.48
CA LEU A 707 8.24 25.67 -9.40
C LEU A 707 7.33 26.36 -10.41
N LEU A 708 6.27 25.70 -10.87
CA LEU A 708 5.45 26.28 -11.92
C LEU A 708 4.38 27.24 -11.43
N SER A 709 4.15 27.34 -10.12
CA SER A 709 3.14 28.23 -9.57
C SER A 709 3.76 29.45 -8.89
N THR A 710 4.98 29.80 -9.28
CA THR A 710 5.66 31.00 -8.79
C THR A 710 5.55 32.08 -9.85
N ASP A 711 5.60 33.33 -9.40
CA ASP A 711 5.32 34.46 -10.30
C ASP A 711 6.16 34.39 -11.57
N GLY A 712 7.49 34.40 -11.42
CA GLY A 712 8.39 34.37 -12.53
C GLY A 712 8.86 35.74 -12.99
N ASN A 713 8.13 36.78 -12.65
CA ASN A 713 8.59 38.15 -12.82
C ASN A 713 9.38 38.63 -11.60
N LYS A 714 9.55 37.77 -10.59
CA LYS A 714 10.27 38.14 -9.38
C LYS A 714 11.42 37.19 -9.06
N ILE A 715 11.62 36.13 -9.83
CA ILE A 715 12.74 35.23 -9.62
C ILE A 715 14.00 35.98 -10.05
N ALA A 716 14.75 36.50 -9.09
CA ALA A 716 15.90 37.33 -9.41
C ALA A 716 16.95 36.53 -10.19
N ASP A 717 17.24 35.32 -9.75
CA ASP A 717 18.18 34.48 -10.48
C ASP A 717 17.66 34.21 -11.87
N LYS A 718 18.53 34.35 -12.87
CA LYS A 718 18.12 34.21 -14.26
C LYS A 718 18.18 32.77 -14.75
N TYR A 719 19.00 31.92 -14.15
CA TYR A 719 19.00 30.51 -14.52
C TYR A 719 17.70 29.82 -14.11
N VAL A 720 17.25 30.07 -12.87
CA VAL A 720 16.03 29.46 -12.38
C VAL A 720 14.79 30.09 -13.00
N ARG A 721 14.93 31.22 -13.68
CA ARG A 721 13.81 31.83 -14.38
C ARG A 721 13.61 31.23 -15.76
N ASN A 722 14.68 30.83 -16.44
CA ASN A 722 14.57 30.07 -17.68
C ASN A 722 14.23 28.60 -17.43
N LEU A 723 14.73 28.03 -16.33
CA LEU A 723 14.35 26.66 -16.01
C LEU A 723 12.86 26.51 -15.78
N GLN A 724 12.15 27.60 -15.46
CA GLN A 724 10.70 27.59 -15.32
C GLN A 724 9.99 27.81 -16.65
N HIS A 725 10.51 28.69 -17.50
CA HIS A 725 9.95 28.90 -18.82
C HIS A 725 10.07 27.67 -19.69
N ARG A 726 11.15 26.90 -19.54
CA ARG A 726 11.33 25.67 -20.30
C ARG A 726 10.57 24.49 -19.74
N LEU A 727 10.31 24.46 -18.43
CA LEU A 727 9.52 23.39 -17.84
C LEU A 727 8.08 23.42 -18.36
N TYR A 728 7.50 24.61 -18.48
CA TYR A 728 6.14 24.72 -19.00
C TYR A 728 6.06 24.19 -20.42
N GLU A 729 7.05 24.52 -21.26
CA GLU A 729 7.07 23.98 -22.61
C GLU A 729 7.23 22.47 -22.60
N CYS A 730 8.14 21.94 -21.79
CA CYS A 730 8.33 20.49 -21.76
C CYS A 730 7.09 19.76 -21.28
N LEU A 731 6.22 20.43 -20.52
CA LEU A 731 4.99 19.80 -20.08
C LEU A 731 3.86 19.95 -21.11
N TYR A 732 3.47 21.19 -21.42
CA TYR A 732 2.22 21.45 -22.10
C TYR A 732 2.36 21.86 -23.57
N ARG A 733 3.58 21.93 -24.10
CA ARG A 733 3.77 22.30 -25.50
C ARG A 733 4.76 21.43 -26.25
N ASN A 734 5.54 20.59 -25.57
CA ASN A 734 6.37 19.59 -26.22
C ASN A 734 5.66 18.24 -26.14
N ARG A 735 5.68 17.52 -27.26
CA ARG A 735 5.03 16.22 -27.32
C ARG A 735 5.99 15.07 -27.06
N ASP A 736 7.15 15.08 -27.69
CA ASP A 736 8.14 14.03 -27.52
C ASP A 736 9.11 14.38 -26.40
N VAL A 737 9.75 13.36 -25.84
CA VAL A 737 10.61 13.54 -24.69
C VAL A 737 11.83 14.37 -25.08
N ASP A 738 12.10 15.41 -24.30
CA ASP A 738 13.32 16.21 -24.46
C ASP A 738 14.38 15.62 -23.55
N THR A 739 15.35 14.90 -24.14
CA THR A 739 16.30 14.15 -23.34
C THR A 739 17.32 15.04 -22.63
N ASP A 740 17.55 16.25 -23.15
CA ASP A 740 18.56 17.14 -22.58
C ASP A 740 18.00 18.05 -21.50
N PHE A 741 16.69 18.02 -21.24
CA PHE A 741 16.12 18.77 -20.13
C PHE A 741 15.75 17.90 -18.94
N VAL A 742 15.41 16.63 -19.16
CA VAL A 742 15.20 15.75 -18.02
C VAL A 742 16.49 15.61 -17.22
N ASN A 743 17.64 15.60 -17.90
CA ASN A 743 18.93 15.62 -17.22
C ASN A 743 19.18 16.91 -16.47
N GLU A 744 18.85 18.06 -17.05
CA GLU A 744 19.01 19.34 -16.37
C GLU A 744 18.11 19.49 -15.16
N PHE A 745 16.83 19.12 -15.28
CA PHE A 745 15.94 19.14 -14.12
C PHE A 745 16.36 18.12 -13.08
N TYR A 746 16.83 16.95 -13.49
CA TYR A 746 17.32 15.96 -12.55
C TYR A 746 18.51 16.48 -11.76
N ALA A 747 19.47 17.11 -12.43
CA ALA A 747 20.60 17.70 -11.71
C ALA A 747 20.15 18.81 -10.79
N TYR A 748 19.23 19.66 -11.25
CA TYR A 748 18.71 20.73 -10.40
C TYR A 748 18.07 20.17 -9.13
N LEU A 749 17.28 19.10 -9.25
CA LEU A 749 16.68 18.46 -8.09
C LEU A 749 17.70 17.77 -7.21
N ARG A 750 18.78 17.25 -7.77
CA ARG A 750 19.79 16.59 -6.96
C ARG A 750 20.64 17.56 -6.15
N LYS A 751 20.92 18.75 -6.66
CA LYS A 751 21.74 19.69 -5.91
C LYS A 751 20.98 20.43 -4.82
N HIS A 752 19.67 20.61 -4.96
CA HIS A 752 18.88 21.39 -4.01
C HIS A 752 17.83 20.59 -3.26
N PHE A 753 17.63 19.31 -3.61
CA PHE A 753 16.59 18.49 -2.98
C PHE A 753 17.13 17.05 -2.95
N SER A 754 17.78 16.69 -1.86
CA SER A 754 18.37 15.36 -1.71
C SER A 754 17.43 14.48 -0.91
N MET A 755 17.20 13.27 -1.41
CA MET A 755 16.22 12.37 -0.84
C MET A 755 16.89 11.10 -0.35
N MET A 756 16.27 10.48 0.66
CA MET A 756 16.62 9.14 1.14
C MET A 756 15.31 8.39 1.30
N ILE A 757 15.11 7.37 0.48
CA ILE A 757 13.82 6.71 0.31
C ILE A 757 13.95 5.25 0.72
N LEU A 758 12.97 4.77 1.48
CA LEU A 758 12.90 3.34 1.83
C LEU A 758 11.41 3.02 1.95
N SER A 759 10.86 2.38 0.92
CA SER A 759 9.44 2.05 0.85
C SER A 759 8.67 3.36 0.98
N ASP A 760 7.79 3.53 1.97
CA ASP A 760 7.02 4.75 2.12
C ASP A 760 7.62 5.70 3.16
N ASP A 761 8.85 5.45 3.60
CA ASP A 761 9.56 6.35 4.50
C ASP A 761 10.55 7.17 3.70
N ALA A 762 10.64 8.47 4.01
CA ALA A 762 11.54 9.34 3.27
C ALA A 762 12.09 10.43 4.17
N VAL A 763 13.32 10.83 3.90
CA VAL A 763 13.97 11.98 4.54
C VAL A 763 14.52 12.88 3.44
N VAL A 764 14.42 14.19 3.63
CA VAL A 764 14.88 15.12 2.61
C VAL A 764 15.77 16.18 3.23
N CYS A 765 16.86 16.49 2.55
CA CYS A 765 17.70 17.64 2.86
C CYS A 765 17.56 18.64 1.71
N PHE A 766 17.11 19.84 2.02
CA PHE A 766 16.78 20.82 0.98
C PHE A 766 17.40 22.17 1.28
N ASN A 767 17.58 22.95 0.21
CA ASN A 767 18.08 24.31 0.31
C ASN A 767 16.98 25.22 0.86
N SER A 768 17.24 25.84 2.00
CA SER A 768 16.19 26.57 2.72
C SER A 768 15.86 27.90 2.04
N THR A 769 16.85 28.59 1.48
CA THR A 769 16.59 29.87 0.84
C THR A 769 15.93 29.74 -0.51
N TYR A 770 15.96 28.56 -1.12
CA TYR A 770 15.17 28.30 -2.31
C TYR A 770 13.74 27.90 -1.99
N ALA A 771 13.50 27.24 -0.86
CA ALA A 771 12.16 26.81 -0.52
C ALA A 771 11.28 27.98 -0.10
N SER A 772 11.79 28.87 0.76
CA SER A 772 11.00 30.02 1.20
C SER A 772 10.67 30.94 0.03
N GLN A 773 11.40 30.86 -1.06
CA GLN A 773 11.11 31.62 -2.27
C GLN A 773 10.25 30.84 -3.25
N GLY A 774 9.89 29.59 -2.93
CA GLY A 774 8.99 28.84 -3.78
C GLY A 774 9.65 28.14 -4.96
N LEU A 775 10.96 27.93 -4.91
CA LEU A 775 11.67 27.31 -6.00
C LEU A 775 11.89 25.82 -5.82
N VAL A 776 11.73 25.30 -4.60
CA VAL A 776 11.71 23.87 -4.34
C VAL A 776 10.52 23.57 -3.44
N ALA A 777 10.14 22.29 -3.39
CA ALA A 777 8.94 21.91 -2.68
C ALA A 777 9.06 22.19 -1.19
N SER A 778 7.92 22.43 -0.56
CA SER A 778 7.83 22.58 0.89
C SER A 778 6.81 21.57 1.41
N ILE A 779 6.46 21.67 2.70
CA ILE A 779 5.46 20.75 3.23
C ILE A 779 4.07 21.12 2.73
N LYS A 780 3.79 22.41 2.52
CA LYS A 780 2.51 22.82 1.97
C LYS A 780 2.29 22.27 0.58
N ASN A 781 3.34 22.17 -0.23
CA ASN A 781 3.20 21.59 -1.57
C ASN A 781 2.89 20.11 -1.52
N PHE A 782 3.49 19.37 -0.58
CA PHE A 782 3.11 17.98 -0.41
C PHE A 782 1.67 17.83 0.03
N LYS A 783 1.22 18.69 0.95
CA LYS A 783 -0.19 18.65 1.34
C LYS A 783 -1.11 18.96 0.16
N SER A 784 -0.71 19.89 -0.69
CA SER A 784 -1.52 20.23 -1.86
C SER A 784 -1.56 19.08 -2.86
N VAL A 785 -0.43 18.39 -3.06
CA VAL A 785 -0.37 17.32 -4.05
C VAL A 785 -1.03 16.04 -3.56
N LEU A 786 -1.09 15.81 -2.25
CA LEU A 786 -1.76 14.64 -1.73
C LEU A 786 -3.27 14.76 -1.72
N TYR A 787 -3.82 15.93 -2.04
CA TYR A 787 -5.25 16.16 -1.99
C TYR A 787 -5.95 15.84 -3.31
N TYR A 788 -5.41 16.29 -4.43
CA TYR A 788 -6.02 16.05 -5.74
C TYR A 788 -5.44 14.84 -6.46
N GLN A 789 -4.30 14.31 -6.02
CA GLN A 789 -3.69 13.16 -6.66
C GLN A 789 -3.65 11.93 -5.77
N ASN A 790 -4.08 12.02 -4.51
CA ASN A 790 -4.07 10.89 -3.61
C ASN A 790 -5.32 10.77 -2.77
N ASN A 791 -6.27 11.69 -2.88
CA ASN A 791 -7.53 11.65 -2.13
C ASN A 791 -7.26 11.39 -0.64
N VAL A 792 -6.52 12.31 -0.03
CA VAL A 792 -6.10 12.16 1.35
C VAL A 792 -5.64 13.52 1.84
N PHE A 793 -5.94 13.82 3.11
CA PHE A 793 -5.52 15.07 3.73
C PHE A 793 -4.40 14.77 4.71
N MET A 794 -3.22 15.35 4.46
CA MET A 794 -2.05 15.16 5.30
C MET A 794 -1.92 16.34 6.24
N SER A 795 -1.97 16.07 7.54
CA SER A 795 -1.92 17.13 8.54
C SER A 795 -0.48 17.48 8.87
N GLU A 796 -0.25 18.77 9.18
CA GLU A 796 1.07 19.22 9.59
C GLU A 796 1.29 18.93 11.07
N ALA A 797 1.04 17.70 11.47
CA ALA A 797 1.39 17.21 12.80
C ALA A 797 2.14 15.91 12.77
N LYS A 798 2.13 15.18 11.66
CA LYS A 798 2.95 14.00 11.46
C LYS A 798 4.15 14.27 10.57
N CYS A 799 4.33 15.52 10.15
CA CYS A 799 5.48 15.96 9.37
C CYS A 799 6.40 16.76 10.29
N TRP A 800 7.71 16.62 10.08
CA TRP A 800 8.68 17.27 10.93
C TRP A 800 9.71 18.01 10.11
N THR A 801 10.30 19.04 10.72
CA THR A 801 11.36 19.83 10.14
C THR A 801 12.47 20.00 11.16
N GLU A 802 13.70 20.17 10.66
CA GLU A 802 14.87 20.30 11.51
C GLU A 802 15.83 21.29 10.87
N THR A 803 16.07 22.41 11.54
CA THR A 803 16.96 23.45 11.03
C THR A 803 18.41 23.25 11.41
N ASP A 804 18.69 22.35 12.35
CA ASP A 804 20.05 22.08 12.81
C ASP A 804 20.45 20.67 12.37
N LEU A 805 21.55 20.55 11.65
CA LEU A 805 21.97 19.29 11.07
C LEU A 805 22.92 18.49 11.96
N THR A 806 23.28 19.03 13.12
CA THR A 806 24.08 18.28 14.09
C THR A 806 23.22 17.43 15.01
N LYS A 807 21.90 17.41 14.81
CA LYS A 807 21.00 16.61 15.61
C LYS A 807 20.38 15.45 14.85
N GLY A 808 20.49 15.43 13.53
CA GLY A 808 20.02 14.32 12.74
C GLY A 808 18.52 14.35 12.50
N PRO A 809 18.03 13.42 11.67
CA PRO A 809 16.58 13.36 11.43
C PRO A 809 15.81 13.08 12.72
N HIS A 810 14.62 13.67 12.82
CA HIS A 810 13.78 13.43 13.99
C HIS A 810 13.38 11.96 14.07
N GLU A 811 13.06 11.35 12.92
CA GLU A 811 12.72 9.93 12.89
C GLU A 811 12.89 9.40 11.49
N PHE A 812 13.45 8.21 11.38
CA PHE A 812 13.53 7.49 10.10
C PHE A 812 13.56 6.01 10.42
N CYS A 813 12.55 5.27 9.97
CA CYS A 813 12.41 3.86 10.27
C CYS A 813 12.32 3.62 11.79
N SER A 814 11.58 4.50 12.46
CA SER A 814 11.25 4.38 13.88
C SER A 814 12.47 4.55 14.79
N GLN A 815 13.56 5.10 14.28
CA GLN A 815 14.78 5.32 15.06
C GLN A 815 15.05 6.81 15.21
N HIS A 816 15.67 7.19 16.32
CA HIS A 816 16.12 8.55 16.53
C HIS A 816 17.64 8.60 16.40
N THR A 817 18.15 9.76 16.02
CA THR A 817 19.57 9.94 15.74
C THR A 817 20.25 10.70 16.88
N MET A 818 21.52 10.38 17.11
CA MET A 818 22.29 11.11 18.13
C MET A 818 23.74 11.20 17.68
N LEU A 819 24.34 12.38 17.82
CA LEU A 819 25.73 12.60 17.44
C LEU A 819 26.60 12.35 18.67
N VAL A 820 27.24 11.19 18.72
CA VAL A 820 28.06 10.79 19.86
C VAL A 820 29.52 10.90 19.46
N LYS A 821 30.40 10.89 20.47
CA LYS A 821 31.85 10.83 20.26
C LYS A 821 32.28 9.39 20.45
N GLN A 822 32.91 8.82 19.42
CA GLN A 822 33.28 7.41 19.39
C GLN A 822 34.74 7.29 18.95
N GLY A 823 35.66 7.43 19.90
CA GLY A 823 37.06 7.23 19.61
C GLY A 823 37.65 8.24 18.64
N ASP A 824 37.78 9.49 19.08
CA ASP A 824 38.44 10.59 18.38
C ASP A 824 37.60 11.20 17.27
N ASP A 825 36.40 10.69 16.99
CA ASP A 825 35.57 11.25 15.94
C ASP A 825 34.11 11.16 16.35
N TYR A 826 33.30 12.04 15.79
CA TYR A 826 31.87 12.09 16.06
C TYR A 826 31.10 11.35 14.99
N VAL A 827 30.08 10.60 15.42
CA VAL A 827 29.31 9.74 14.53
C VAL A 827 27.84 9.77 14.93
N TYR A 828 26.97 9.59 13.95
CA TYR A 828 25.53 9.50 14.19
C TYR A 828 25.17 8.05 14.48
N LEU A 829 24.45 7.83 15.57
CA LEU A 829 23.98 6.50 15.95
C LEU A 829 22.48 6.51 16.10
N PRO A 830 21.81 5.40 15.76
CA PRO A 830 20.37 5.29 15.99
C PRO A 830 20.06 4.68 17.35
N TYR A 831 18.94 5.09 17.91
CA TYR A 831 18.42 4.43 19.10
C TYR A 831 16.91 4.33 19.02
N PRO A 832 16.32 3.29 19.65
CA PRO A 832 14.87 3.09 19.55
C PRO A 832 14.08 3.79 20.64
N ASP A 833 12.78 3.54 20.66
CA ASP A 833 11.94 3.99 21.76
C ASP A 833 12.11 3.03 22.93
N PRO A 834 12.53 3.48 24.11
CA PRO A 834 12.75 2.54 25.22
C PRO A 834 11.52 1.73 25.56
N SER A 835 10.32 2.32 25.43
CA SER A 835 9.10 1.58 25.74
C SER A 835 8.95 0.38 24.83
N ARG A 836 9.36 0.49 23.57
CA ARG A 836 9.28 -0.64 22.66
C ARG A 836 10.15 -1.80 23.14
N ILE A 837 11.38 -1.49 23.58
CA ILE A 837 12.29 -2.54 24.05
C ILE A 837 11.75 -3.18 25.33
N LEU A 838 11.28 -2.36 26.27
CA LEU A 838 10.75 -2.91 27.52
C LEU A 838 9.49 -3.73 27.25
N GLY A 839 8.64 -3.29 26.33
CA GLY A 839 7.47 -4.08 26.00
C GLY A 839 7.81 -5.39 25.34
N ALA A 840 8.81 -5.39 24.46
CA ALA A 840 9.26 -6.66 23.88
C ALA A 840 9.76 -7.60 24.97
N GLY A 841 10.44 -7.05 25.97
CA GLY A 841 10.89 -7.89 27.07
C GLY A 841 9.75 -8.44 27.91
N CYS A 842 8.76 -7.60 28.23
CA CYS A 842 7.75 -7.96 29.22
C CYS A 842 6.69 -8.88 28.63
N PHE A 843 6.17 -8.56 27.45
CA PHE A 843 5.05 -9.27 26.86
C PHE A 843 5.54 -10.10 25.68
N VAL A 844 5.25 -11.40 25.71
CA VAL A 844 5.64 -12.32 24.66
C VAL A 844 4.37 -12.93 24.06
N ASP A 845 4.53 -13.51 22.87
CA ASP A 845 3.39 -14.07 22.13
C ASP A 845 3.38 -15.59 22.17
N ASP A 846 3.97 -16.20 23.18
CA ASP A 846 3.99 -17.65 23.31
C ASP A 846 4.36 -17.99 24.74
N ILE A 847 3.70 -19.02 25.27
CA ILE A 847 3.90 -19.38 26.67
C ILE A 847 5.31 -19.92 26.93
N VAL A 848 5.95 -20.50 25.91
CA VAL A 848 7.30 -21.02 26.08
C VAL A 848 8.36 -19.93 26.13
N LYS A 849 8.01 -18.70 25.73
CA LYS A 849 8.95 -17.59 25.78
C LYS A 849 9.04 -16.96 27.16
N THR A 850 8.17 -17.34 28.09
CA THR A 850 8.17 -16.77 29.44
C THR A 850 9.11 -17.52 30.38
N ASP A 851 9.86 -18.50 29.88
CA ASP A 851 10.90 -19.18 30.65
C ASP A 851 12.23 -18.65 30.13
N GLY A 852 12.86 -17.77 30.90
CA GLY A 852 14.04 -17.08 30.41
C GLY A 852 15.18 -18.01 30.07
N THR A 853 15.38 -19.05 30.87
CA THR A 853 16.55 -19.90 30.69
C THR A 853 16.56 -20.53 29.30
N LEU A 854 15.38 -20.82 28.74
CA LEU A 854 15.32 -21.31 27.38
C LEU A 854 15.55 -20.21 26.35
N MET A 855 15.40 -18.95 26.75
CA MET A 855 15.44 -17.80 25.84
C MET A 855 16.47 -16.81 26.38
N ILE A 856 17.73 -17.00 26.01
CA ILE A 856 18.78 -16.04 26.28
C ILE A 856 19.22 -15.32 25.01
N GLU A 857 19.01 -15.90 23.84
CA GLU A 857 19.31 -15.21 22.59
C GLU A 857 18.38 -14.03 22.36
N ARG A 858 17.12 -14.13 22.81
CA ARG A 858 16.19 -13.02 22.70
C ARG A 858 16.77 -11.77 23.35
N PHE A 859 17.28 -11.91 24.57
CA PHE A 859 17.76 -10.74 25.30
C PHE A 859 19.09 -10.25 24.76
N VAL A 860 19.91 -11.13 24.18
CA VAL A 860 21.12 -10.68 23.50
C VAL A 860 20.76 -9.79 22.31
N SER A 861 19.79 -10.22 21.51
CA SER A 861 19.36 -9.40 20.37
C SER A 861 18.76 -8.08 20.84
N LEU A 862 17.93 -8.12 21.88
CA LEU A 862 17.32 -6.90 22.38
C LEU A 862 18.37 -5.93 22.93
N ALA A 863 19.39 -6.45 23.61
CA ALA A 863 20.47 -5.60 24.09
C ALA A 863 21.28 -5.02 22.95
N ILE A 864 21.47 -5.80 21.88
CA ILE A 864 22.13 -5.25 20.68
C ILE A 864 21.34 -4.06 20.16
N ASP A 865 20.01 -4.20 20.12
CA ASP A 865 19.18 -3.08 19.66
C ASP A 865 19.23 -1.90 20.62
N ALA A 866 19.36 -2.16 21.92
CA ALA A 866 19.24 -1.13 22.94
C ALA A 866 20.57 -0.51 23.38
N TYR A 867 21.70 -0.96 22.83
CA TYR A 867 22.97 -0.40 23.26
C TYR A 867 23.06 1.11 23.09
N PRO A 868 22.71 1.70 21.93
CA PRO A 868 22.98 3.13 21.73
C PRO A 868 22.31 4.03 22.77
N LEU A 869 21.37 3.52 23.56
CA LEU A 869 20.79 4.32 24.63
C LEU A 869 21.80 4.64 25.72
N THR A 870 22.88 3.87 25.82
CA THR A 870 23.89 4.11 26.85
C THR A 870 24.45 5.53 26.78
N LYS A 871 24.41 6.13 25.60
CA LYS A 871 25.03 7.43 25.36
C LYS A 871 24.03 8.58 25.33
N HIS A 872 22.93 8.43 26.06
CA HIS A 872 21.86 9.43 26.06
C HIS A 872 21.99 10.34 27.27
N PRO A 873 21.80 11.65 27.12
CA PRO A 873 21.90 12.53 28.30
C PRO A 873 20.93 12.18 29.41
N ASN A 874 19.73 11.74 29.07
CA ASN A 874 18.78 11.31 30.09
C ASN A 874 19.27 10.01 30.74
N GLN A 875 19.20 9.96 32.06
CA GLN A 875 19.73 8.84 32.80
C GLN A 875 18.81 7.63 32.83
N GLU A 876 17.51 7.82 32.65
CA GLU A 876 16.56 6.71 32.63
C GLU A 876 16.58 5.95 31.30
N TYR A 877 17.23 6.49 30.27
CA TYR A 877 17.41 5.76 29.03
C TYR A 877 18.64 4.87 29.06
N ALA A 878 19.72 5.33 29.70
CA ALA A 878 20.94 4.56 29.80
C ALA A 878 20.82 3.37 30.75
N ASP A 879 19.73 3.26 31.51
CA ASP A 879 19.55 2.20 32.48
C ASP A 879 18.69 1.07 31.96
N VAL A 880 18.38 1.05 30.66
CA VAL A 880 17.69 -0.09 30.05
C VAL A 880 18.69 -1.12 29.56
N PHE A 881 19.80 -0.67 28.97
CA PHE A 881 20.84 -1.57 28.50
C PHE A 881 21.48 -2.34 29.66
N HIS A 882 21.81 -1.63 30.74
CA HIS A 882 22.39 -2.29 31.90
C HIS A 882 21.42 -3.29 32.51
N LEU A 883 20.12 -2.95 32.51
CA LEU A 883 19.11 -3.88 32.98
C LEU A 883 19.17 -5.19 32.22
N TYR A 884 19.27 -5.11 30.89
CA TYR A 884 19.31 -6.31 30.08
C TYR A 884 20.57 -7.13 30.35
N LEU A 885 21.72 -6.46 30.50
CA LEU A 885 22.95 -7.22 30.80
C LEU A 885 22.83 -7.94 32.14
N GLN A 886 22.32 -7.26 33.17
CA GLN A 886 22.16 -7.89 34.47
C GLN A 886 21.17 -9.06 34.42
N TYR A 887 20.08 -8.91 33.68
CA TYR A 887 19.13 -10.00 33.55
C TYR A 887 19.72 -11.18 32.80
N ILE A 888 20.58 -10.94 31.81
CA ILE A 888 21.26 -12.04 31.13
C ILE A 888 22.15 -12.79 32.11
N ARG A 889 22.87 -12.06 32.96
CA ARG A 889 23.70 -12.72 33.97
C ARG A 889 22.84 -13.58 34.89
N LYS A 890 21.70 -13.05 35.33
CA LYS A 890 20.81 -13.81 36.22
C LYS A 890 20.29 -15.06 35.53
N LEU A 891 19.88 -14.94 34.27
CA LEU A 891 19.39 -16.10 33.54
C LEU A 891 20.46 -17.17 33.42
N HIS A 892 21.71 -16.76 33.16
CA HIS A 892 22.77 -17.76 33.07
C HIS A 892 22.99 -18.45 34.40
N ASP A 893 22.97 -17.69 35.51
CA ASP A 893 23.11 -18.32 36.82
C ASP A 893 22.01 -19.35 37.05
N GLU A 894 20.77 -19.01 36.73
CA GLU A 894 19.68 -19.95 36.92
C GLU A 894 19.84 -21.19 36.05
N LEU A 895 20.25 -21.01 34.79
CA LEU A 895 20.43 -22.15 33.90
C LEU A 895 21.52 -23.08 34.43
N THR A 896 22.63 -22.51 34.89
CA THR A 896 23.70 -23.31 35.47
C THR A 896 23.24 -24.04 36.73
N GLY A 897 22.44 -23.39 37.58
CA GLY A 897 21.95 -24.03 38.77
C GLY A 897 21.00 -25.17 38.47
N HIS A 898 20.19 -25.02 37.41
CA HIS A 898 19.27 -26.08 37.01
C HIS A 898 19.99 -27.27 36.38
N MET A 899 20.95 -27.03 35.50
CA MET A 899 21.64 -28.15 34.87
C MET A 899 22.31 -29.03 35.90
N LEU A 900 22.79 -28.45 37.01
CA LEU A 900 23.49 -29.22 38.02
C LEU A 900 22.55 -30.09 38.84
N ASP A 901 21.27 -29.70 38.93
CA ASP A 901 20.30 -30.46 39.72
C ASP A 901 19.57 -31.50 38.87
N MET A 902 18.98 -31.08 37.76
CA MET A 902 18.25 -32.03 36.93
C MET A 902 19.18 -33.12 36.41
N TYR A 903 20.38 -32.75 36.02
CA TYR A 903 21.43 -33.66 35.59
C TYR A 903 22.61 -33.54 36.54
N SER A 904 23.70 -34.23 36.22
CA SER A 904 24.93 -34.18 37.01
C SER A 904 26.09 -33.60 36.22
N VAL A 905 25.81 -32.79 35.21
CA VAL A 905 26.82 -32.24 34.33
C VAL A 905 26.87 -30.73 34.52
N MET A 906 28.08 -30.21 34.70
CA MET A 906 28.31 -28.77 34.64
C MET A 906 28.84 -28.47 33.23
N LEU A 907 28.13 -27.61 32.50
CA LEU A 907 28.51 -27.35 31.12
C LEU A 907 29.97 -26.90 31.09
N THR A 908 30.84 -27.76 30.55
CA THR A 908 32.27 -27.59 30.74
C THR A 908 32.79 -26.37 29.97
N ASN A 909 32.39 -26.24 28.70
CA ASN A 909 32.93 -25.22 27.82
C ASN A 909 31.90 -24.11 27.67
N ASP A 910 32.24 -22.91 28.16
CA ASP A 910 31.36 -21.77 28.10
C ASP A 910 32.12 -20.55 27.57
N ASN A 911 31.44 -19.77 26.73
CA ASN A 911 31.95 -18.48 26.28
C ASN A 911 30.90 -17.39 26.48
N THR A 912 29.89 -17.66 27.31
CA THR A 912 28.79 -16.72 27.51
C THR A 912 29.20 -15.52 28.35
N SER A 913 30.40 -15.52 28.94
CA SER A 913 30.82 -14.38 29.75
C SER A 913 30.89 -13.10 28.93
N ARG A 914 30.95 -13.21 27.60
CA ARG A 914 31.05 -12.03 26.76
C ARG A 914 29.70 -11.33 26.57
N TYR A 915 28.59 -12.03 26.84
CA TYR A 915 27.28 -11.46 26.55
C TYR A 915 26.85 -10.43 27.58
N TRP A 916 27.31 -10.55 28.83
CA TRP A 916 26.98 -9.55 29.85
C TRP A 916 28.13 -8.60 30.12
N GLU A 917 28.91 -8.27 29.08
CA GLU A 917 29.93 -7.24 29.13
C GLU A 917 29.72 -6.26 27.98
N PRO A 918 29.92 -4.97 28.19
CA PRO A 918 29.53 -3.98 27.17
C PRO A 918 30.45 -3.91 25.97
N GLU A 919 31.55 -4.66 25.93
CA GLU A 919 32.44 -4.61 24.77
C GLU A 919 31.96 -5.47 23.61
N PHE A 920 31.03 -6.40 23.85
CA PHE A 920 30.49 -7.21 22.75
C PHE A 920 29.54 -6.40 21.88
N TYR A 921 28.90 -5.37 22.45
CA TYR A 921 27.88 -4.62 21.73
C TYR A 921 28.41 -3.34 21.11
N GLU A 922 29.54 -2.81 21.58
CA GLU A 922 30.14 -1.66 20.90
C GLU A 922 30.58 -2.01 19.49
N ALA A 923 31.12 -3.21 19.29
CA ALA A 923 31.64 -3.60 17.99
C ALA A 923 30.59 -3.58 16.90
N MET A 924 29.31 -3.61 17.26
CA MET A 924 28.25 -3.58 16.27
C MET A 924 28.05 -2.20 15.66
N TYR A 925 28.63 -1.16 16.25
CA TYR A 925 28.46 0.21 15.74
C TYR A 925 29.79 0.87 15.41
N THR A 926 30.85 0.07 15.22
CA THR A 926 32.16 0.62 14.88
C THR A 926 32.50 0.30 13.43
N PRO A 927 33.07 1.26 12.68
CA PRO A 927 33.13 1.11 11.21
C PRO A 927 34.04 0.00 10.71
N HIS A 928 34.85 -0.64 11.56
CA HIS A 928 35.93 -1.48 11.07
C HIS A 928 35.42 -2.51 10.06
N THR A 929 34.31 -3.17 10.37
CA THR A 929 33.75 -4.18 9.47
C THR A 929 32.94 -3.51 8.37
N PHE B 6 39.28 -53.12 0.13
CA PHE B 6 40.30 -52.47 -0.66
C PHE B 6 41.43 -51.96 0.22
N SER B 7 41.08 -51.44 1.39
CA SER B 7 42.05 -50.99 2.38
C SER B 7 42.26 -52.01 3.50
N SER B 8 41.22 -52.76 3.85
CA SER B 8 41.38 -53.79 4.87
C SER B 8 42.35 -54.87 4.42
N LEU B 9 42.25 -55.30 3.15
CA LEU B 9 43.10 -56.39 2.68
C LEU B 9 44.57 -56.01 2.68
N PRO B 10 44.98 -54.90 2.04
CA PRO B 10 46.42 -54.55 2.08
C PRO B 10 46.93 -54.33 3.48
N SER B 11 46.13 -53.72 4.36
CA SER B 11 46.55 -53.56 5.75
C SER B 11 46.81 -54.92 6.39
N TYR B 12 45.76 -55.73 6.51
CA TYR B 12 45.89 -57.00 7.21
C TYR B 12 46.90 -57.92 6.55
N ALA B 13 47.27 -57.67 5.30
CA ALA B 13 48.29 -58.48 4.64
C ALA B 13 49.70 -57.96 4.90
N ALA B 14 49.96 -56.71 4.50
CA ALA B 14 51.32 -56.17 4.53
C ALA B 14 51.78 -55.77 5.93
N PHE B 15 50.87 -55.33 6.80
CA PHE B 15 51.29 -54.93 8.13
C PHE B 15 51.88 -56.09 8.93
N ALA B 16 51.49 -57.33 8.61
CA ALA B 16 52.13 -58.48 9.22
C ALA B 16 53.63 -58.46 8.97
N THR B 17 54.03 -58.30 7.72
CA THR B 17 55.46 -58.20 7.39
C THR B 17 56.07 -56.92 7.95
N ALA B 18 55.31 -55.82 7.95
CA ALA B 18 55.83 -54.57 8.47
C ALA B 18 56.24 -54.71 9.92
N GLN B 19 55.39 -55.37 10.73
CA GLN B 19 55.72 -55.61 12.12
C GLN B 19 56.73 -56.74 12.31
N GLU B 20 56.74 -57.72 11.40
CA GLU B 20 57.76 -58.76 11.47
C GLU B 20 59.15 -58.18 11.25
N ALA B 21 59.25 -57.10 10.48
CA ALA B 21 60.56 -56.46 10.28
C ALA B 21 61.14 -55.98 11.61
N TYR B 22 60.31 -55.36 12.45
CA TYR B 22 60.77 -54.94 13.78
C TYR B 22 60.85 -56.11 14.75
N GLU B 23 60.04 -57.14 14.54
CA GLU B 23 60.19 -58.36 15.36
C GLU B 23 61.57 -58.96 15.15
N GLN B 24 62.06 -58.97 13.91
CA GLN B 24 63.42 -59.40 13.65
C GLN B 24 64.45 -58.49 14.31
N ALA B 25 64.18 -57.18 14.37
CA ALA B 25 65.08 -56.29 15.09
C ALA B 25 65.15 -56.66 16.57
N VAL B 26 64.01 -56.94 17.17
CA VAL B 26 64.00 -57.41 18.56
C VAL B 26 64.76 -58.73 18.67
N ALA B 27 64.61 -59.61 17.69
CA ALA B 27 65.28 -60.90 17.72
C ALA B 27 66.79 -60.73 17.69
N ASN B 28 67.29 -59.83 16.85
CA ASN B 28 68.72 -59.71 16.59
C ASN B 28 69.39 -58.64 17.45
N GLY B 29 68.92 -57.41 17.40
CA GLY B 29 69.65 -56.31 18.04
C GLY B 29 70.74 -55.77 17.16
N ASP B 30 71.51 -56.66 16.52
CA ASP B 30 72.48 -56.27 15.51
C ASP B 30 71.74 -55.95 14.22
N SER B 31 72.48 -55.78 13.11
CA SER B 31 71.87 -55.44 11.84
C SER B 31 71.34 -54.02 11.88
N GLU B 32 72.13 -53.10 12.44
CA GLU B 32 71.72 -51.69 12.49
C GLU B 32 71.42 -51.15 11.10
N VAL B 33 72.07 -51.68 10.06
CA VAL B 33 71.66 -51.35 8.70
C VAL B 33 70.25 -51.84 8.44
N VAL B 34 69.94 -53.07 8.91
CA VAL B 34 68.57 -53.54 8.82
C VAL B 34 67.63 -52.72 9.69
N LEU B 35 68.16 -51.91 10.62
CA LEU B 35 67.32 -50.92 11.28
C LEU B 35 66.73 -49.96 10.26
N LYS B 36 67.57 -49.40 9.39
CA LYS B 36 67.07 -48.52 8.33
C LYS B 36 66.23 -49.29 7.32
N LYS B 37 66.62 -50.54 7.03
CA LYS B 37 65.83 -51.33 6.08
C LYS B 37 64.42 -51.58 6.60
N LEU B 38 64.30 -51.92 7.89
CA LEU B 38 62.98 -52.13 8.48
C LEU B 38 62.23 -50.81 8.62
N LYS B 39 62.94 -49.71 8.87
CA LYS B 39 62.30 -48.40 8.79
C LYS B 39 61.64 -48.22 7.45
N LYS B 40 62.37 -48.50 6.37
CA LYS B 40 61.80 -48.39 5.02
C LYS B 40 60.58 -49.28 4.87
N SER B 41 60.71 -50.55 5.27
CA SER B 41 59.61 -51.50 5.09
C SER B 41 58.36 -51.04 5.83
N LEU B 42 58.51 -50.74 7.12
CA LEU B 42 57.37 -50.37 7.95
C LEU B 42 56.73 -49.08 7.44
N ASN B 43 57.55 -48.09 7.09
CA ASN B 43 57.00 -46.82 6.63
C ASN B 43 56.31 -46.97 5.27
N VAL B 44 56.87 -47.79 4.38
CA VAL B 44 56.22 -48.03 3.09
C VAL B 44 54.86 -48.66 3.30
N ALA B 45 54.80 -49.70 4.14
CA ALA B 45 53.51 -50.34 4.40
C ALA B 45 52.53 -49.37 5.02
N LYS B 46 53.00 -48.57 5.99
CA LYS B 46 52.12 -47.63 6.68
C LYS B 46 51.57 -46.59 5.71
N SER B 47 52.42 -46.04 4.85
CA SER B 47 51.96 -45.01 3.92
C SER B 47 51.00 -45.58 2.89
N GLU B 48 51.31 -46.77 2.35
CA GLU B 48 50.40 -47.39 1.40
C GLU B 48 49.04 -47.64 2.05
N PHE B 49 49.05 -48.16 3.28
CA PHE B 49 47.80 -48.30 4.02
C PHE B 49 47.07 -46.97 4.11
N ASP B 50 47.70 -45.98 4.74
CA ASP B 50 47.08 -44.66 4.89
C ASP B 50 46.41 -44.20 3.61
N ARG B 51 47.11 -44.30 2.48
CA ARG B 51 46.54 -43.89 1.21
C ARG B 51 45.28 -44.68 0.88
N ASP B 52 45.36 -46.01 0.96
CA ASP B 52 44.23 -46.84 0.58
C ASP B 52 43.04 -46.62 1.52
N ALA B 53 43.30 -46.50 2.81
CA ALA B 53 42.23 -46.25 3.78
C ALA B 53 41.56 -44.91 3.53
N ALA B 54 42.34 -43.88 3.22
CA ALA B 54 41.75 -42.59 2.90
C ALA B 54 40.86 -42.70 1.66
N MET B 55 41.34 -43.41 0.63
CA MET B 55 40.52 -43.60 -0.56
C MET B 55 39.22 -44.33 -0.21
N GLN B 56 39.31 -45.36 0.63
CA GLN B 56 38.11 -46.12 1.00
C GLN B 56 37.12 -45.24 1.76
N ARG B 57 37.61 -44.45 2.71
CA ARG B 57 36.72 -43.57 3.46
C ARG B 57 36.04 -42.56 2.54
N LYS B 58 36.80 -41.98 1.62
CA LYS B 58 36.20 -41.05 0.66
C LYS B 58 35.10 -41.74 -0.14
N LEU B 59 35.39 -42.94 -0.66
CA LEU B 59 34.40 -43.66 -1.45
C LEU B 59 33.15 -43.95 -0.62
N GLU B 60 33.33 -44.34 0.64
CA GLU B 60 32.20 -44.61 1.50
C GLU B 60 31.33 -43.37 1.67
N LYS B 61 31.95 -42.21 1.90
CA LYS B 61 31.18 -40.98 2.04
C LYS B 61 30.44 -40.66 0.74
N MET B 62 31.09 -40.84 -0.40
CA MET B 62 30.43 -40.56 -1.67
C MET B 62 29.20 -41.43 -1.85
N ALA B 63 29.34 -42.73 -1.57
CA ALA B 63 28.22 -43.65 -1.72
C ALA B 63 27.08 -43.29 -0.77
N ASP B 64 27.42 -42.94 0.48
CA ASP B 64 26.39 -42.57 1.44
C ASP B 64 25.62 -41.34 0.96
N GLN B 65 26.33 -40.33 0.47
CA GLN B 65 25.65 -39.13 -0.02
C GLN B 65 24.77 -39.46 -1.21
N ALA B 66 25.25 -40.31 -2.12
CA ALA B 66 24.44 -40.68 -3.27
C ALA B 66 23.16 -41.40 -2.84
N MET B 67 23.28 -42.32 -1.88
CA MET B 67 22.10 -43.02 -1.38
C MET B 67 21.11 -42.06 -0.75
N THR B 68 21.60 -41.11 0.05
CA THR B 68 20.71 -40.14 0.67
C THR B 68 19.99 -39.30 -0.37
N GLN B 69 20.73 -38.86 -1.40
CA GLN B 69 20.10 -38.08 -2.47
C GLN B 69 19.02 -38.91 -3.17
N MET B 70 19.30 -40.18 -3.45
CA MET B 70 18.31 -41.02 -4.10
C MET B 70 17.05 -41.16 -3.26
N TYR B 71 17.21 -41.40 -1.96
CA TYR B 71 16.04 -41.54 -1.09
C TYR B 71 15.23 -40.26 -1.05
N LYS B 72 15.90 -39.11 -0.90
CA LYS B 72 15.20 -37.85 -0.86
C LYS B 72 14.44 -37.61 -2.16
N GLN B 73 15.10 -37.87 -3.29
CA GLN B 73 14.41 -37.70 -4.57
C GLN B 73 13.19 -38.59 -4.65
N ALA B 74 13.32 -39.87 -4.29
CA ALA B 74 12.20 -40.79 -4.38
C ALA B 74 11.07 -40.45 -3.42
N ARG B 75 11.35 -39.70 -2.35
CA ARG B 75 10.28 -39.23 -1.48
C ARG B 75 9.56 -38.01 -2.02
N SER B 76 10.19 -37.25 -2.91
CA SER B 76 9.58 -36.06 -3.50
C SER B 76 8.76 -36.38 -4.75
N GLU B 77 8.73 -37.64 -5.17
CA GLU B 77 7.90 -38.07 -6.30
C GLU B 77 6.64 -38.80 -5.86
N ASP B 78 6.52 -39.18 -4.59
CA ASP B 78 5.30 -39.79 -4.10
C ASP B 78 4.39 -38.76 -3.43
N LYS B 79 4.79 -37.49 -3.39
CA LYS B 79 3.95 -36.39 -2.95
C LYS B 79 3.43 -35.54 -4.10
N ARG B 80 4.09 -35.57 -5.26
CA ARG B 80 3.52 -35.00 -6.47
C ARG B 80 2.24 -35.73 -6.87
N ALA B 81 2.25 -37.06 -6.75
CA ALA B 81 1.08 -37.84 -7.12
C ALA B 81 -0.10 -37.57 -6.20
N LYS B 82 0.16 -37.45 -4.90
CA LYS B 82 -0.93 -37.19 -3.95
C LYS B 82 -1.57 -35.83 -4.20
N VAL B 83 -0.76 -34.80 -4.45
CA VAL B 83 -1.32 -33.48 -4.70
C VAL B 83 -2.04 -33.46 -6.04
N THR B 84 -1.52 -34.18 -7.04
CA THR B 84 -2.23 -34.30 -8.31
C THR B 84 -3.62 -34.91 -8.11
N SER B 85 -3.68 -35.99 -7.35
CA SER B 85 -4.96 -36.64 -7.09
C SER B 85 -5.90 -35.72 -6.32
N ALA B 86 -5.37 -35.00 -5.32
CA ALA B 86 -6.20 -34.09 -4.55
C ALA B 86 -6.78 -33.00 -5.43
N MET B 87 -5.96 -32.43 -6.32
CA MET B 87 -6.46 -31.39 -7.22
C MET B 87 -7.52 -31.92 -8.15
N GLN B 88 -7.30 -33.12 -8.72
CA GLN B 88 -8.32 -33.68 -9.62
C GLN B 88 -9.63 -33.93 -8.87
N THR B 89 -9.54 -34.47 -7.66
CA THR B 89 -10.75 -34.73 -6.87
C THR B 89 -11.47 -33.43 -6.56
N MET B 90 -10.73 -32.38 -6.19
CA MET B 90 -11.37 -31.10 -5.92
C MET B 90 -12.08 -30.58 -7.16
N LEU B 91 -11.43 -30.65 -8.31
CA LEU B 91 -12.04 -30.14 -9.53
C LEU B 91 -13.32 -30.89 -9.87
N PHE B 92 -13.29 -32.22 -9.78
CA PHE B 92 -14.49 -32.98 -10.11
C PHE B 92 -15.60 -32.77 -9.07
N THR B 93 -15.24 -32.66 -7.79
CA THR B 93 -16.23 -32.37 -6.76
C THR B 93 -16.92 -31.04 -7.02
N MET B 94 -16.14 -30.00 -7.31
CA MET B 94 -16.74 -28.70 -7.63
C MET B 94 -17.59 -28.78 -8.88
N LEU B 95 -17.12 -29.52 -9.89
CA LEU B 95 -17.85 -29.64 -11.14
C LEU B 95 -19.22 -30.26 -10.93
N ARG B 96 -19.30 -31.34 -10.14
CA ARG B 96 -20.59 -32.00 -9.94
C ARG B 96 -21.58 -31.17 -9.15
N LYS B 97 -21.22 -29.96 -8.73
CA LYS B 97 -22.11 -29.09 -7.96
C LYS B 97 -22.76 -28.00 -8.83
N LEU B 98 -22.57 -28.07 -10.15
CA LEU B 98 -23.08 -27.04 -11.05
C LEU B 98 -24.37 -27.53 -11.72
N ASP B 99 -25.42 -26.73 -11.59
CA ASP B 99 -26.67 -27.02 -12.27
C ASP B 99 -26.52 -26.63 -13.74
N ASN B 100 -26.43 -27.63 -14.62
CA ASN B 100 -26.14 -27.39 -16.02
C ASN B 100 -27.39 -27.09 -16.84
N ASP B 101 -28.45 -26.61 -16.19
CA ASP B 101 -29.66 -26.17 -16.87
C ASP B 101 -29.72 -24.66 -17.01
N ALA B 102 -29.56 -23.92 -15.91
CA ALA B 102 -29.49 -22.46 -16.01
C ALA B 102 -28.17 -22.01 -16.59
N LEU B 103 -27.08 -22.66 -16.18
CA LEU B 103 -25.75 -22.27 -16.67
C LEU B 103 -25.69 -22.39 -18.19
N ASN B 104 -26.20 -23.48 -18.73
CA ASN B 104 -26.22 -23.65 -20.18
C ASN B 104 -27.07 -22.57 -20.83
N ASN B 105 -28.19 -22.21 -20.22
CA ASN B 105 -29.04 -21.17 -20.80
C ASN B 105 -28.28 -19.86 -20.91
N ILE B 106 -27.63 -19.42 -19.82
CA ILE B 106 -26.94 -18.13 -19.89
C ILE B 106 -25.75 -18.21 -20.83
N ILE B 107 -25.04 -19.34 -20.85
CA ILE B 107 -23.88 -19.46 -21.72
C ILE B 107 -24.30 -19.44 -23.18
N ASN B 108 -25.44 -20.04 -23.50
CA ASN B 108 -25.91 -20.09 -24.88
C ASN B 108 -26.54 -18.78 -25.34
N ASN B 109 -27.15 -18.02 -24.43
CA ASN B 109 -27.67 -16.71 -24.81
C ASN B 109 -26.56 -15.69 -25.06
N ALA B 110 -25.34 -15.98 -24.64
CA ALA B 110 -24.23 -15.06 -24.86
C ALA B 110 -23.79 -15.08 -26.32
N ARG B 111 -23.20 -13.96 -26.75
CA ARG B 111 -22.85 -13.79 -28.15
C ARG B 111 -21.86 -14.86 -28.61
N ASP B 112 -20.64 -14.83 -28.05
CA ASP B 112 -19.59 -15.75 -28.45
C ASP B 112 -19.29 -16.79 -27.39
N GLY B 113 -20.12 -16.91 -26.35
CA GLY B 113 -19.92 -17.87 -25.30
C GLY B 113 -19.24 -17.31 -24.07
N CYS B 114 -18.63 -16.14 -24.17
CA CYS B 114 -18.00 -15.51 -23.02
C CYS B 114 -19.02 -14.71 -22.22
N VAL B 115 -18.94 -14.83 -20.90
CA VAL B 115 -19.80 -14.07 -20.00
C VAL B 115 -18.99 -13.68 -18.78
N PRO B 116 -19.21 -12.49 -18.20
CA PRO B 116 -18.46 -12.12 -17.00
C PRO B 116 -18.77 -13.07 -15.85
N LEU B 117 -17.76 -13.31 -15.02
CA LEU B 117 -17.91 -14.23 -13.90
C LEU B 117 -18.90 -13.71 -12.88
N ASN B 118 -18.89 -12.40 -12.61
CA ASN B 118 -19.65 -11.83 -11.50
C ASN B 118 -21.16 -12.06 -11.65
N ILE B 119 -21.64 -12.41 -12.85
CA ILE B 119 -23.07 -12.62 -13.04
C ILE B 119 -23.49 -14.08 -12.84
N ILE B 120 -22.55 -15.02 -12.83
CA ILE B 120 -22.94 -16.44 -12.73
C ILE B 120 -23.63 -16.73 -11.41
N PRO B 121 -23.09 -16.35 -10.25
CA PRO B 121 -23.87 -16.55 -9.00
C PRO B 121 -25.20 -15.84 -9.01
N LEU B 122 -25.27 -14.63 -9.58
CA LEU B 122 -26.50 -13.86 -9.56
C LEU B 122 -27.63 -14.59 -10.29
N THR B 123 -27.32 -15.20 -11.43
CA THR B 123 -28.35 -15.74 -12.32
C THR B 123 -28.56 -17.24 -12.19
N THR B 124 -27.63 -17.98 -11.58
CA THR B 124 -27.72 -19.43 -11.54
C THR B 124 -27.63 -20.03 -10.13
N ALA B 125 -27.25 -19.27 -9.12
CA ALA B 125 -27.14 -19.83 -7.78
C ALA B 125 -28.52 -20.23 -7.26
N ALA B 126 -28.55 -21.29 -6.44
CA ALA B 126 -29.78 -21.81 -5.89
C ALA B 126 -30.01 -21.43 -4.44
N LYS B 127 -29.01 -20.84 -3.77
CA LYS B 127 -29.15 -20.41 -2.38
C LYS B 127 -28.58 -19.00 -2.23
N LEU B 128 -29.08 -18.29 -1.23
CA LEU B 128 -28.62 -16.95 -0.92
C LEU B 128 -28.30 -16.86 0.56
N MET B 129 -27.19 -16.19 0.88
CA MET B 129 -26.81 -15.90 2.27
C MET B 129 -26.81 -14.40 2.47
N VAL B 130 -27.49 -13.93 3.52
CA VAL B 130 -27.55 -12.52 3.85
C VAL B 130 -27.00 -12.34 5.25
N VAL B 131 -26.00 -11.48 5.39
CA VAL B 131 -25.37 -11.17 6.67
C VAL B 131 -25.81 -9.78 7.07
N ILE B 132 -26.49 -9.68 8.21
CA ILE B 132 -27.17 -8.46 8.62
C ILE B 132 -26.55 -7.97 9.93
N PRO B 133 -25.91 -6.78 9.96
CA PRO B 133 -25.30 -6.29 11.20
C PRO B 133 -26.27 -5.86 12.28
N ASP B 134 -27.24 -5.01 11.95
CA ASP B 134 -28.14 -4.40 12.92
C ASP B 134 -29.59 -4.74 12.56
N TYR B 135 -30.53 -4.13 13.29
CA TYR B 135 -31.94 -4.47 13.08
C TYR B 135 -32.59 -3.64 11.98
N ASN B 136 -32.15 -2.39 11.79
CA ASN B 136 -32.69 -1.60 10.69
C ASN B 136 -32.40 -2.27 9.35
N THR B 137 -31.19 -2.81 9.20
CA THR B 137 -30.86 -3.51 7.96
C THR B 137 -31.77 -4.72 7.76
N TYR B 138 -32.03 -5.48 8.82
CA TYR B 138 -32.94 -6.61 8.67
C TYR B 138 -34.33 -6.15 8.28
N LYS B 139 -34.81 -5.07 8.90
CA LYS B 139 -36.13 -4.57 8.58
C LYS B 139 -36.23 -4.11 7.14
N ASN B 140 -35.15 -3.55 6.60
CA ASN B 140 -35.17 -2.97 5.26
C ASN B 140 -34.76 -3.95 4.17
N THR B 141 -34.18 -5.10 4.50
CA THR B 141 -33.71 -6.05 3.48
C THR B 141 -34.47 -7.37 3.52
N CYS B 142 -34.46 -8.07 4.65
CA CYS B 142 -34.96 -9.45 4.73
C CYS B 142 -36.28 -9.56 5.48
N ASP B 143 -37.01 -8.46 5.64
CA ASP B 143 -38.23 -8.49 6.44
C ASP B 143 -39.22 -9.48 5.85
N GLY B 144 -39.91 -10.20 6.73
CA GLY B 144 -40.88 -11.19 6.31
C GLY B 144 -40.26 -12.55 6.06
N THR B 145 -41.10 -13.46 5.58
CA THR B 145 -40.68 -14.81 5.23
C THR B 145 -40.36 -14.97 3.76
N THR B 146 -40.23 -13.87 3.03
CA THR B 146 -39.96 -13.89 1.60
C THR B 146 -39.60 -12.48 1.17
N PHE B 147 -38.58 -12.36 0.32
CA PHE B 147 -38.12 -11.05 -0.12
C PHE B 147 -37.65 -11.15 -1.57
N THR B 148 -37.16 -10.03 -2.09
CA THR B 148 -36.77 -9.92 -3.49
C THR B 148 -35.37 -9.31 -3.58
N TYR B 149 -34.48 -9.98 -4.30
CA TYR B 149 -33.14 -9.47 -4.51
C TYR B 149 -32.61 -10.04 -5.81
N ALA B 150 -32.00 -9.20 -6.65
CA ALA B 150 -31.45 -9.60 -7.94
C ALA B 150 -32.56 -10.04 -8.90
N SER B 151 -33.68 -9.31 -8.89
CA SER B 151 -34.79 -9.58 -9.79
C SER B 151 -35.31 -11.01 -9.65
N ALA B 152 -35.34 -11.50 -8.42
CA ALA B 152 -35.85 -12.85 -8.14
C ALA B 152 -36.47 -12.86 -6.75
N LEU B 153 -37.28 -13.88 -6.50
CA LEU B 153 -37.98 -14.03 -5.23
C LEU B 153 -37.31 -15.13 -4.42
N TRP B 154 -36.95 -14.80 -3.18
CA TRP B 154 -36.27 -15.71 -2.28
C TRP B 154 -37.13 -15.96 -1.05
N GLU B 155 -37.13 -17.21 -0.60
CA GLU B 155 -37.90 -17.65 0.57
C GLU B 155 -36.93 -18.01 1.69
N ILE B 156 -37.12 -17.41 2.86
CA ILE B 156 -36.20 -17.66 3.97
C ILE B 156 -36.30 -19.11 4.38
N GLN B 157 -35.16 -19.79 4.42
CA GLN B 157 -35.07 -21.18 4.86
C GLN B 157 -34.60 -21.30 6.31
N GLN B 158 -33.65 -20.49 6.73
CA GLN B 158 -33.16 -20.58 8.11
C GLN B 158 -32.46 -19.29 8.49
N VAL B 159 -32.37 -19.04 9.79
CA VAL B 159 -31.67 -17.89 10.34
C VAL B 159 -30.84 -18.38 11.53
N VAL B 160 -29.59 -17.93 11.61
CA VAL B 160 -28.73 -18.21 12.76
C VAL B 160 -28.00 -16.93 13.12
N ASP B 161 -27.40 -16.93 14.31
CA ASP B 161 -26.66 -15.79 14.82
C ASP B 161 -25.16 -16.09 14.78
N ALA B 162 -24.37 -15.15 15.29
CA ALA B 162 -22.92 -15.26 15.19
C ALA B 162 -22.37 -16.47 15.93
N ASP B 163 -23.16 -17.06 16.83
CA ASP B 163 -22.76 -18.26 17.55
C ASP B 163 -23.22 -19.54 16.86
N SER B 164 -23.82 -19.44 15.68
CA SER B 164 -24.37 -20.59 14.96
C SER B 164 -25.51 -21.22 15.74
N LYS B 165 -26.26 -20.42 16.49
CA LYS B 165 -27.44 -20.87 17.20
C LYS B 165 -28.67 -20.47 16.40
N ILE B 166 -29.70 -21.32 16.44
CA ILE B 166 -30.88 -21.09 15.62
C ILE B 166 -31.71 -19.96 16.23
N VAL B 167 -32.12 -19.02 15.38
CA VAL B 167 -32.97 -17.91 15.79
C VAL B 167 -34.31 -18.05 15.07
N GLN B 168 -35.39 -17.95 15.83
CA GLN B 168 -36.73 -17.99 15.24
C GLN B 168 -37.10 -16.62 14.70
N LEU B 169 -37.90 -16.60 13.64
CA LEU B 169 -38.31 -15.35 13.03
C LEU B 169 -39.16 -14.51 13.96
N SER B 170 -39.77 -15.11 14.98
CA SER B 170 -40.56 -14.35 15.94
C SER B 170 -39.71 -13.68 17.01
N GLU B 171 -38.46 -14.09 17.18
CA GLU B 171 -37.57 -13.48 18.16
C GLU B 171 -36.94 -12.18 17.66
N ILE B 172 -37.03 -11.90 16.37
CA ILE B 172 -36.35 -10.75 15.77
C ILE B 172 -37.34 -9.59 15.84
N SER B 173 -37.34 -8.88 16.96
CA SER B 173 -38.22 -7.73 17.16
C SER B 173 -37.42 -6.60 17.78
N MET B 174 -38.04 -5.42 17.79
CA MET B 174 -37.39 -4.24 18.37
C MET B 174 -37.08 -4.43 19.85
N ASP B 175 -38.03 -5.00 20.61
CA ASP B 175 -37.83 -5.15 22.05
C ASP B 175 -36.73 -6.17 22.35
N ASN B 176 -36.71 -7.29 21.64
CA ASN B 176 -35.78 -8.37 21.92
C ASN B 176 -34.46 -8.22 21.17
N SER B 177 -34.32 -7.21 20.32
CA SER B 177 -33.09 -7.05 19.55
C SER B 177 -31.85 -7.00 20.43
N PRO B 178 -31.81 -6.25 21.54
CA PRO B 178 -30.58 -6.19 22.34
C PRO B 178 -30.15 -7.52 22.92
N ASN B 179 -30.96 -8.57 22.81
CA ASN B 179 -30.63 -9.87 23.40
C ASN B 179 -30.23 -10.90 22.35
N LEU B 180 -29.93 -10.45 21.13
CA LEU B 180 -29.46 -11.33 20.06
C LEU B 180 -27.98 -11.07 19.82
N ALA B 181 -27.29 -12.10 19.31
CA ALA B 181 -25.87 -12.00 19.00
C ALA B 181 -25.73 -11.67 17.51
N TRP B 182 -25.62 -10.39 17.21
CA TRP B 182 -25.47 -9.94 15.84
C TRP B 182 -24.03 -10.12 15.37
N PRO B 183 -23.80 -10.21 14.05
CA PRO B 183 -24.77 -10.16 12.94
C PRO B 183 -25.59 -11.43 12.80
N LEU B 184 -26.71 -11.39 12.09
CA LEU B 184 -27.51 -12.57 11.81
C LEU B 184 -27.27 -13.01 10.37
N ILE B 185 -27.05 -14.31 10.18
CA ILE B 185 -26.88 -14.89 8.85
C ILE B 185 -28.15 -15.64 8.53
N VAL B 186 -28.81 -15.25 7.45
CA VAL B 186 -30.06 -15.86 7.01
C VAL B 186 -29.83 -16.49 5.65
N THR B 187 -30.19 -17.77 5.53
CA THR B 187 -30.05 -18.52 4.29
C THR B 187 -31.43 -18.73 3.69
N ALA B 188 -31.57 -18.40 2.41
CA ALA B 188 -32.83 -18.43 1.70
C ALA B 188 -32.67 -19.21 0.39
N LEU B 189 -33.79 -19.70 -0.11
CA LEU B 189 -33.83 -20.58 -1.28
C LEU B 189 -34.57 -19.88 -2.41
N ARG B 190 -34.04 -19.98 -3.63
CA ARG B 190 -34.66 -19.35 -4.78
C ARG B 190 -36.02 -20.00 -5.05
N ALA B 191 -37.06 -19.18 -5.16
CA ALA B 191 -38.41 -19.69 -5.41
C ALA B 191 -38.50 -20.15 -6.87
N ASN B 192 -38.61 -21.46 -7.06
CA ASN B 192 -38.65 -22.07 -8.39
C ASN B 192 -37.69 -21.40 -9.36
N LYS C 2 0.55 2.83 40.48
CA LYS C 2 -0.02 1.49 40.38
C LYS C 2 -0.63 1.26 39.00
N MET C 3 -0.43 2.20 38.08
CA MET C 3 -1.01 2.07 36.75
C MET C 3 -0.37 0.90 36.00
N SER C 4 0.95 0.78 36.05
CA SER C 4 1.64 -0.28 35.34
C SER C 4 1.39 -1.65 35.96
N ASP C 5 0.77 -1.71 37.13
CA ASP C 5 0.36 -2.98 37.71
C ASP C 5 -1.02 -3.41 37.22
N VAL C 6 -1.97 -2.48 37.16
CA VAL C 6 -3.29 -2.81 36.63
C VAL C 6 -3.19 -3.14 35.14
N LYS C 7 -2.33 -2.45 34.40
CA LYS C 7 -2.21 -2.72 32.97
C LYS C 7 -1.72 -4.14 32.69
N CYS C 8 -1.00 -4.76 33.63
CA CYS C 8 -0.55 -6.14 33.47
C CYS C 8 -1.54 -7.14 34.06
N THR C 9 -2.18 -6.78 35.17
CA THR C 9 -3.21 -7.64 35.73
C THR C 9 -4.37 -7.80 34.74
N SER C 10 -4.69 -6.77 33.98
CA SER C 10 -5.76 -6.90 32.99
C SER C 10 -5.38 -7.89 31.89
N VAL C 11 -4.12 -7.88 31.47
CA VAL C 11 -3.65 -8.83 30.46
C VAL C 11 -3.78 -10.25 30.99
N VAL C 12 -3.29 -10.48 32.21
CA VAL C 12 -3.36 -11.82 32.80
C VAL C 12 -4.82 -12.25 32.95
N LEU C 13 -5.69 -11.33 33.35
CA LEU C 13 -7.09 -11.66 33.57
C LEU C 13 -7.79 -12.02 32.25
N LEU C 14 -7.50 -11.29 31.17
CA LEU C 14 -8.12 -11.63 29.90
C LEU C 14 -7.58 -12.95 29.35
N SER C 15 -6.30 -13.26 29.59
CA SER C 15 -5.80 -14.58 29.23
C SER C 15 -6.56 -15.66 29.99
N VAL C 16 -6.75 -15.46 31.30
CA VAL C 16 -7.49 -16.44 32.09
C VAL C 16 -8.89 -16.63 31.54
N LEU C 17 -9.57 -15.53 31.19
CA LEU C 17 -10.91 -15.64 30.64
C LEU C 17 -10.90 -16.40 29.33
N GLN C 18 -9.94 -16.10 28.45
CA GLN C 18 -9.88 -16.78 27.16
C GLN C 18 -9.64 -18.28 27.32
N GLN C 19 -8.89 -18.69 28.36
CA GLN C 19 -8.69 -20.12 28.58
C GLN C 19 -9.98 -20.82 28.99
N LEU C 20 -10.85 -20.13 29.74
CA LEU C 20 -12.14 -20.70 30.11
C LEU C 20 -13.12 -20.74 28.95
N ARG C 21 -12.70 -20.32 27.76
CA ARG C 21 -13.52 -20.41 26.55
C ARG C 21 -14.71 -19.45 26.59
N VAL C 22 -14.44 -18.21 27.01
CA VAL C 22 -15.41 -17.14 26.84
C VAL C 22 -15.48 -16.67 25.40
N GLU C 23 -14.53 -17.08 24.56
CA GLU C 23 -14.56 -16.75 23.15
C GLU C 23 -15.79 -17.31 22.45
N SER C 24 -16.45 -18.32 23.03
CA SER C 24 -17.58 -18.96 22.40
C SER C 24 -18.85 -18.14 22.46
N SER C 25 -18.85 -17.02 23.17
CA SER C 25 -19.97 -16.07 23.17
C SER C 25 -19.47 -14.76 22.56
N SER C 26 -20.12 -14.34 21.48
CA SER C 26 -19.69 -13.13 20.79
C SER C 26 -19.89 -11.88 21.63
N LYS C 27 -21.03 -11.75 22.30
CA LYS C 27 -21.31 -10.55 23.08
C LYS C 27 -20.36 -10.41 24.26
N LEU C 28 -20.19 -11.50 25.03
CA LEU C 28 -19.34 -11.44 26.21
C LEU C 28 -17.88 -11.19 25.81
N TRP C 29 -17.41 -11.86 24.76
CA TRP C 29 -16.05 -11.63 24.31
C TRP C 29 -15.86 -10.20 23.82
N ALA C 30 -16.86 -9.65 23.13
CA ALA C 30 -16.76 -8.27 22.68
C ALA C 30 -16.65 -7.31 23.85
N GLN C 31 -17.49 -7.51 24.88
CA GLN C 31 -17.43 -6.64 26.06
C GLN C 31 -16.08 -6.75 26.75
N CYS C 32 -15.59 -7.99 26.92
CA CYS C 32 -14.31 -8.18 27.58
C CYS C 32 -13.17 -7.53 26.80
N VAL C 33 -13.19 -7.67 25.47
CA VAL C 33 -12.15 -7.05 24.65
C VAL C 33 -12.21 -5.53 24.78
N GLN C 34 -13.42 -4.96 24.77
CA GLN C 34 -13.55 -3.52 24.94
C GLN C 34 -12.95 -3.07 26.26
N LEU C 35 -13.30 -3.75 27.36
CA LEU C 35 -12.75 -3.36 28.66
C LEU C 35 -11.24 -3.50 28.69
N HIS C 36 -10.72 -4.61 28.18
CA HIS C 36 -9.28 -4.86 28.21
C HIS C 36 -8.53 -3.79 27.43
N ASN C 37 -8.99 -3.46 26.22
CA ASN C 37 -8.33 -2.44 25.42
C ASN C 37 -8.55 -1.04 25.96
N ASP C 38 -9.59 -0.81 26.76
CA ASP C 38 -9.77 0.48 27.41
C ASP C 38 -8.85 0.65 28.61
N ILE C 39 -8.52 -0.42 29.31
CA ILE C 39 -7.60 -0.29 30.45
C ILE C 39 -6.18 0.01 29.97
N LEU C 40 -5.79 -0.51 28.80
CA LEU C 40 -4.42 -0.34 28.33
C LEU C 40 -4.15 1.03 27.73
N LEU C 41 -5.19 1.82 27.44
CA LEU C 41 -5.02 3.16 26.89
C LEU C 41 -5.45 4.24 27.89
N ALA C 42 -5.52 3.91 29.17
CA ALA C 42 -6.03 4.81 30.19
C ALA C 42 -4.87 5.56 30.83
N LYS C 43 -5.00 6.89 30.92
CA LYS C 43 -4.01 7.71 31.60
C LYS C 43 -4.40 8.05 33.04
N ASP C 44 -5.61 7.69 33.45
CA ASP C 44 -6.09 7.92 34.81
C ASP C 44 -6.31 6.59 35.50
N THR C 45 -5.92 6.50 36.77
CA THR C 45 -5.93 5.22 37.47
C THR C 45 -7.34 4.80 37.89
N THR C 46 -8.17 5.76 38.31
CA THR C 46 -9.50 5.40 38.80
C THR C 46 -10.34 4.74 37.71
N GLU C 47 -10.27 5.25 36.49
CA GLU C 47 -10.98 4.63 35.38
C GLU C 47 -10.51 3.20 35.16
N ALA C 48 -9.20 2.98 35.22
CA ALA C 48 -8.66 1.63 35.06
C ALA C 48 -9.18 0.71 36.15
N PHE C 49 -9.25 1.19 37.39
CA PHE C 49 -9.75 0.33 38.46
C PHE C 49 -11.22 0.01 38.29
N GLU C 50 -12.03 0.96 37.83
CA GLU C 50 -13.44 0.68 37.58
C GLU C 50 -13.59 -0.41 36.50
N LYS C 51 -12.83 -0.28 35.41
CA LYS C 51 -12.91 -1.28 34.36
C LYS C 51 -12.39 -2.64 34.83
N MET C 52 -11.37 -2.64 35.70
CA MET C 52 -10.92 -3.88 36.30
C MET C 52 -12.04 -4.52 37.12
N VAL C 53 -12.80 -3.72 37.85
CA VAL C 53 -13.91 -4.27 38.63
C VAL C 53 -14.92 -4.93 37.71
N SER C 54 -15.26 -4.26 36.60
CA SER C 54 -16.22 -4.85 35.67
C SER C 54 -15.72 -6.17 35.09
N LEU C 55 -14.45 -6.19 34.65
CA LEU C 55 -13.90 -7.41 34.04
C LEU C 55 -13.81 -8.54 35.06
N LEU C 56 -13.42 -8.23 36.29
CA LEU C 56 -13.37 -9.27 37.31
C LEU C 56 -14.76 -9.77 37.66
N SER C 57 -15.79 -8.91 37.59
CA SER C 57 -17.15 -9.39 37.75
C SER C 57 -17.51 -10.38 36.65
N VAL C 58 -17.10 -10.09 35.42
CA VAL C 58 -17.30 -11.06 34.34
C VAL C 58 -16.69 -12.40 34.73
N LEU C 59 -15.46 -12.37 35.26
CA LEU C 59 -14.82 -13.63 35.65
C LEU C 59 -15.60 -14.32 36.76
N LEU C 60 -16.08 -13.56 37.76
CA LEU C 60 -16.69 -14.14 38.94
C LEU C 60 -18.11 -14.66 38.69
N SER C 61 -18.75 -14.22 37.60
CA SER C 61 -20.10 -14.73 37.32
C SER C 61 -20.09 -16.24 37.11
N MET C 62 -19.10 -16.76 36.39
CA MET C 62 -19.03 -18.18 36.08
C MET C 62 -18.58 -18.94 37.33
N GLN C 63 -19.53 -19.50 38.06
CA GLN C 63 -19.26 -20.06 39.38
C GLN C 63 -18.43 -21.35 39.29
N GLY C 64 -18.84 -22.29 38.43
CA GLY C 64 -18.18 -23.58 38.37
C GLY C 64 -16.91 -23.62 37.55
N ALA C 65 -16.55 -22.51 36.91
CA ALA C 65 -15.37 -22.50 36.06
C ALA C 65 -14.09 -22.56 36.90
N VAL C 66 -14.03 -21.77 37.98
CA VAL C 66 -12.86 -21.73 38.84
C VAL C 66 -13.31 -21.97 40.28
N ASP C 67 -12.37 -22.45 41.09
CA ASP C 67 -12.60 -22.70 42.51
C ASP C 67 -11.91 -21.57 43.27
N ILE C 68 -12.67 -20.52 43.57
CA ILE C 68 -12.09 -19.31 44.14
C ILE C 68 -11.57 -19.56 45.55
N ASN C 69 -12.27 -20.41 46.32
CA ASN C 69 -11.89 -20.59 47.71
C ASN C 69 -10.49 -21.17 47.83
N LYS C 70 -10.18 -22.19 47.03
CA LYS C 70 -8.85 -22.79 47.06
C LYS C 70 -7.79 -21.77 46.64
N LEU C 71 -8.06 -21.01 45.57
CA LEU C 71 -7.08 -20.04 45.09
C LEU C 71 -6.82 -18.96 46.13
N CYS C 72 -7.87 -18.48 46.79
CA CYS C 72 -7.72 -17.42 47.78
C CYS C 72 -7.18 -17.91 49.11
N GLU C 73 -7.25 -19.22 49.40
CA GLU C 73 -6.57 -19.76 50.56
C GLU C 73 -5.12 -20.12 50.29
N GLU C 74 -4.69 -20.12 49.03
CA GLU C 74 -3.30 -20.38 48.68
C GLU C 74 -2.43 -19.18 49.04
N SER D 7 44.36 -32.79 30.37
CA SER D 7 45.33 -33.73 30.93
C SER D 7 44.61 -34.91 31.60
N SER D 8 45.37 -35.74 32.30
CA SER D 8 44.87 -36.90 33.02
C SER D 8 44.34 -37.98 32.10
N LEU D 9 44.62 -37.90 30.80
CA LEU D 9 44.16 -38.91 29.87
C LEU D 9 44.97 -40.20 30.05
N PRO D 10 44.42 -41.34 29.62
CA PRO D 10 45.17 -42.60 29.78
C PRO D 10 46.52 -42.59 29.08
N SER D 11 46.62 -41.96 27.91
CA SER D 11 47.86 -41.92 27.15
C SER D 11 48.67 -40.65 27.42
N TYR D 12 48.21 -39.78 28.32
CA TYR D 12 48.94 -38.55 28.60
C TYR D 12 50.27 -38.83 29.30
N ALA D 13 50.34 -39.89 30.09
CA ALA D 13 51.52 -40.13 30.92
C ALA D 13 52.80 -40.11 30.08
N ALA D 14 52.76 -40.72 28.90
CA ALA D 14 53.96 -40.75 28.06
C ALA D 14 54.47 -39.35 27.78
N PHE D 15 53.57 -38.44 27.40
CA PHE D 15 53.97 -37.07 27.10
C PHE D 15 54.67 -36.42 28.29
N ALA D 16 54.40 -36.89 29.50
CA ALA D 16 55.13 -36.42 30.68
C ALA D 16 56.43 -37.21 30.89
N THR D 17 56.39 -38.54 30.73
CA THR D 17 57.59 -39.33 30.98
C THR D 17 58.73 -38.86 30.09
N ALA D 18 58.50 -38.79 28.78
CA ALA D 18 59.52 -38.28 27.88
C ALA D 18 59.88 -36.85 28.24
N GLN D 19 58.90 -36.06 28.70
CA GLN D 19 59.21 -34.71 29.18
C GLN D 19 60.24 -34.77 30.28
N GLU D 20 60.06 -35.69 31.24
CA GLU D 20 61.08 -35.88 32.27
C GLU D 20 62.40 -36.27 31.64
N ALA D 21 62.36 -37.13 30.62
CA ALA D 21 63.58 -37.48 29.90
C ALA D 21 64.20 -36.25 29.25
N TYR D 22 63.37 -35.31 28.78
CA TYR D 22 63.90 -34.07 28.25
C TYR D 22 64.69 -33.31 29.30
N GLU D 23 64.29 -33.43 30.58
CA GLU D 23 65.08 -32.84 31.65
C GLU D 23 66.49 -33.41 31.66
N GLN D 24 66.63 -34.71 31.42
CA GLN D 24 67.95 -35.31 31.29
C GLN D 24 68.61 -34.92 29.98
N ALA D 25 67.82 -34.58 28.96
CA ALA D 25 68.41 -34.17 27.67
C ALA D 25 69.25 -32.92 27.84
N VAL D 26 68.75 -31.94 28.60
CA VAL D 26 69.56 -30.77 28.91
C VAL D 26 70.78 -31.17 29.73
N ALA D 27 70.59 -32.05 30.70
CA ALA D 27 71.68 -32.53 31.53
C ALA D 27 72.55 -33.51 30.76
N ASN D 28 73.68 -33.88 31.36
CA ASN D 28 74.63 -34.83 30.77
C ASN D 28 75.27 -34.29 29.50
N GLY D 29 75.29 -32.97 29.33
CA GLY D 29 75.96 -32.36 28.20
C GLY D 29 75.31 -32.64 26.86
N ASP D 30 74.02 -32.95 26.85
CA ASP D 30 73.26 -33.12 25.62
C ASP D 30 73.91 -34.16 24.71
N SER D 31 73.86 -35.42 25.15
CA SER D 31 74.31 -36.52 24.31
C SER D 31 73.52 -36.52 23.01
N GLU D 32 74.21 -36.29 21.88
CA GLU D 32 73.52 -35.97 20.64
C GLU D 32 72.60 -37.09 20.20
N VAL D 33 73.11 -38.32 20.12
CA VAL D 33 72.30 -39.43 19.63
C VAL D 33 71.12 -39.66 20.55
N VAL D 34 71.38 -39.74 21.85
CA VAL D 34 70.31 -40.00 22.82
C VAL D 34 69.29 -38.88 22.78
N LEU D 35 69.75 -37.63 22.80
CA LEU D 35 68.81 -36.51 22.85
C LEU D 35 67.95 -36.48 21.58
N LYS D 36 68.53 -36.78 20.42
CA LYS D 36 67.76 -36.67 19.19
C LYS D 36 66.75 -37.81 19.07
N LYS D 37 67.17 -39.05 19.36
CA LYS D 37 66.21 -40.15 19.30
C LYS D 37 65.11 -39.96 20.35
N LEU D 38 65.49 -39.50 21.55
CA LEU D 38 64.50 -39.22 22.59
C LEU D 38 63.54 -38.12 22.15
N LYS D 39 64.06 -37.10 21.46
CA LYS D 39 63.20 -36.03 20.97
C LYS D 39 62.21 -36.55 19.94
N LYS D 40 62.67 -37.43 19.05
CA LYS D 40 61.76 -38.02 18.06
C LYS D 40 60.65 -38.81 18.75
N SER D 41 61.02 -39.66 19.72
CA SER D 41 60.01 -40.42 20.43
C SER D 41 59.07 -39.52 21.21
N LEU D 42 59.61 -38.45 21.80
CA LEU D 42 58.79 -37.50 22.54
C LEU D 42 57.78 -36.82 21.63
N ASN D 43 58.22 -36.41 20.44
CA ASN D 43 57.29 -35.79 19.49
C ASN D 43 56.20 -36.77 19.07
N VAL D 44 56.57 -38.02 18.83
CA VAL D 44 55.57 -39.02 18.46
C VAL D 44 54.54 -39.17 19.58
N ALA D 45 55.01 -39.31 20.83
CA ALA D 45 54.10 -39.49 21.95
C ALA D 45 53.21 -38.27 22.14
N LYS D 46 53.77 -37.06 22.00
CA LYS D 46 52.98 -35.86 22.14
C LYS D 46 51.90 -35.80 21.08
N SER D 47 52.23 -36.15 19.83
CA SER D 47 51.21 -36.13 18.77
C SER D 47 50.10 -37.13 19.06
N GLU D 48 50.47 -38.34 19.52
CA GLU D 48 49.46 -39.34 19.83
C GLU D 48 48.51 -38.85 20.92
N PHE D 49 49.09 -38.30 22.00
CA PHE D 49 48.27 -37.80 23.10
C PHE D 49 47.40 -36.64 22.65
N ASP D 50 47.92 -35.76 21.81
CA ASP D 50 47.13 -34.63 21.32
C ASP D 50 45.94 -35.13 20.49
N ARG D 51 46.16 -36.12 19.64
CA ARG D 51 45.07 -36.69 18.86
C ARG D 51 43.99 -37.26 19.77
N ASP D 52 44.40 -38.02 20.79
CA ASP D 52 43.41 -38.60 21.70
C ASP D 52 42.66 -37.51 22.45
N ALA D 53 43.35 -36.44 22.85
CA ALA D 53 42.69 -35.34 23.53
C ALA D 53 41.66 -34.68 22.63
N ALA D 54 41.99 -34.49 21.35
CA ALA D 54 41.03 -33.91 20.42
C ALA D 54 39.79 -34.79 20.30
N MET D 55 39.98 -36.11 20.21
CA MET D 55 38.84 -37.00 20.14
C MET D 55 37.96 -36.88 21.38
N GLN D 56 38.58 -36.82 22.56
CA GLN D 56 37.81 -36.68 23.79
C GLN D 56 37.04 -35.35 23.80
N ARG D 57 37.66 -34.28 23.33
CA ARG D 57 36.97 -32.99 23.29
C ARG D 57 35.74 -33.05 22.38
N LYS D 58 35.88 -33.72 21.23
CA LYS D 58 34.73 -33.89 20.34
C LYS D 58 33.61 -34.65 21.04
N LEU D 59 33.96 -35.74 21.73
CA LEU D 59 32.96 -36.47 22.49
C LEU D 59 32.25 -35.55 23.48
N GLU D 60 33.00 -34.73 24.21
CA GLU D 60 32.41 -33.87 25.22
C GLU D 60 31.47 -32.85 24.60
N LYS D 61 31.85 -32.28 23.47
CA LYS D 61 30.97 -31.35 22.78
C LYS D 61 29.64 -32.03 22.43
N MET D 62 29.71 -33.24 21.87
CA MET D 62 28.49 -33.94 21.51
C MET D 62 27.62 -34.19 22.74
N ALA D 63 28.25 -34.62 23.84
CA ALA D 63 27.48 -34.92 25.04
C ALA D 63 26.79 -33.67 25.59
N ASP D 64 27.50 -32.54 25.60
CA ASP D 64 26.88 -31.31 26.09
C ASP D 64 25.70 -30.90 25.21
N GLN D 65 25.86 -31.02 23.89
CA GLN D 65 24.75 -30.70 23.01
C GLN D 65 23.53 -31.57 23.31
N ALA D 66 23.75 -32.87 23.51
CA ALA D 66 22.64 -33.76 23.81
C ALA D 66 21.95 -33.37 25.11
N MET D 67 22.74 -33.08 26.15
CA MET D 67 22.15 -32.68 27.44
C MET D 67 21.32 -31.42 27.29
N THR D 68 21.84 -30.42 26.56
CA THR D 68 21.09 -29.19 26.35
C THR D 68 19.77 -29.45 25.64
N GLN D 69 19.81 -30.30 24.60
CA GLN D 69 18.57 -30.60 23.88
C GLN D 69 17.54 -31.24 24.79
N MET D 70 17.98 -32.20 25.62
CA MET D 70 17.04 -32.88 26.51
C MET D 70 16.44 -31.91 27.51
N TYR D 71 17.26 -31.03 28.08
CA TYR D 71 16.74 -30.05 29.03
C TYR D 71 15.73 -29.12 28.36
N LYS D 72 16.04 -28.67 27.15
CA LYS D 72 15.10 -27.81 26.42
C LYS D 72 13.75 -28.51 26.25
N GLN D 73 13.77 -29.76 25.79
CA GLN D 73 12.52 -30.47 25.56
C GLN D 73 11.73 -30.62 26.85
N ALA D 74 12.41 -31.02 27.93
CA ALA D 74 11.72 -31.25 29.19
C ALA D 74 11.04 -29.97 29.68
N ARG D 75 11.78 -28.85 29.67
CA ARG D 75 11.21 -27.61 30.18
C ARG D 75 10.11 -27.09 29.26
N SER D 76 10.22 -27.27 27.95
CA SER D 76 9.15 -26.84 27.06
C SER D 76 7.87 -27.61 27.34
N GLU D 77 7.96 -28.93 27.51
CA GLU D 77 6.77 -29.71 27.82
C GLU D 77 6.18 -29.28 29.16
N ASP D 78 7.05 -29.04 30.16
CA ASP D 78 6.56 -28.58 31.45
C ASP D 78 5.80 -27.26 31.31
N LYS D 79 6.36 -26.30 30.58
CA LYS D 79 5.67 -25.01 30.42
C LYS D 79 4.33 -25.18 29.73
N ARG D 80 4.29 -26.01 28.68
CA ARG D 80 3.06 -26.15 27.91
C ARG D 80 2.00 -27.00 28.61
N ALA D 81 2.38 -27.80 29.60
CA ALA D 81 1.39 -28.63 30.29
C ALA D 81 0.63 -27.82 31.35
N LYS D 82 1.35 -27.09 32.20
CA LYS D 82 0.75 -26.32 33.27
C LYS D 82 0.60 -24.87 32.80
N VAL D 83 -0.48 -24.62 32.06
CA VAL D 83 -0.75 -23.29 31.55
C VAL D 83 -2.16 -22.87 31.96
N THR D 84 -2.75 -23.59 32.91
CA THR D 84 -4.06 -23.26 33.43
C THR D 84 -4.02 -22.94 34.91
N SER D 85 -3.27 -23.73 35.70
CA SER D 85 -3.13 -23.42 37.12
C SER D 85 -2.18 -22.25 37.33
N ALA D 86 -1.10 -22.18 36.54
CA ALA D 86 -0.13 -21.11 36.68
C ALA D 86 -0.79 -19.75 36.46
N MET D 87 -1.61 -19.64 35.41
CA MET D 87 -2.22 -18.35 35.09
C MET D 87 -3.15 -17.89 36.21
N GLN D 88 -3.97 -18.79 36.74
CA GLN D 88 -4.90 -18.41 37.80
C GLN D 88 -4.15 -18.04 39.08
N THR D 89 -3.13 -18.82 39.44
CA THR D 89 -2.34 -18.49 40.62
C THR D 89 -1.68 -17.12 40.48
N MET D 90 -1.12 -16.85 39.30
CA MET D 90 -0.52 -15.54 39.05
C MET D 90 -1.57 -14.44 39.15
N LEU D 91 -2.74 -14.65 38.55
CA LEU D 91 -3.77 -13.63 38.58
C LEU D 91 -4.14 -13.28 40.01
N PHE D 92 -4.31 -14.28 40.87
CA PHE D 92 -4.76 -13.98 42.22
C PHE D 92 -3.63 -13.40 43.07
N THR D 93 -2.38 -13.81 42.83
CA THR D 93 -1.26 -13.15 43.48
C THR D 93 -1.25 -11.66 43.14
N MET D 94 -1.39 -11.32 41.86
CA MET D 94 -1.37 -9.92 41.46
C MET D 94 -2.56 -9.16 42.03
N LEU D 95 -3.75 -9.78 42.01
CA LEU D 95 -4.93 -9.10 42.54
C LEU D 95 -4.78 -8.83 44.04
N ARG D 96 -4.17 -9.74 44.78
CA ARG D 96 -3.93 -9.46 46.19
C ARG D 96 -2.88 -8.36 46.36
N LYS D 97 -1.85 -8.35 45.52
CA LYS D 97 -0.85 -7.30 45.64
C LYS D 97 -1.44 -5.92 45.36
N LEU D 98 -2.40 -5.82 44.43
CA LEU D 98 -2.94 -4.51 44.10
C LEU D 98 -3.54 -3.83 45.32
N ASP D 99 -4.28 -4.58 46.14
CA ASP D 99 -4.86 -4.07 47.38
C ASP D 99 -5.78 -2.89 47.09
N ASN D 100 -6.86 -3.18 46.38
CA ASN D 100 -7.93 -2.23 46.15
C ASN D 100 -9.11 -2.54 47.06
N ASP D 101 -10.07 -1.64 47.10
CA ASP D 101 -11.25 -1.82 47.94
C ASP D 101 -12.36 -2.56 47.20
N ALA D 102 -12.71 -2.13 45.99
CA ALA D 102 -13.76 -2.80 45.24
C ALA D 102 -13.39 -4.23 44.91
N LEU D 103 -12.16 -4.46 44.45
CA LEU D 103 -11.74 -5.80 44.08
C LEU D 103 -11.77 -6.74 45.28
N ASN D 104 -11.25 -6.30 46.42
CA ASN D 104 -11.28 -7.12 47.62
C ASN D 104 -12.70 -7.36 48.09
N ASN D 105 -13.57 -6.36 48.05
CA ASN D 105 -14.96 -6.55 48.44
C ASN D 105 -15.61 -7.65 47.59
N ILE D 106 -15.53 -7.53 46.27
CA ILE D 106 -16.22 -8.48 45.41
C ILE D 106 -15.58 -9.86 45.53
N ILE D 107 -14.26 -9.93 45.70
CA ILE D 107 -13.61 -11.22 45.83
C ILE D 107 -14.02 -11.92 47.12
N ASN D 108 -14.09 -11.17 48.23
CA ASN D 108 -14.54 -11.77 49.48
C ASN D 108 -15.99 -12.24 49.37
N ASN D 109 -16.86 -11.43 48.78
CA ASN D 109 -18.25 -11.84 48.63
C ASN D 109 -18.35 -13.08 47.74
N ALA D 110 -17.57 -13.14 46.68
CA ALA D 110 -17.57 -14.33 45.82
C ALA D 110 -17.10 -15.54 46.61
N ARG D 111 -16.09 -15.38 47.45
CA ARG D 111 -15.61 -16.48 48.29
C ARG D 111 -16.67 -16.95 49.26
N ASP D 112 -17.54 -16.07 49.76
CA ASP D 112 -18.59 -16.48 50.68
C ASP D 112 -19.88 -16.89 49.96
N GLY D 113 -19.91 -16.84 48.63
CA GLY D 113 -21.02 -17.36 47.86
C GLY D 113 -21.97 -16.33 47.29
N CYS D 114 -21.70 -15.04 47.46
CA CYS D 114 -22.58 -13.99 46.93
C CYS D 114 -21.96 -13.41 45.65
N VAL D 115 -22.14 -14.17 44.57
CA VAL D 115 -21.59 -13.80 43.25
C VAL D 115 -22.62 -12.98 42.48
N PRO D 116 -22.20 -12.17 41.52
CA PRO D 116 -23.17 -11.49 40.65
C PRO D 116 -23.66 -12.40 39.54
N LEU D 117 -24.66 -11.90 38.80
CA LEU D 117 -25.22 -12.63 37.67
C LEU D 117 -24.94 -11.96 36.34
N ASN D 118 -24.52 -10.70 36.32
CA ASN D 118 -24.18 -9.99 35.10
C ASN D 118 -22.99 -9.09 35.36
N ILE D 119 -22.53 -8.39 34.33
CA ILE D 119 -21.40 -7.49 34.46
C ILE D 119 -21.80 -6.29 35.31
N ILE D 120 -20.92 -5.89 36.22
CA ILE D 120 -21.21 -4.77 37.12
C ILE D 120 -21.25 -3.48 36.30
N PRO D 121 -22.37 -2.74 36.28
CA PRO D 121 -22.43 -1.55 35.42
C PRO D 121 -21.84 -0.31 36.07
N LEU D 122 -21.07 0.45 35.30
CA LEU D 122 -20.49 1.71 35.77
C LEU D 122 -21.30 2.90 35.26
N THR D 123 -22.56 2.98 35.70
CA THR D 123 -23.43 4.08 35.31
C THR D 123 -24.33 4.44 36.47
N THR D 124 -24.91 5.64 36.40
CA THR D 124 -25.71 6.14 37.52
C THR D 124 -26.95 5.29 37.75
N ALA D 125 -27.59 4.82 36.68
CA ALA D 125 -28.82 4.04 36.77
C ALA D 125 -28.67 2.81 35.87
N ALA D 126 -28.34 1.67 36.47
CA ALA D 126 -28.19 0.42 35.74
C ALA D 126 -28.62 -0.73 36.62
N LYS D 127 -28.99 -1.84 35.97
CA LYS D 127 -29.51 -3.01 36.65
C LYS D 127 -28.36 -3.91 37.10
N LEU D 128 -28.30 -4.19 38.40
CA LEU D 128 -27.35 -5.15 38.95
C LEU D 128 -28.13 -6.23 39.68
N MET D 129 -27.88 -7.49 39.32
CA MET D 129 -28.50 -8.62 39.98
C MET D 129 -27.42 -9.39 40.73
N VAL D 130 -27.69 -9.74 41.98
CA VAL D 130 -26.76 -10.51 42.79
C VAL D 130 -27.51 -11.64 43.46
N VAL D 131 -26.76 -12.67 43.86
CA VAL D 131 -27.35 -13.88 44.43
C VAL D 131 -26.92 -14.04 45.88
N ILE D 132 -27.73 -13.53 46.80
CA ILE D 132 -27.46 -13.67 48.23
C ILE D 132 -27.81 -15.09 48.63
N PRO D 133 -26.86 -15.89 49.13
CA PRO D 133 -27.14 -17.31 49.41
C PRO D 133 -27.83 -17.57 50.74
N ASP D 134 -27.50 -16.79 51.78
CA ASP D 134 -27.97 -17.07 53.12
C ASP D 134 -28.45 -15.78 53.78
N TYR D 135 -29.00 -15.94 54.99
CA TYR D 135 -29.44 -14.78 55.76
C TYR D 135 -28.24 -13.91 56.16
N ASN D 136 -27.10 -14.54 56.45
CA ASN D 136 -25.97 -13.80 57.00
C ASN D 136 -25.41 -12.80 55.99
N THR D 137 -25.27 -13.20 54.73
CA THR D 137 -24.79 -12.26 53.73
C THR D 137 -25.76 -11.10 53.57
N TYR D 138 -27.06 -11.37 53.66
CA TYR D 138 -28.05 -10.31 53.66
C TYR D 138 -27.84 -9.36 54.85
N LYS D 139 -27.66 -9.92 56.05
CA LYS D 139 -27.40 -9.11 57.22
C LYS D 139 -26.23 -8.16 56.99
N ASN D 140 -25.12 -8.68 56.46
CA ASN D 140 -23.92 -7.87 56.35
C ASN D 140 -24.02 -6.84 55.23
N THR D 141 -24.61 -7.21 54.09
CA THR D 141 -24.59 -6.33 52.93
C THR D 141 -25.70 -5.28 52.97
N CYS D 142 -26.95 -5.72 53.09
CA CYS D 142 -28.09 -4.81 53.00
C CYS D 142 -28.47 -4.30 54.38
N ASP D 143 -28.72 -3.00 54.49
CA ASP D 143 -29.22 -2.36 55.71
C ASP D 143 -30.34 -1.42 55.29
N GLY D 144 -31.57 -1.94 55.26
CA GLY D 144 -32.70 -1.16 54.83
C GLY D 144 -33.01 -1.30 53.36
N THR D 145 -33.15 -0.17 52.66
CA THR D 145 -33.38 -0.15 51.22
C THR D 145 -32.11 0.16 50.44
N THR D 146 -30.95 -0.17 51.00
CA THR D 146 -29.68 0.05 50.34
C THR D 146 -28.81 -1.21 50.45
N PHE D 147 -27.92 -1.37 49.48
CA PHE D 147 -27.11 -2.57 49.32
C PHE D 147 -25.70 -2.13 48.96
N THR D 148 -24.73 -2.43 49.82
CA THR D 148 -23.35 -1.99 49.64
C THR D 148 -22.58 -3.10 48.95
N TYR D 149 -22.10 -2.81 47.74
CA TYR D 149 -21.40 -3.80 46.94
C TYR D 149 -20.37 -3.09 46.07
N ALA D 150 -19.20 -3.71 45.91
CA ALA D 150 -18.14 -3.17 45.08
C ALA D 150 -17.84 -1.72 45.48
N SER D 151 -17.88 -1.45 46.78
CA SER D 151 -17.62 -0.12 47.31
C SER D 151 -18.53 0.92 46.66
N ALA D 152 -19.82 0.59 46.61
CA ALA D 152 -20.82 1.52 46.09
C ALA D 152 -22.17 1.15 46.69
N LEU D 153 -23.09 2.10 46.66
CA LEU D 153 -24.43 1.92 47.21
C LEU D 153 -25.42 1.73 46.07
N TRP D 154 -26.21 0.67 46.15
CA TRP D 154 -27.25 0.36 45.18
C TRP D 154 -28.59 0.35 45.90
N GLU D 155 -29.65 0.68 45.16
CA GLU D 155 -30.99 0.81 45.72
C GLU D 155 -31.82 -0.39 45.29
N ILE D 156 -32.27 -1.19 46.26
CA ILE D 156 -33.04 -2.39 45.93
C ILE D 156 -34.32 -1.98 45.25
N GLN D 157 -34.56 -2.54 44.06
CA GLN D 157 -35.83 -2.37 43.36
C GLN D 157 -36.69 -3.61 43.39
N GLN D 158 -36.13 -4.78 43.71
CA GLN D 158 -36.90 -6.02 43.76
C GLN D 158 -36.01 -7.12 44.33
N VAL D 159 -36.66 -8.08 44.99
CA VAL D 159 -36.00 -9.27 45.51
C VAL D 159 -36.88 -10.47 45.20
N VAL D 160 -36.26 -11.55 44.72
CA VAL D 160 -36.99 -12.75 44.30
C VAL D 160 -36.38 -13.95 45.00
N ASP D 161 -37.23 -14.93 45.29
CA ASP D 161 -36.85 -16.14 46.00
C ASP D 161 -36.32 -17.18 45.01
N ALA D 162 -35.80 -18.29 45.54
CA ALA D 162 -35.30 -19.36 44.71
C ALA D 162 -36.35 -19.78 43.68
N ASP D 163 -37.57 -20.03 44.13
CA ASP D 163 -38.71 -20.17 43.24
C ASP D 163 -39.28 -18.81 42.91
N SER D 164 -39.69 -18.64 41.66
CA SER D 164 -40.19 -17.34 41.21
C SER D 164 -41.27 -16.81 42.15
N LYS D 165 -40.95 -15.73 42.85
CA LYS D 165 -41.82 -15.09 43.82
C LYS D 165 -41.25 -13.73 44.15
N ILE D 166 -42.13 -12.79 44.47
CA ILE D 166 -41.72 -11.43 44.82
C ILE D 166 -41.77 -11.35 46.34
N VAL D 167 -40.65 -11.64 46.98
CA VAL D 167 -40.56 -11.49 48.43
C VAL D 167 -40.43 -10.01 48.77
N GLN D 168 -40.90 -9.64 49.95
CA GLN D 168 -40.89 -8.25 50.40
C GLN D 168 -39.86 -8.06 51.52
N LEU D 169 -39.31 -6.85 51.59
CA LEU D 169 -38.23 -6.58 52.53
C LEU D 169 -38.70 -6.77 53.97
N SER D 170 -39.97 -6.51 54.26
CA SER D 170 -40.48 -6.68 55.62
C SER D 170 -40.38 -8.15 56.04
N GLU D 171 -40.71 -9.07 55.15
CA GLU D 171 -40.60 -10.49 55.46
C GLU D 171 -39.19 -10.88 55.82
N ILE D 172 -38.20 -10.47 55.02
CA ILE D 172 -36.85 -11.02 55.14
C ILE D 172 -36.23 -10.44 56.40
N SER D 173 -36.27 -11.22 57.47
CA SER D 173 -35.68 -10.86 58.75
C SER D 173 -35.36 -12.16 59.46
N MET D 174 -34.70 -12.05 60.61
CA MET D 174 -34.39 -13.25 61.38
C MET D 174 -35.65 -14.01 61.74
N ASP D 175 -36.67 -13.30 62.24
CA ASP D 175 -37.87 -13.96 62.73
C ASP D 175 -38.40 -14.98 61.74
N ASN D 176 -38.36 -14.67 60.44
CA ASN D 176 -38.85 -15.55 59.39
C ASN D 176 -37.73 -16.09 58.51
N SER D 177 -36.51 -16.20 59.03
CA SER D 177 -35.38 -16.63 58.21
C SER D 177 -35.62 -17.96 57.52
N PRO D 178 -36.12 -19.02 58.18
CA PRO D 178 -36.29 -20.31 57.51
C PRO D 178 -37.50 -20.39 56.59
N ASN D 179 -38.34 -19.35 56.52
CA ASN D 179 -39.61 -19.45 55.82
C ASN D 179 -39.48 -19.38 54.31
N LEU D 180 -38.31 -19.00 53.78
CA LEU D 180 -38.11 -18.84 52.35
C LEU D 180 -36.98 -19.73 51.86
N ALA D 181 -37.13 -20.25 50.64
CA ALA D 181 -36.00 -20.89 49.98
C ALA D 181 -34.87 -19.88 49.83
N TRP D 182 -33.66 -20.29 50.16
CA TRP D 182 -32.68 -19.27 50.51
C TRP D 182 -32.00 -18.59 49.32
N PRO D 183 -31.64 -19.30 48.25
CA PRO D 183 -31.04 -18.58 47.11
C PRO D 183 -31.90 -17.40 46.72
N LEU D 184 -31.41 -16.19 46.98
CA LEU D 184 -32.23 -14.98 46.92
C LEU D 184 -31.60 -14.02 45.91
N ILE D 185 -32.30 -13.78 44.80
CA ILE D 185 -31.80 -12.85 43.80
C ILE D 185 -32.26 -11.44 44.18
N VAL D 186 -31.33 -10.49 44.14
CA VAL D 186 -31.62 -9.11 44.49
C VAL D 186 -31.26 -8.23 43.30
N THR D 187 -32.23 -7.45 42.82
CA THR D 187 -31.98 -6.45 41.79
C THR D 187 -31.79 -5.09 42.44
N ALA D 188 -30.94 -4.27 41.84
CA ALA D 188 -30.61 -2.99 42.42
C ALA D 188 -30.18 -2.04 41.32
N LEU D 189 -30.24 -0.74 41.63
CA LEU D 189 -29.83 0.31 40.72
C LEU D 189 -28.80 1.19 41.43
N ARG D 190 -27.78 1.59 40.68
CA ARG D 190 -26.66 2.32 41.27
C ARG D 190 -27.13 3.66 41.82
N ALA D 191 -26.58 4.03 42.96
CA ALA D 191 -26.93 5.31 43.60
C ALA D 191 -25.91 6.38 43.28
N ASN E 1 -2.41 36.22 -20.99
CA ASN E 1 -1.52 36.21 -22.15
C ASN E 1 -0.95 34.83 -22.42
N ASN E 2 -1.63 34.04 -23.25
CA ASN E 2 -1.16 32.73 -23.68
C ASN E 2 -1.11 32.77 -25.21
N GLU E 3 0.07 33.02 -25.75
CA GLU E 3 0.24 33.26 -27.18
C GLU E 3 0.61 31.97 -27.91
N LEU E 4 0.35 31.97 -29.21
CA LEU E 4 0.82 30.90 -30.07
C LEU E 4 2.34 30.94 -30.17
N SER E 5 2.91 29.84 -30.60
CA SER E 5 4.37 29.69 -30.56
C SER E 5 5.03 30.78 -31.41
N PRO E 6 6.06 31.46 -30.90
CA PRO E 6 6.73 32.49 -31.71
C PRO E 6 7.70 31.93 -32.75
N VAL E 7 7.89 30.61 -32.80
CA VAL E 7 8.91 30.03 -33.66
C VAL E 7 8.69 30.46 -35.11
N ALA E 8 9.76 30.92 -35.75
CA ALA E 8 9.75 31.18 -37.18
C ALA E 8 10.15 29.89 -37.93
N LEU E 9 10.01 29.93 -39.25
CA LEU E 9 10.19 28.74 -40.07
C LEU E 9 11.20 29.00 -41.19
N ARG E 10 11.63 27.91 -41.82
CA ARG E 10 12.54 27.93 -42.95
C ARG E 10 11.95 27.11 -44.09
N GLN E 11 12.38 27.44 -45.31
CA GLN E 11 11.85 26.86 -46.54
C GLN E 11 12.80 25.79 -47.07
N MET E 12 12.22 24.76 -47.69
CA MET E 12 12.96 23.81 -48.50
C MET E 12 12.16 23.57 -49.77
N SER E 13 12.83 23.18 -50.83
CA SER E 13 12.19 22.83 -52.09
C SER E 13 12.35 21.33 -52.32
N CYS E 14 11.23 20.64 -52.55
CA CYS E 14 11.25 19.20 -52.69
C CYS E 14 10.15 18.81 -53.67
N ALA E 15 9.82 17.53 -53.72
CA ALA E 15 8.90 17.03 -54.72
C ALA E 15 8.08 15.88 -54.14
N ALA E 16 7.08 15.45 -54.90
CA ALA E 16 6.18 14.39 -54.47
C ALA E 16 5.31 14.00 -55.65
N GLY E 17 4.45 13.01 -55.43
CA GLY E 17 3.57 12.52 -56.48
C GLY E 17 2.29 11.90 -55.96
N THR E 18 1.45 11.41 -56.87
CA THR E 18 0.16 10.86 -56.46
C THR E 18 0.32 9.59 -55.61
N THR E 19 1.28 8.74 -55.95
CA THR E 19 1.45 7.45 -55.27
C THR E 19 2.91 7.28 -54.89
N GLN E 20 3.22 6.12 -54.30
CA GLN E 20 4.60 5.81 -53.94
C GLN E 20 5.51 5.97 -55.14
N THR E 21 5.11 5.44 -56.29
CA THR E 21 5.77 5.69 -57.55
C THR E 21 5.24 6.98 -58.14
N ALA E 22 5.66 7.29 -59.37
CA ALA E 22 5.21 8.45 -60.14
C ALA E 22 5.68 9.77 -59.54
N CYS E 23 6.43 9.76 -58.44
CA CYS E 23 6.93 10.99 -57.87
C CYS E 23 7.87 11.68 -58.86
N THR E 24 7.65 12.97 -59.08
CA THR E 24 8.46 13.76 -59.99
C THR E 24 9.12 14.90 -59.24
N ASP E 25 10.34 15.23 -59.64
CA ASP E 25 11.17 16.16 -58.88
C ASP E 25 10.62 17.59 -58.96
N ASP E 26 11.00 18.39 -57.96
CA ASP E 26 10.76 19.83 -57.92
C ASP E 26 9.32 20.19 -58.27
N ASN E 27 8.39 19.81 -57.38
CA ASN E 27 7.00 20.21 -57.54
C ASN E 27 6.33 20.48 -56.19
N ALA E 28 7.09 20.92 -55.19
CA ALA E 28 6.49 21.26 -53.91
C ALA E 28 7.49 22.02 -53.05
N LEU E 29 6.95 22.76 -52.07
CA LEU E 29 7.76 23.54 -51.14
C LEU E 29 7.43 23.12 -49.71
N ALA E 30 8.42 22.62 -49.00
CA ALA E 30 8.24 22.18 -47.61
C ALA E 30 8.66 23.26 -46.64
N TYR E 31 8.05 23.25 -45.46
CA TYR E 31 8.41 24.15 -44.37
C TYR E 31 8.95 23.34 -43.21
N TYR E 32 10.00 23.84 -42.57
CA TYR E 32 10.68 23.07 -41.53
C TYR E 32 11.35 24.01 -40.54
N ASN E 33 11.75 23.44 -39.40
CA ASN E 33 12.65 24.09 -38.46
C ASN E 33 13.67 23.05 -37.99
N THR E 34 14.94 23.44 -37.96
CA THR E 34 16.03 22.51 -37.67
C THR E 34 16.49 22.55 -36.22
N THR E 35 15.87 23.38 -35.38
CA THR E 35 16.31 23.49 -33.99
C THR E 35 16.28 22.16 -33.27
N LYS E 36 15.58 21.17 -33.81
CA LYS E 36 15.63 19.81 -33.28
C LYS E 36 16.96 19.17 -33.66
N GLY E 37 17.09 17.87 -33.41
CA GLY E 37 18.30 17.17 -33.83
C GLY E 37 18.58 17.30 -35.32
N GLY E 38 17.55 17.56 -36.11
CA GLY E 38 17.71 17.79 -37.54
C GLY E 38 16.54 18.55 -38.11
N ARG E 39 16.31 18.41 -39.41
CA ARG E 39 15.20 19.08 -40.08
C ARG E 39 13.92 18.28 -39.90
N PHE E 40 12.84 18.96 -39.52
CA PHE E 40 11.51 18.37 -39.43
C PHE E 40 10.62 19.10 -40.42
N VAL E 41 10.18 18.39 -41.45
CA VAL E 41 9.29 18.96 -42.47
C VAL E 41 7.89 19.01 -41.86
N LEU E 42 7.35 20.22 -41.72
CA LEU E 42 6.07 20.38 -41.02
C LEU E 42 4.89 20.41 -41.98
N ALA E 43 5.05 20.92 -43.19
CA ALA E 43 3.93 21.00 -44.13
C ALA E 43 4.47 21.26 -45.52
N LEU E 44 3.59 21.09 -46.50
CA LEU E 44 3.93 21.12 -47.92
C LEU E 44 2.96 22.01 -48.67
N LEU E 45 3.49 22.93 -49.47
CA LEU E 45 2.70 23.82 -50.30
C LEU E 45 2.92 23.44 -51.76
N SER E 46 1.83 23.37 -52.52
CA SER E 46 1.92 22.92 -53.90
C SER E 46 0.82 23.58 -54.71
N ASP E 47 0.81 23.29 -56.01
CA ASP E 47 -0.20 23.84 -56.91
C ASP E 47 -1.23 22.81 -57.36
N LEU E 48 -0.91 21.52 -57.23
CA LEU E 48 -1.80 20.45 -57.67
C LEU E 48 -2.54 19.86 -56.47
N GLN E 49 -3.66 19.20 -56.76
CA GLN E 49 -4.57 18.71 -55.74
C GLN E 49 -4.56 17.20 -55.61
N ASP E 50 -3.90 16.48 -56.51
CA ASP E 50 -3.92 15.02 -56.52
C ASP E 50 -2.80 14.39 -55.70
N LEU E 51 -1.93 15.20 -55.09
CA LEU E 51 -0.83 14.64 -54.33
C LEU E 51 -1.34 13.86 -53.12
N LYS E 52 -0.70 12.72 -52.85
CA LYS E 52 -1.04 11.91 -51.68
C LYS E 52 0.17 11.33 -50.98
N TRP E 53 1.39 11.68 -51.40
CA TRP E 53 2.61 11.19 -50.76
C TRP E 53 3.65 12.29 -50.84
N ALA E 54 4.83 12.01 -50.29
CA ALA E 54 5.95 12.94 -50.39
C ALA E 54 7.25 12.15 -50.24
N ARG E 55 8.22 12.44 -51.10
CA ARG E 55 9.52 11.78 -51.06
C ARG E 55 10.55 12.82 -50.64
N PHE E 56 10.88 12.82 -49.34
CA PHE E 56 11.81 13.87 -48.92
C PHE E 56 13.24 13.34 -48.89
N PRO E 57 14.21 14.08 -49.39
CA PRO E 57 15.60 13.58 -49.42
C PRO E 57 16.11 13.35 -48.01
N LYS E 58 16.51 12.12 -47.73
CA LYS E 58 16.95 11.72 -46.40
C LYS E 58 18.45 11.94 -46.26
N SER E 59 18.87 12.47 -45.11
CA SER E 59 20.27 12.72 -44.84
C SER E 59 20.93 11.43 -44.32
N ASP E 60 21.00 10.45 -45.21
CA ASP E 60 21.65 9.18 -44.90
C ASP E 60 22.03 8.50 -46.21
N GLY E 61 22.91 7.51 -46.10
CA GLY E 61 23.42 6.83 -47.28
C GLY E 61 22.31 6.07 -47.98
N THR E 62 22.05 6.43 -49.23
CA THR E 62 21.06 5.73 -50.06
C THR E 62 19.72 5.62 -49.34
N GLY E 63 19.32 6.69 -48.69
CA GLY E 63 18.09 6.73 -47.89
C GLY E 63 17.06 7.61 -48.57
N THR E 64 15.88 7.05 -48.80
CA THR E 64 14.75 7.78 -49.37
C THR E 64 13.54 7.54 -48.48
N ILE E 65 13.05 8.60 -47.84
CA ILE E 65 11.92 8.52 -46.93
C ILE E 65 10.68 9.01 -47.64
N TYR E 66 9.60 8.23 -47.54
CA TYR E 66 8.30 8.55 -48.13
C TYR E 66 7.35 8.85 -46.99
N THR E 67 7.13 10.15 -46.74
CA THR E 67 6.18 10.58 -45.73
C THR E 67 4.81 10.77 -46.36
N GLU E 68 3.77 10.32 -45.65
CA GLU E 68 2.42 10.45 -46.14
C GLU E 68 1.92 11.88 -45.93
N LEU E 69 0.82 12.20 -46.62
CA LEU E 69 0.26 13.54 -46.61
C LEU E 69 -1.24 13.46 -46.33
N GLU E 70 -1.77 14.57 -45.82
CA GLU E 70 -3.18 14.71 -45.51
C GLU E 70 -3.93 15.32 -46.69
N PRO E 71 -5.26 15.39 -46.60
CA PRO E 71 -6.03 16.03 -47.68
C PRO E 71 -5.69 17.50 -47.80
N PRO E 72 -5.88 18.09 -48.96
CA PRO E 72 -5.46 19.47 -49.20
C PRO E 72 -6.38 20.48 -48.54
N CYS E 73 -5.88 21.72 -48.45
CA CYS E 73 -6.72 22.86 -48.15
C CYS E 73 -6.26 24.03 -49.01
N ARG E 74 -7.23 24.74 -49.61
CA ARG E 74 -6.96 25.69 -50.69
C ARG E 74 -6.81 27.09 -50.13
N PHE E 75 -5.68 27.73 -50.41
CA PHE E 75 -5.35 29.07 -49.96
C PHE E 75 -5.14 29.96 -51.18
N VAL E 76 -5.49 31.23 -51.05
CA VAL E 76 -5.30 32.20 -52.12
C VAL E 76 -4.27 33.22 -51.68
N THR E 77 -3.05 33.08 -52.19
CA THR E 77 -2.00 34.05 -51.92
C THR E 77 -2.03 35.16 -52.98
N ASP E 78 -1.34 36.26 -52.68
CA ASP E 78 -1.23 37.33 -53.67
C ASP E 78 0.16 37.96 -53.70
N THR E 79 1.16 37.33 -53.09
CA THR E 79 2.51 37.88 -53.13
C THR E 79 3.06 38.07 -54.54
N PRO E 80 2.93 37.11 -55.46
CA PRO E 80 3.50 37.31 -56.80
C PRO E 80 2.71 38.29 -57.62
N LYS E 81 3.02 38.38 -58.92
CA LYS E 81 2.40 39.37 -59.81
C LYS E 81 0.93 39.60 -59.47
N GLY E 82 0.20 38.55 -59.11
CA GLY E 82 -1.19 38.69 -58.73
C GLY E 82 -1.70 37.51 -57.94
N PRO E 83 -3.02 37.38 -57.85
CA PRO E 83 -3.60 36.26 -57.09
C PRO E 83 -3.13 34.93 -57.62
N LYS E 84 -2.88 34.00 -56.69
CA LYS E 84 -2.48 32.63 -57.02
C LYS E 84 -3.15 31.69 -56.05
N VAL E 85 -3.49 30.49 -56.52
CA VAL E 85 -4.19 29.50 -55.73
C VAL E 85 -3.21 28.36 -55.45
N LYS E 86 -2.97 28.09 -54.17
CA LYS E 86 -2.06 27.02 -53.78
C LYS E 86 -2.69 26.18 -52.67
N TYR E 87 -2.38 24.89 -52.68
CA TYR E 87 -2.96 23.95 -51.74
C TYR E 87 -1.91 23.50 -50.73
N LEU E 88 -2.35 23.36 -49.49
CA LEU E 88 -1.48 23.03 -48.36
C LEU E 88 -1.83 21.64 -47.88
N TYR E 89 -0.79 20.85 -47.61
CA TYR E 89 -0.90 19.49 -47.08
C TYR E 89 -0.08 19.41 -45.79
N PHE E 90 -0.67 18.90 -44.72
CA PHE E 90 0.06 18.71 -43.48
C PHE E 90 0.52 17.27 -43.37
N ILE E 91 1.78 17.07 -42.98
CA ILE E 91 2.33 15.74 -42.77
C ILE E 91 1.39 14.98 -41.83
N LYS E 92 0.94 13.81 -42.26
CA LYS E 92 0.00 13.05 -41.47
C LYS E 92 0.59 12.75 -40.10
N GLY E 93 -0.19 12.97 -39.05
CA GLY E 93 0.28 12.80 -37.70
C GLY E 93 1.07 14.00 -37.22
N LEU E 94 0.43 15.17 -37.24
CA LEU E 94 1.06 16.42 -36.83
C LEU E 94 0.17 17.10 -35.80
N ASN E 95 0.68 17.31 -34.60
CA ASN E 95 -0.12 17.89 -33.54
C ASN E 95 -0.63 19.27 -33.95
N ASN E 96 -1.58 19.79 -33.17
CA ASN E 96 -2.24 21.03 -33.54
C ASN E 96 -1.32 22.24 -33.40
N LEU E 97 -0.35 22.18 -32.49
CA LEU E 97 0.49 23.35 -32.24
C LEU E 97 1.40 23.64 -33.43
N ASN E 98 1.98 22.61 -34.03
CA ASN E 98 2.82 22.85 -35.21
C ASN E 98 1.98 23.30 -36.40
N ARG E 99 0.75 22.79 -36.53
CA ARG E 99 -0.15 23.32 -37.53
C ARG E 99 -0.41 24.80 -37.31
N GLY E 100 -0.64 25.19 -36.05
CA GLY E 100 -0.82 26.60 -35.75
C GLY E 100 0.39 27.43 -36.12
N MET E 101 1.59 26.92 -35.81
CA MET E 101 2.80 27.62 -36.19
C MET E 101 2.86 27.84 -37.69
N VAL E 102 2.70 26.78 -38.47
CA VAL E 102 2.82 26.89 -39.92
C VAL E 102 1.77 27.84 -40.47
N LEU E 103 0.52 27.68 -40.03
CA LEU E 103 -0.55 28.53 -40.54
C LEU E 103 -0.31 29.98 -40.19
N GLY E 104 0.09 30.26 -38.94
CA GLY E 104 0.33 31.64 -38.55
C GLY E 104 1.45 32.27 -39.34
N SER E 105 2.57 31.57 -39.48
CA SER E 105 3.70 32.12 -40.23
C SER E 105 3.31 32.37 -41.68
N LEU E 106 2.64 31.40 -42.30
CA LEU E 106 2.26 31.55 -43.70
C LEU E 106 1.26 32.69 -43.88
N ALA E 107 0.28 32.80 -42.99
CA ALA E 107 -0.73 33.83 -43.12
C ALA E 107 -0.15 35.22 -42.87
N ALA E 108 0.85 35.32 -41.98
CA ALA E 108 1.53 36.60 -41.81
C ALA E 108 2.36 36.95 -43.04
N THR E 109 3.06 35.96 -43.60
CA THR E 109 3.90 36.23 -44.76
C THR E 109 3.06 36.68 -45.96
N VAL E 110 1.96 36.00 -46.22
CA VAL E 110 1.10 36.30 -47.37
C VAL E 110 -0.26 36.70 -46.82
N ARG E 111 -0.82 37.79 -47.38
CA ARG E 111 -2.08 38.31 -46.86
C ARG E 111 -3.17 37.25 -46.85
N LEU E 112 -3.12 36.30 -47.79
CA LEU E 112 -4.06 35.18 -47.89
C LEU E 112 -5.46 35.64 -48.24
N GLN E 113 -5.70 36.94 -48.40
CA GLN E 113 -7.03 37.46 -48.69
C GLN E 113 -8.01 37.06 -47.60
#